data_6D2L
#
_entry.id   6D2L
#
_cell.length_a   75.601
_cell.length_b   155.638
_cell.length_c   95.338
_cell.angle_alpha   90.000
_cell.angle_beta   101.040
_cell.angle_gamma   90.000
#
_symmetry.space_group_name_H-M   'P 1 21 1'
#
loop_
_entity.id
_entity.type
_entity.pdbx_description
1 polymer 'Histone-arginine methyltransferase CARM1'
2 non-polymer (2S,5S)-2-amino-6-[(2R,3S,4R,5R)-5-(6-amino-9H-purin-9-yl)-3,4-dihydroxytetrahydrofuran-2-yl]-5-[(benzylamino)methyl]-N-[2-(4-hydroxyphenyl)ethyl]hexanamide
3 non-polymer 'SULFATE ION'
4 non-polymer GLYCEROL
5 non-polymer 'UNKNOWN ATOM OR ION'
6 water water
#
_entity_poly.entity_id   1
_entity_poly.type   'polypeptide(L)'
_entity_poly.pdbx_seq_one_letter_code
;AVQYFQFYGYLSQQQNMMQDYVRTGTYQRAILQNHTDFKDKIVLDVGCGSGILSFFAAQAGARKIYAVEASTMAQHAEVL
VKSNNLTDRIVVIPGKVEEVSLPEQVDIIISEPMGYMLFNERMLESYLHAKKYLKPSGNMFPTIGDVHLAPFTDEQLYME
QFTKANFWYQPSFHGVDLSALRGAAVDEYFRQPVVDTFDIRILMAKSVKYTVNFLEAKEGDLHRIEIPFKFHMLHSGLVH
GLAFWFDVAFIGSIMTVWLSTAPTEPLTHWYQVRCLFQSPLFAKAGDTLSGTCLLIANKRQSYDISIVAQVDQTGSKSSN
LLDLKNPFFRYTGTTPSPPPGSHY
;
_entity_poly.pdbx_strand_id   A,B,C,D,E,F
#
# COMPACT_ATOMS: atom_id res chain seq x y z
N GLN A 3 -35.36 5.34 -13.37
CA GLN A 3 -35.29 4.09 -12.56
C GLN A 3 -34.60 4.32 -11.19
N TYR A 4 -34.81 5.50 -10.60
CA TYR A 4 -34.34 5.79 -9.23
C TYR A 4 -35.29 5.18 -8.19
N PHE A 5 -36.57 5.13 -8.57
CA PHE A 5 -37.66 4.77 -7.67
C PHE A 5 -37.90 3.26 -7.56
N GLN A 6 -37.22 2.47 -8.38
CA GLN A 6 -37.40 1.01 -8.35
C GLN A 6 -37.34 0.45 -6.95
N PHE A 7 -36.27 0.76 -6.22
CA PHE A 7 -36.02 0.12 -4.93
C PHE A 7 -37.05 0.49 -3.85
N TYR A 8 -37.77 1.60 -4.06
CA TYR A 8 -38.87 2.01 -3.17
C TYR A 8 -40.16 1.22 -3.34
N GLY A 9 -40.27 0.49 -4.44
CA GLY A 9 -41.44 -0.32 -4.70
C GLY A 9 -41.48 -1.62 -3.92
N TYR A 10 -40.45 -1.91 -3.13
CA TYR A 10 -40.36 -3.16 -2.37
C TYR A 10 -40.87 -3.02 -0.95
N LEU A 11 -41.79 -3.90 -0.55
CA LEU A 11 -42.35 -3.87 0.79
C LEU A 11 -41.29 -4.13 1.85
N SER A 12 -40.24 -4.88 1.51
CA SER A 12 -39.18 -5.14 2.47
C SER A 12 -38.46 -3.84 2.82
N GLN A 13 -38.19 -3.03 1.79
CA GLN A 13 -37.64 -1.70 1.99
C GLN A 13 -38.58 -0.80 2.81
N GLN A 14 -39.87 -0.82 2.47
CA GLN A 14 -40.88 -0.04 3.19
C GLN A 14 -40.95 -0.43 4.68
N GLN A 15 -40.86 -1.72 4.96
CA GLN A 15 -40.87 -2.23 6.34
C GLN A 15 -39.68 -1.66 7.13
N ASN A 16 -38.49 -1.75 6.56
CA ASN A 16 -37.30 -1.20 7.20
C ASN A 16 -37.50 0.28 7.54
N MET A 17 -37.95 1.06 6.56
CA MET A 17 -38.24 2.48 6.78
C MET A 17 -39.25 2.71 7.89
N MET A 18 -40.28 1.88 7.96
CA MET A 18 -41.34 2.06 8.94
C MET A 18 -40.92 1.74 10.36
N GLN A 19 -39.80 1.07 10.53
CA GLN A 19 -39.32 0.73 11.86
C GLN A 19 -38.47 1.81 12.54
N ASP A 20 -38.44 3.02 11.97
CA ASP A 20 -37.91 4.16 12.70
C ASP A 20 -39.03 4.79 13.56
N TYR A 21 -39.09 4.34 14.82
CA TYR A 21 -40.18 4.68 15.74
C TYR A 21 -40.11 6.10 16.28
N VAL A 22 -38.90 6.63 16.43
CA VAL A 22 -38.73 8.04 16.81
C VAL A 22 -39.36 8.92 15.73
N ARG A 23 -39.06 8.59 14.48
N ARG A 23 -39.07 8.61 14.46
CA ARG A 23 -39.54 9.37 13.33
CA ARG A 23 -39.57 9.43 13.37
C ARG A 23 -41.07 9.31 13.22
C ARG A 23 -41.10 9.33 13.24
N THR A 24 -41.60 8.10 13.25
CA THR A 24 -43.04 7.87 13.08
C THR A 24 -43.82 8.52 14.23
N GLY A 25 -43.35 8.30 15.46
CA GLY A 25 -44.00 8.89 16.62
C GLY A 25 -43.97 10.40 16.64
N THR A 26 -42.84 10.99 16.28
CA THR A 26 -42.73 12.45 16.21
C THR A 26 -43.64 13.05 15.13
N TYR A 27 -43.71 12.43 13.97
CA TYR A 27 -44.64 12.91 12.94
C TYR A 27 -46.10 12.81 13.42
N GLN A 28 -46.48 11.69 14.03
CA GLN A 28 -47.85 11.54 14.51
C GLN A 28 -48.16 12.63 15.55
N ARG A 29 -47.25 12.83 16.50
N ARG A 29 -47.24 12.82 16.49
CA ARG A 29 -47.47 13.84 17.54
CA ARG A 29 -47.42 13.82 17.54
C ARG A 29 -47.58 15.24 16.95
C ARG A 29 -47.58 15.21 16.94
N ALA A 30 -46.70 15.56 16.02
CA ALA A 30 -46.77 16.86 15.34
C ALA A 30 -48.13 17.08 14.67
N ILE A 31 -48.66 16.03 14.05
CA ILE A 31 -49.92 16.15 13.33
C ILE A 31 -51.10 16.18 14.31
N LEU A 32 -51.16 15.21 15.22
CA LEU A 32 -52.28 15.14 16.17
C LEU A 32 -52.39 16.34 17.12
N GLN A 33 -51.26 16.87 17.59
CA GLN A 33 -51.31 18.03 18.48
C GLN A 33 -51.59 19.32 17.74
N ASN A 34 -51.39 19.34 16.42
CA ASN A 34 -51.77 20.47 15.61
C ASN A 34 -53.00 20.19 14.78
N HIS A 35 -53.96 19.52 15.41
CA HIS A 35 -55.20 19.07 14.76
C HIS A 35 -55.93 20.19 13.99
N THR A 36 -55.90 21.43 14.51
CA THR A 36 -56.60 22.56 13.85
C THR A 36 -56.00 22.94 12.49
N ASP A 37 -54.75 22.56 12.26
CA ASP A 37 -54.14 22.74 10.94
C ASP A 37 -54.57 21.66 9.93
N PHE A 38 -55.27 20.63 10.40
CA PHE A 38 -55.75 19.54 9.56
C PHE A 38 -57.27 19.43 9.52
N LYS A 39 -57.93 19.80 10.62
CA LYS A 39 -59.36 19.64 10.76
C LYS A 39 -60.14 20.26 9.59
N ASP A 40 -60.82 19.42 8.82
CA ASP A 40 -61.62 19.83 7.65
C ASP A 40 -60.80 20.51 6.53
N LYS A 41 -59.49 20.26 6.48
CA LYS A 41 -58.60 20.91 5.53
C LYS A 41 -58.26 19.98 4.39
N ILE A 42 -57.65 20.57 3.36
CA ILE A 42 -57.15 19.82 2.23
C ILE A 42 -55.64 19.64 2.37
N VAL A 43 -55.16 18.44 2.10
CA VAL A 43 -53.77 18.07 2.42
C VAL A 43 -53.11 17.39 1.24
N LEU A 44 -51.85 17.74 1.00
CA LEU A 44 -51.04 17.05 -0.01
C LEU A 44 -49.90 16.33 0.72
N ASP A 45 -49.76 15.02 0.43
CA ASP A 45 -48.69 14.20 1.00
C ASP A 45 -47.72 13.80 -0.10
N VAL A 46 -46.49 14.30 -0.04
CA VAL A 46 -45.51 14.16 -1.11
C VAL A 46 -44.56 12.99 -0.83
N GLY A 47 -44.67 11.96 -1.67
CA GLY A 47 -43.84 10.78 -1.51
C GLY A 47 -44.36 9.96 -0.36
N CYS A 48 -45.62 9.56 -0.47
CA CYS A 48 -46.33 8.97 0.64
C CYS A 48 -45.92 7.54 1.00
N GLY A 49 -45.20 6.84 0.12
CA GLY A 49 -44.89 5.43 0.34
C GLY A 49 -46.15 4.63 0.56
N SER A 50 -46.20 3.89 1.67
CA SER A 50 -47.37 3.09 1.99
C SER A 50 -48.53 3.96 2.47
N GLY A 51 -48.28 5.24 2.74
CA GLY A 51 -49.34 6.21 3.07
C GLY A 51 -49.46 6.62 4.51
N ILE A 52 -48.56 6.15 5.36
CA ILE A 52 -48.60 6.41 6.79
C ILE A 52 -48.92 7.88 7.22
N LEU A 53 -48.26 8.86 6.64
CA LEU A 53 -48.53 10.26 6.98
C LEU A 53 -49.92 10.70 6.57
N SER A 54 -50.40 10.21 5.43
CA SER A 54 -51.79 10.46 5.03
C SER A 54 -52.79 9.94 6.04
N PHE A 55 -52.50 8.77 6.59
CA PHE A 55 -53.35 8.22 7.63
C PHE A 55 -53.36 9.09 8.89
N PHE A 56 -52.22 9.66 9.28
CA PHE A 56 -52.18 10.55 10.45
C PHE A 56 -53.00 11.82 10.18
N ALA A 57 -52.94 12.29 8.96
CA ALA A 57 -53.67 13.50 8.60
C ALA A 57 -55.17 13.22 8.63
N ALA A 58 -55.56 12.02 8.22
CA ALA A 58 -56.94 11.55 8.36
C ALA A 58 -57.34 11.40 9.83
N GLN A 59 -56.44 10.90 10.68
CA GLN A 59 -56.71 10.84 12.13
C GLN A 59 -56.93 12.26 12.69
N ALA A 60 -56.28 13.27 12.10
CA ALA A 60 -56.43 14.65 12.60
C ALA A 60 -57.65 15.39 12.02
N GLY A 61 -58.42 14.70 11.21
CA GLY A 61 -59.70 15.20 10.74
C GLY A 61 -59.66 15.87 9.37
N ALA A 62 -58.64 15.61 8.56
CA ALA A 62 -58.59 16.23 7.22
C ALA A 62 -59.80 15.81 6.38
N ARG A 63 -60.29 16.75 5.56
CA ARG A 63 -61.38 16.45 4.64
C ARG A 63 -60.92 15.60 3.46
N LYS A 64 -59.81 15.97 2.85
CA LYS A 64 -59.30 15.28 1.67
C LYS A 64 -57.78 15.33 1.68
N ILE A 65 -57.17 14.20 1.36
CA ILE A 65 -55.72 14.08 1.32
C ILE A 65 -55.30 13.52 -0.02
N TYR A 66 -54.45 14.25 -0.74
CA TYR A 66 -53.90 13.77 -1.99
C TYR A 66 -52.53 13.19 -1.70
N ALA A 67 -52.39 11.89 -1.92
CA ALA A 67 -51.20 11.15 -1.54
C ALA A 67 -50.46 10.74 -2.78
N VAL A 68 -49.33 11.42 -3.02
CA VAL A 68 -48.58 11.26 -4.26
C VAL A 68 -47.36 10.39 -4.05
N GLU A 69 -47.16 9.46 -4.96
CA GLU A 69 -46.12 8.47 -4.80
C GLU A 69 -45.69 8.00 -6.17
N ALA A 70 -44.39 8.07 -6.41
CA ALA A 70 -43.82 7.85 -7.73
C ALA A 70 -43.51 6.37 -8.02
N SER A 71 -43.26 5.57 -6.99
CA SER A 71 -42.93 4.15 -7.16
C SER A 71 -44.18 3.27 -7.18
N THR A 72 -43.98 1.98 -7.44
CA THR A 72 -45.08 0.99 -7.43
C THR A 72 -45.67 0.75 -6.02
N MET A 73 -45.01 1.29 -5.01
CA MET A 73 -45.59 1.34 -3.67
C MET A 73 -46.95 2.04 -3.66
N ALA A 74 -47.22 2.86 -4.68
CA ALA A 74 -48.49 3.53 -4.80
C ALA A 74 -49.63 2.52 -4.82
N GLN A 75 -49.41 1.37 -5.45
CA GLN A 75 -50.43 0.33 -5.51
C GLN A 75 -50.76 -0.23 -4.12
N HIS A 76 -49.75 -0.33 -3.27
CA HIS A 76 -49.92 -0.85 -1.93
C HIS A 76 -50.58 0.16 -0.99
N ALA A 77 -50.26 1.45 -1.16
CA ALA A 77 -50.98 2.49 -0.42
C ALA A 77 -52.48 2.44 -0.72
N GLU A 78 -52.83 2.26 -1.98
CA GLU A 78 -54.23 2.23 -2.39
C GLU A 78 -54.95 1.07 -1.68
N VAL A 79 -54.29 -0.08 -1.60
CA VAL A 79 -54.82 -1.21 -0.84
C VAL A 79 -55.06 -0.85 0.63
N LEU A 80 -54.10 -0.20 1.28
CA LEU A 80 -54.30 0.23 2.66
C LEU A 80 -55.44 1.25 2.83
N VAL A 81 -55.60 2.13 1.85
CA VAL A 81 -56.68 3.12 1.93
C VAL A 81 -58.04 2.43 1.92
N LYS A 82 -58.20 1.50 0.98
CA LYS A 82 -59.42 0.70 0.89
C LYS A 82 -59.66 -0.07 2.18
N SER A 83 -58.66 -0.84 2.63
CA SER A 83 -58.83 -1.65 3.86
C SER A 83 -59.00 -0.84 5.13
N ASN A 84 -58.62 0.42 5.17
CA ASN A 84 -58.84 1.23 6.37
C ASN A 84 -60.08 2.12 6.22
N ASN A 85 -60.88 1.82 5.19
CA ASN A 85 -62.17 2.49 4.98
C ASN A 85 -62.08 4.00 4.81
N LEU A 86 -61.13 4.46 3.98
CA LEU A 86 -60.85 5.89 3.82
C LEU A 86 -60.82 6.37 2.37
N THR A 87 -61.37 5.57 1.46
N THR A 87 -61.39 5.59 1.46
CA THR A 87 -61.44 5.91 0.04
CA THR A 87 -61.39 5.92 0.04
C THR A 87 -62.01 7.30 -0.21
C THR A 87 -62.11 7.23 -0.29
N ASP A 88 -62.97 7.70 0.62
CA ASP A 88 -63.59 9.03 0.47
C ASP A 88 -62.69 10.19 0.90
N ARG A 89 -61.58 9.91 1.56
CA ARG A 89 -60.79 10.95 2.17
C ARG A 89 -59.34 11.00 1.73
N ILE A 90 -58.82 9.85 1.31
CA ILE A 90 -57.47 9.78 0.81
C ILE A 90 -57.53 9.34 -0.63
N VAL A 91 -56.95 10.13 -1.51
CA VAL A 91 -56.82 9.78 -2.93
C VAL A 91 -55.36 9.58 -3.23
N VAL A 92 -55.01 8.35 -3.61
CA VAL A 92 -53.66 8.03 -4.02
C VAL A 92 -53.46 8.36 -5.50
N ILE A 93 -52.41 9.12 -5.80
CA ILE A 93 -52.06 9.53 -7.16
C ILE A 93 -50.66 9.02 -7.49
N PRO A 94 -50.58 8.01 -8.35
CA PRO A 94 -49.27 7.50 -8.70
C PRO A 94 -48.57 8.49 -9.63
N GLY A 95 -47.27 8.71 -9.43
CA GLY A 95 -46.49 9.58 -10.30
C GLY A 95 -45.67 10.53 -9.47
N LYS A 96 -44.81 11.28 -10.16
CA LYS A 96 -44.01 12.29 -9.50
C LYS A 96 -44.83 13.54 -9.24
N VAL A 97 -44.60 14.16 -8.08
CA VAL A 97 -45.37 15.35 -7.72
C VAL A 97 -45.20 16.48 -8.76
N GLU A 98 -44.06 16.47 -9.45
CA GLU A 98 -43.75 17.43 -10.50
C GLU A 98 -44.59 17.23 -11.76
N GLU A 99 -45.26 16.09 -11.92
CA GLU A 99 -45.95 15.76 -13.17
C GLU A 99 -47.44 15.47 -13.05
N VAL A 100 -47.90 15.10 -11.86
CA VAL A 100 -49.30 14.77 -11.65
C VAL A 100 -50.21 15.98 -11.74
N SER A 101 -51.51 15.71 -11.84
CA SER A 101 -52.55 16.75 -11.73
C SER A 101 -53.24 16.65 -10.38
N LEU A 102 -53.50 17.80 -9.76
CA LEU A 102 -54.35 17.88 -8.59
C LEU A 102 -55.53 18.72 -8.98
N PRO A 103 -56.74 18.31 -8.59
CA PRO A 103 -57.87 19.13 -8.98
C PRO A 103 -58.08 20.36 -8.10
N GLU A 104 -57.23 20.55 -7.09
CA GLU A 104 -57.55 21.40 -5.96
C GLU A 104 -56.26 21.95 -5.32
N GLN A 105 -56.29 23.19 -4.83
CA GLN A 105 -55.21 23.70 -3.99
C GLN A 105 -55.36 23.17 -2.55
N VAL A 106 -54.27 23.13 -1.81
CA VAL A 106 -54.27 22.52 -0.48
C VAL A 106 -53.91 23.51 0.62
N ASP A 107 -54.28 23.17 1.84
CA ASP A 107 -54.02 23.98 3.01
C ASP A 107 -52.68 23.62 3.65
N ILE A 108 -52.21 22.40 3.43
CA ILE A 108 -50.98 21.94 4.06
C ILE A 108 -50.33 20.81 3.24
N ILE A 109 -48.99 20.88 3.19
CA ILE A 109 -48.16 19.86 2.58
C ILE A 109 -47.45 19.14 3.72
N ILE A 110 -47.50 17.82 3.68
CA ILE A 110 -46.76 16.99 4.59
C ILE A 110 -45.86 16.06 3.77
N SER A 111 -44.68 15.79 4.30
CA SER A 111 -43.70 14.94 3.61
C SER A 111 -42.53 14.63 4.54
N GLU A 112 -41.73 13.66 4.11
CA GLU A 112 -40.47 13.33 4.75
C GLU A 112 -39.35 13.47 3.72
N PRO A 113 -39.05 14.70 3.35
CA PRO A 113 -38.14 14.94 2.25
C PRO A 113 -36.67 14.84 2.64
N MET A 114 -36.36 14.76 3.94
CA MET A 114 -34.99 14.79 4.42
C MET A 114 -34.20 13.55 4.02
N GLY A 115 -32.96 13.75 3.61
CA GLY A 115 -32.04 12.65 3.38
C GLY A 115 -30.82 12.85 4.25
N TYR A 116 -29.82 11.98 4.07
CA TYR A 116 -28.55 12.15 4.78
C TYR A 116 -28.03 13.57 4.60
N MET A 117 -27.47 14.15 5.66
CA MET A 117 -26.96 15.53 5.64
C MET A 117 -28.04 16.51 5.21
N LEU A 118 -29.29 16.17 5.50
CA LEU A 118 -30.51 16.86 5.09
C LEU A 118 -30.82 16.79 3.60
N PHE A 119 -29.86 17.15 2.76
CA PHE A 119 -30.09 17.36 1.34
C PHE A 119 -30.03 16.15 0.40
N ASN A 120 -29.35 15.08 0.80
CA ASN A 120 -29.25 13.90 -0.08
C ASN A 120 -30.63 13.40 -0.55
N GLU A 121 -30.68 12.94 -1.79
CA GLU A 121 -31.90 12.54 -2.52
C GLU A 121 -32.50 13.66 -3.33
N ARG A 122 -32.22 14.92 -2.97
CA ARG A 122 -32.77 16.08 -3.65
C ARG A 122 -34.31 16.08 -3.59
N MET A 123 -34.86 15.38 -2.60
CA MET A 123 -36.30 15.34 -2.44
C MET A 123 -36.84 16.66 -1.92
N LEU A 124 -35.98 17.42 -1.26
CA LEU A 124 -36.37 18.76 -0.80
C LEU A 124 -36.82 19.62 -1.99
N GLU A 125 -36.22 19.42 -3.14
CA GLU A 125 -36.64 20.19 -4.32
C GLU A 125 -38.07 19.85 -4.73
N SER A 126 -38.42 18.57 -4.66
CA SER A 126 -39.78 18.14 -4.95
C SER A 126 -40.78 18.70 -3.97
N TYR A 127 -40.39 18.72 -2.69
CA TYR A 127 -41.18 19.31 -1.61
C TYR A 127 -41.42 20.79 -1.89
N LEU A 128 -40.37 21.52 -2.22
CA LEU A 128 -40.52 22.95 -2.56
C LEU A 128 -41.33 23.13 -3.87
N HIS A 129 -41.08 22.27 -4.85
CA HIS A 129 -41.84 22.27 -6.10
C HIS A 129 -43.36 22.19 -5.86
N ALA A 130 -43.76 21.37 -4.89
CA ALA A 130 -45.17 21.14 -4.58
C ALA A 130 -45.89 22.36 -4.00
N LYS A 131 -45.15 23.37 -3.57
CA LYS A 131 -45.83 24.60 -3.14
C LYS A 131 -46.65 25.28 -4.24
N LYS A 132 -46.57 24.81 -5.47
CA LYS A 132 -47.48 25.33 -6.52
C LYS A 132 -48.94 24.99 -6.21
N TYR A 133 -49.15 23.98 -5.37
CA TYR A 133 -50.48 23.60 -4.90
C TYR A 133 -50.89 24.26 -3.57
N LEU A 134 -49.98 24.96 -2.89
CA LEU A 134 -50.20 25.44 -1.53
C LEU A 134 -50.85 26.83 -1.52
N LYS A 135 -51.94 26.97 -0.80
CA LYS A 135 -52.54 28.28 -0.62
C LYS A 135 -51.59 29.19 0.14
N PRO A 136 -51.65 30.52 -0.12
CA PRO A 136 -50.81 31.52 0.58
C PRO A 136 -50.94 31.47 2.08
N SER A 137 -52.12 31.11 2.58
CA SER A 137 -52.33 30.93 4.00
C SER A 137 -51.80 29.57 4.51
N GLY A 138 -51.25 28.73 3.64
CA GLY A 138 -51.00 27.33 3.96
C GLY A 138 -49.75 27.09 4.78
N ASN A 139 -49.53 25.83 5.16
CA ASN A 139 -48.39 25.49 5.98
C ASN A 139 -47.70 24.28 5.35
N MET A 140 -46.51 24.00 5.83
CA MET A 140 -45.75 22.82 5.44
C MET A 140 -45.21 22.16 6.68
N PHE A 141 -45.36 20.83 6.70
CA PHE A 141 -44.93 19.95 7.77
C PHE A 141 -43.98 18.90 7.20
N PRO A 142 -42.66 19.10 7.32
CA PRO A 142 -42.05 20.08 8.21
C PRO A 142 -41.89 21.47 7.63
N THR A 143 -41.73 22.45 8.50
CA THR A 143 -41.77 23.85 8.14
C THR A 143 -40.39 24.41 7.88
N ILE A 144 -39.43 24.03 8.73
CA ILE A 144 -38.04 24.44 8.53
C ILE A 144 -37.12 23.24 8.76
N GLY A 145 -35.91 23.34 8.21
CA GLY A 145 -34.87 22.36 8.47
C GLY A 145 -33.54 23.05 8.76
N ASP A 146 -32.83 22.57 9.78
CA ASP A 146 -31.54 23.16 10.15
C ASP A 146 -30.50 22.07 9.97
N VAL A 147 -29.49 22.33 9.15
CA VAL A 147 -28.30 21.48 9.15
C VAL A 147 -27.34 22.00 10.21
N HIS A 148 -26.79 21.08 10.99
CA HIS A 148 -25.75 21.37 11.96
C HIS A 148 -24.45 20.68 11.56
N LEU A 149 -23.35 21.41 11.69
CA LEU A 149 -22.03 20.86 11.46
C LEU A 149 -21.08 21.28 12.56
N ALA A 150 -20.13 20.41 12.84
CA ALA A 150 -19.16 20.63 13.89
C ALA A 150 -17.90 19.83 13.61
N PRO A 151 -16.75 20.39 13.95
CA PRO A 151 -15.52 19.65 13.80
C PRO A 151 -15.41 18.50 14.81
N PHE A 152 -14.84 17.38 14.38
CA PHE A 152 -14.60 16.25 15.26
C PHE A 152 -13.15 15.75 15.22
N THR A 153 -12.77 15.03 16.26
CA THR A 153 -11.55 14.24 16.24
C THR A 153 -11.93 12.77 16.37
N ASP A 154 -11.42 11.92 15.50
CA ASP A 154 -11.63 10.47 15.62
C ASP A 154 -10.48 9.71 14.96
N GLU A 155 -9.50 9.36 15.77
CA GLU A 155 -8.31 8.68 15.31
C GLU A 155 -8.64 7.33 14.69
N GLN A 156 -9.50 6.56 15.35
CA GLN A 156 -9.85 5.26 14.83
C GLN A 156 -10.51 5.36 13.45
N LEU A 157 -11.43 6.32 13.26
CA LEU A 157 -12.11 6.47 11.93
C LEU A 157 -11.11 6.85 10.85
N TYR A 158 -10.27 7.84 11.17
CA TYR A 158 -9.29 8.34 10.23
C TYR A 158 -8.36 7.21 9.79
N MET A 159 -7.80 6.47 10.74
CA MET A 159 -6.82 5.43 10.41
C MET A 159 -7.41 4.22 9.67
N GLU A 160 -8.68 3.96 9.87
CA GLU A 160 -9.38 2.88 9.18
C GLU A 160 -9.32 3.03 7.65
N GLN A 161 -9.38 4.28 7.16
CA GLN A 161 -9.33 4.53 5.72
C GLN A 161 -8.05 4.01 5.10
N PHE A 162 -6.95 4.22 5.80
CA PHE A 162 -5.65 3.71 5.35
C PHE A 162 -5.49 2.22 5.54
N THR A 163 -6.03 1.67 6.62
CA THR A 163 -6.00 0.24 6.81
C THR A 163 -6.69 -0.42 5.63
N LYS A 164 -7.88 0.09 5.28
CA LYS A 164 -8.60 -0.41 4.13
C LYS A 164 -7.83 -0.27 2.83
N ALA A 165 -7.32 0.93 2.54
CA ALA A 165 -6.57 1.16 1.33
C ALA A 165 -5.26 0.33 1.24
N ASN A 166 -4.70 -0.05 2.40
CA ASN A 166 -3.40 -0.70 2.44
C ASN A 166 -3.50 -2.14 1.96
N PHE A 167 -4.72 -2.62 1.74
CA PHE A 167 -4.92 -3.86 1.04
C PHE A 167 -4.12 -3.88 -0.25
N TRP A 168 -4.08 -2.73 -0.90
CA TRP A 168 -3.38 -2.61 -2.17
C TRP A 168 -1.85 -2.45 -1.99
N TYR A 169 -1.38 -2.19 -0.77
CA TYR A 169 0.04 -1.93 -0.56
C TYR A 169 0.75 -3.26 -0.33
N GLN A 170 0.84 -4.03 -1.41
CA GLN A 170 1.51 -5.29 -1.37
C GLN A 170 2.11 -5.66 -2.72
N PRO A 171 3.37 -6.14 -2.67
CA PRO A 171 4.17 -6.27 -3.87
C PRO A 171 4.00 -7.58 -4.67
N SER A 172 3.32 -8.60 -4.12
CA SER A 172 3.12 -9.85 -4.86
C SER A 172 1.86 -10.57 -4.46
N PHE A 173 0.75 -10.01 -4.90
CA PHE A 173 -0.57 -10.62 -4.77
C PHE A 173 -0.68 -11.60 -5.92
N HIS A 174 -0.41 -12.88 -5.64
CA HIS A 174 -0.36 -13.92 -6.69
C HIS A 174 0.51 -13.50 -7.85
N GLY A 175 1.67 -12.93 -7.51
CA GLY A 175 2.58 -12.40 -8.51
C GLY A 175 2.41 -10.99 -9.01
N VAL A 176 1.40 -10.28 -8.53
CA VAL A 176 1.10 -8.96 -9.04
C VAL A 176 1.38 -7.88 -7.99
N ASP A 177 2.08 -6.82 -8.38
CA ASP A 177 2.34 -5.70 -7.47
C ASP A 177 1.14 -4.78 -7.52
N LEU A 178 0.42 -4.68 -6.41
CA LEU A 178 -0.83 -3.89 -6.35
C LEU A 178 -0.59 -2.46 -5.87
N SER A 179 0.66 -2.14 -5.54
CA SER A 179 0.99 -0.90 -4.82
C SER A 179 0.57 0.39 -5.46
N ALA A 180 0.67 0.44 -6.78
CA ALA A 180 0.37 1.68 -7.47
C ALA A 180 -1.11 2.11 -7.38
N LEU A 181 -2.00 1.22 -6.92
CA LEU A 181 -3.40 1.61 -6.65
C LEU A 181 -3.68 2.13 -5.23
N ARG A 182 -2.71 2.10 -4.34
CA ARG A 182 -2.98 2.43 -2.96
C ARG A 182 -3.54 3.87 -2.82
N GLY A 183 -2.91 4.82 -3.49
CA GLY A 183 -3.30 6.24 -3.36
C GLY A 183 -4.69 6.50 -3.94
N ALA A 184 -5.04 5.81 -5.02
CA ALA A 184 -6.41 5.92 -5.56
C ALA A 184 -7.45 5.34 -4.60
N ALA A 185 -7.11 4.24 -3.93
CA ALA A 185 -8.02 3.66 -2.94
C ALA A 185 -8.23 4.63 -1.79
N VAL A 186 -7.14 5.25 -1.33
CA VAL A 186 -7.22 6.23 -0.26
C VAL A 186 -8.17 7.37 -0.64
N ASP A 187 -7.97 7.93 -1.83
CA ASP A 187 -8.81 9.03 -2.32
C ASP A 187 -10.27 8.62 -2.40
N GLU A 188 -10.51 7.42 -2.91
CA GLU A 188 -11.88 6.89 -2.98
C GLU A 188 -12.55 6.79 -1.62
N TYR A 189 -11.85 6.27 -0.61
CA TYR A 189 -12.46 6.13 0.71
C TYR A 189 -12.76 7.49 1.35
N PHE A 190 -11.86 8.46 1.18
CA PHE A 190 -12.04 9.81 1.75
C PHE A 190 -13.14 10.59 1.06
N ARG A 191 -13.50 10.19 -0.14
CA ARG A 191 -14.61 10.84 -0.85
C ARG A 191 -15.98 10.36 -0.40
N GLN A 192 -16.04 9.33 0.43
CA GLN A 192 -17.30 8.80 0.92
C GLN A 192 -17.66 9.41 2.28
N PRO A 193 -18.79 10.11 2.36
CA PRO A 193 -19.30 10.50 3.67
C PRO A 193 -19.64 9.26 4.48
N VAL A 194 -19.32 9.31 5.77
CA VAL A 194 -19.50 8.22 6.71
C VAL A 194 -20.81 8.37 7.47
N VAL A 195 -21.71 7.41 7.25
CA VAL A 195 -22.99 7.33 7.92
C VAL A 195 -22.89 6.33 9.06
N ASP A 196 -22.93 6.88 10.27
CA ASP A 196 -23.03 6.10 11.48
C ASP A 196 -23.20 7.08 12.63
N THR A 197 -23.17 6.58 13.86
CA THR A 197 -23.30 7.45 15.00
C THR A 197 -22.01 7.52 15.81
N PHE A 198 -21.99 8.42 16.78
CA PHE A 198 -20.77 8.67 17.56
C PHE A 198 -21.11 9.33 18.88
N ASP A 199 -20.20 9.19 19.84
CA ASP A 199 -20.30 9.85 21.15
C ASP A 199 -20.01 11.34 20.97
N ILE A 200 -20.83 12.20 21.58
CA ILE A 200 -20.65 13.65 21.41
C ILE A 200 -19.33 14.20 21.93
N ARG A 201 -18.62 13.43 22.76
CA ARG A 201 -17.30 13.82 23.24
C ARG A 201 -16.24 13.98 22.15
N ILE A 202 -16.48 13.44 20.95
CA ILE A 202 -15.59 13.68 19.81
C ILE A 202 -15.71 15.07 19.14
N LEU A 203 -16.73 15.86 19.47
CA LEU A 203 -16.94 17.16 18.81
C LEU A 203 -16.03 18.18 19.48
N MET A 204 -15.38 19.02 18.68
CA MET A 204 -14.34 19.91 19.20
CA MET A 204 -14.33 19.90 19.18
C MET A 204 -14.77 21.38 19.31
N ALA A 205 -15.98 21.66 18.86
CA ALA A 205 -16.55 22.97 18.99
C ALA A 205 -18.05 22.87 18.92
N LYS A 206 -18.74 23.94 19.33
CA LYS A 206 -20.18 24.02 19.25
C LYS A 206 -20.56 24.06 17.75
N SER A 207 -21.67 23.43 17.40
CA SER A 207 -22.09 23.35 16.01
C SER A 207 -22.42 24.71 15.45
N VAL A 208 -22.31 24.82 14.14
CA VAL A 208 -22.76 25.96 13.36
C VAL A 208 -23.99 25.46 12.62
N LYS A 209 -24.96 26.32 12.35
CA LYS A 209 -26.11 25.85 11.59
C LYS A 209 -26.41 26.62 10.33
N TYR A 210 -27.23 26.00 9.51
CA TYR A 210 -27.64 26.56 8.25
C TYR A 210 -29.09 26.18 8.11
N THR A 211 -29.95 27.19 8.03
CA THR A 211 -31.40 26.97 8.06
C THR A 211 -32.00 27.10 6.67
N VAL A 212 -32.91 26.21 6.30
CA VAL A 212 -33.76 26.33 5.11
C VAL A 212 -35.19 26.45 5.58
N ASN A 213 -35.86 27.54 5.23
CA ASN A 213 -37.24 27.72 5.59
C ASN A 213 -38.06 27.23 4.40
N PHE A 214 -38.75 26.10 4.58
CA PHE A 214 -39.46 25.48 3.46
C PHE A 214 -40.64 26.33 2.97
N LEU A 215 -41.23 27.17 3.84
CA LEU A 215 -42.25 28.12 3.39
C LEU A 215 -41.67 29.22 2.50
N GLU A 216 -40.44 29.64 2.74
CA GLU A 216 -39.82 30.73 1.97
C GLU A 216 -39.04 30.24 0.75
N ALA A 217 -38.29 29.16 0.89
CA ALA A 217 -37.33 28.76 -0.15
C ALA A 217 -37.97 28.35 -1.47
N LYS A 218 -37.20 28.53 -2.54
CA LYS A 218 -37.58 28.19 -3.90
C LYS A 218 -36.81 26.95 -4.29
N GLU A 219 -37.39 26.14 -5.16
CA GLU A 219 -36.77 24.91 -5.60
C GLU A 219 -35.33 25.17 -6.04
N GLY A 220 -35.14 26.25 -6.79
CA GLY A 220 -33.85 26.64 -7.33
C GLY A 220 -32.76 26.97 -6.33
N ASP A 221 -33.12 27.36 -5.10
CA ASP A 221 -32.12 27.71 -4.11
C ASP A 221 -31.31 26.51 -3.67
N LEU A 222 -31.79 25.31 -3.98
CA LEU A 222 -31.11 24.08 -3.55
C LEU A 222 -30.14 23.50 -4.58
N HIS A 223 -30.00 24.14 -5.74
CA HIS A 223 -29.06 23.66 -6.74
C HIS A 223 -27.60 23.95 -6.32
N ARG A 224 -27.39 25.08 -5.65
CA ARG A 224 -26.09 25.47 -5.14
C ARG A 224 -26.28 25.95 -3.71
N ILE A 225 -25.69 25.24 -2.75
CA ILE A 225 -25.90 25.52 -1.33
C ILE A 225 -24.53 25.79 -0.73
N GLU A 226 -24.36 27.00 -0.22
CA GLU A 226 -23.09 27.42 0.31
C GLU A 226 -23.27 27.66 1.80
N ILE A 227 -22.58 26.87 2.61
CA ILE A 227 -22.68 26.92 4.06
C ILE A 227 -21.36 27.42 4.62
N PRO A 228 -21.33 28.67 5.07
CA PRO A 228 -20.13 29.21 5.66
C PRO A 228 -20.05 28.77 7.12
N PHE A 229 -18.84 28.60 7.63
CA PHE A 229 -18.70 28.26 9.03
C PHE A 229 -17.49 28.91 9.67
N LYS A 230 -17.62 29.13 10.97
CA LYS A 230 -16.55 29.65 11.80
C LYS A 230 -16.71 29.05 13.18
N PHE A 231 -15.80 28.15 13.54
CA PHE A 231 -15.85 27.45 14.80
C PHE A 231 -14.86 28.02 15.78
N HIS A 232 -15.33 28.27 17.00
N HIS A 232 -15.33 28.32 16.99
CA HIS A 232 -14.47 28.71 18.07
CA HIS A 232 -14.44 28.68 18.11
C HIS A 232 -14.07 27.42 18.81
C HIS A 232 -14.07 27.38 18.79
N MET A 233 -12.83 26.97 18.61
CA MET A 233 -12.40 25.65 19.08
C MET A 233 -12.39 25.64 20.61
N LEU A 234 -12.94 24.59 21.19
CA LEU A 234 -13.06 24.43 22.62
C LEU A 234 -12.06 23.40 23.14
N HIS A 235 -11.50 22.58 22.26
CA HIS A 235 -10.50 21.61 22.70
C HIS A 235 -9.32 21.63 21.76
N SER A 236 -8.12 21.40 22.30
CA SER A 236 -6.95 21.28 21.46
C SER A 236 -6.90 19.87 20.88
N GLY A 237 -6.54 19.74 19.61
CA GLY A 237 -6.32 18.44 19.00
C GLY A 237 -6.30 18.47 17.48
N LEU A 238 -6.34 17.28 16.89
CA LEU A 238 -6.42 17.14 15.45
C LEU A 238 -7.88 17.08 14.97
N VAL A 239 -8.22 17.94 14.03
CA VAL A 239 -9.53 17.91 13.42
C VAL A 239 -9.51 16.98 12.21
N HIS A 240 -10.27 15.89 12.30
CA HIS A 240 -10.29 14.89 11.24
C HIS A 240 -11.41 15.11 10.23
N GLY A 241 -12.31 16.04 10.50
CA GLY A 241 -13.29 16.44 9.51
C GLY A 241 -14.48 17.11 10.16
N LEU A 242 -15.57 17.16 9.43
CA LEU A 242 -16.83 17.74 9.92
C LEU A 242 -17.92 16.69 10.06
N ALA A 243 -18.62 16.78 11.18
CA ALA A 243 -19.81 15.99 11.45
C ALA A 243 -21.04 16.80 11.08
N PHE A 244 -22.06 16.12 10.57
CA PHE A 244 -23.30 16.76 10.18
C PHE A 244 -24.50 16.00 10.73
N TRP A 245 -25.49 16.76 11.17
CA TRP A 245 -26.82 16.23 11.47
C TRP A 245 -27.85 17.30 11.12
N PHE A 246 -29.12 17.02 11.40
CA PHE A 246 -30.15 18.00 11.12
C PHE A 246 -31.35 17.89 12.05
N ASP A 247 -32.00 19.02 12.25
CA ASP A 247 -33.29 19.09 12.93
C ASP A 247 -34.34 19.64 11.95
N VAL A 248 -35.58 19.17 12.08
CA VAL A 248 -36.70 19.83 11.43
C VAL A 248 -37.73 20.21 12.47
N ALA A 249 -38.42 21.33 12.21
CA ALA A 249 -39.47 21.78 13.07
C ALA A 249 -40.80 21.79 12.29
N PHE A 250 -41.83 21.28 12.93
CA PHE A 250 -43.20 21.34 12.44
C PHE A 250 -43.87 22.47 13.22
N ILE A 251 -43.99 23.64 12.59
CA ILE A 251 -44.43 24.85 13.27
C ILE A 251 -45.92 24.97 13.02
N GLY A 252 -46.68 24.40 13.93
CA GLY A 252 -48.13 24.37 13.85
C GLY A 252 -48.72 25.62 14.46
N SER A 253 -50.02 25.80 14.24
CA SER A 253 -50.71 26.94 14.80
C SER A 253 -50.89 26.71 16.30
N ILE A 254 -50.88 25.45 16.73
CA ILE A 254 -50.96 25.12 18.16
C ILE A 254 -49.62 24.88 18.86
N MET A 255 -48.76 24.04 18.31
CA MET A 255 -47.48 23.68 18.94
C MET A 255 -46.39 23.58 17.90
N THR A 256 -45.14 23.82 18.30
CA THR A 256 -44.00 23.55 17.45
C THR A 256 -43.36 22.28 17.92
N VAL A 257 -43.27 21.29 17.05
CA VAL A 257 -42.69 20.00 17.38
C VAL A 257 -41.42 19.81 16.58
N TRP A 258 -40.35 19.39 17.24
CA TRP A 258 -39.06 19.17 16.60
C TRP A 258 -38.75 17.67 16.40
N LEU A 259 -38.19 17.33 15.25
CA LEU A 259 -37.56 16.01 15.03
C LEU A 259 -36.06 16.26 14.85
N SER A 260 -35.23 15.77 15.78
CA SER A 260 -33.77 16.01 15.76
C SER A 260 -33.05 14.71 15.41
N THR A 261 -32.04 14.79 14.57
CA THR A 261 -31.16 13.65 14.32
C THR A 261 -29.79 13.90 14.96
N ALA A 262 -29.72 14.82 15.93
CA ALA A 262 -28.48 15.07 16.68
C ALA A 262 -27.95 13.83 17.42
N PRO A 263 -26.63 13.79 17.63
CA PRO A 263 -26.02 12.71 18.39
C PRO A 263 -26.32 12.74 19.90
N THR A 264 -26.86 13.84 20.42
CA THR A 264 -27.38 13.88 21.79
C THR A 264 -28.80 13.28 21.89
N GLU A 265 -29.41 12.93 20.76
CA GLU A 265 -30.80 12.49 20.73
C GLU A 265 -30.91 11.02 20.35
N PRO A 266 -32.10 10.42 20.58
CA PRO A 266 -32.31 9.04 20.13
C PRO A 266 -32.02 8.88 18.63
N LEU A 267 -31.41 7.74 18.30
CA LEU A 267 -30.95 7.47 16.96
C LEU A 267 -32.12 7.29 16.00
N THR A 268 -31.96 7.81 14.80
CA THR A 268 -32.94 7.66 13.72
C THR A 268 -32.28 6.92 12.56
N HIS A 269 -33.06 6.63 11.53
CA HIS A 269 -32.54 5.97 10.35
C HIS A 269 -31.65 6.87 9.51
N TRP A 270 -31.54 8.15 9.87
CA TRP A 270 -30.59 9.06 9.22
C TRP A 270 -29.22 9.05 9.90
N TYR A 271 -29.15 8.45 11.09
CA TYR A 271 -27.91 8.46 11.86
C TYR A 271 -27.32 9.87 11.95
N GLN A 272 -26.00 9.99 11.73
CA GLN A 272 -25.28 11.24 11.52
C GLN A 272 -24.28 10.97 10.43
N VAL A 273 -23.72 12.02 9.85
CA VAL A 273 -22.79 11.89 8.74
C VAL A 273 -21.49 12.61 9.08
N ARG A 274 -20.36 11.99 8.75
CA ARG A 274 -19.07 12.62 8.91
C ARG A 274 -18.29 12.70 7.60
N CYS A 275 -17.82 13.89 7.29
CA CYS A 275 -16.97 14.12 6.15
C CYS A 275 -15.53 14.27 6.66
N LEU A 276 -14.69 13.30 6.32
CA LEU A 276 -13.26 13.29 6.69
C LEU A 276 -12.42 14.27 5.89
N PHE A 277 -11.38 14.78 6.54
CA PHE A 277 -10.34 15.54 5.86
C PHE A 277 -9.17 14.61 5.60
N GLN A 278 -8.72 14.48 4.36
CA GLN A 278 -7.53 13.67 4.10
C GLN A 278 -6.29 14.23 4.82
N SER A 279 -6.18 15.55 4.89
CA SER A 279 -5.16 16.20 5.71
C SER A 279 -5.79 16.84 6.94
N PRO A 280 -5.59 16.24 8.12
CA PRO A 280 -6.15 16.80 9.34
C PRO A 280 -5.57 18.18 9.71
N LEU A 281 -6.33 18.96 10.47
CA LEU A 281 -5.89 20.28 10.93
C LEU A 281 -5.68 20.31 12.41
N PHE A 282 -4.50 20.74 12.81
CA PHE A 282 -4.21 20.95 14.20
C PHE A 282 -4.76 22.29 14.69
N ALA A 283 -5.50 22.30 15.79
CA ALA A 283 -5.96 23.57 16.40
C ALA A 283 -5.79 23.56 17.90
N LYS A 284 -5.47 24.72 18.47
CA LYS A 284 -5.45 24.92 19.92
C LYS A 284 -6.84 25.37 20.35
N ALA A 285 -7.20 25.09 21.59
CA ALA A 285 -8.39 25.67 22.19
C ALA A 285 -8.33 27.21 22.04
N GLY A 286 -9.40 27.82 21.57
CA GLY A 286 -9.43 29.27 21.34
C GLY A 286 -9.08 29.69 19.92
N ASP A 287 -8.53 28.78 19.12
CA ASP A 287 -8.35 29.04 17.71
C ASP A 287 -9.73 29.10 17.02
N THR A 288 -9.76 29.63 15.80
CA THR A 288 -10.98 29.64 15.03
C THR A 288 -10.74 28.87 13.74
N LEU A 289 -11.61 27.91 13.44
CA LEU A 289 -11.51 27.11 12.25
C LEU A 289 -12.60 27.59 11.34
N SER A 290 -12.24 28.19 10.21
CA SER A 290 -13.25 28.74 9.31
C SER A 290 -13.16 28.18 7.92
N GLY A 291 -14.23 28.40 7.16
CA GLY A 291 -14.27 27.95 5.78
C GLY A 291 -15.68 27.90 5.23
N THR A 292 -15.87 27.03 4.26
CA THR A 292 -17.15 26.87 3.62
C THR A 292 -17.34 25.43 3.26
N CYS A 293 -18.60 24.99 3.35
CA CYS A 293 -19.05 23.73 2.80
C CYS A 293 -19.98 24.07 1.63
N LEU A 294 -19.62 23.61 0.45
CA LEU A 294 -20.37 23.94 -0.77
C LEU A 294 -20.94 22.67 -1.35
N LEU A 295 -22.25 22.69 -1.54
CA LEU A 295 -22.97 21.56 -2.13
C LEU A 295 -23.54 21.92 -3.52
N ILE A 296 -23.16 21.16 -4.54
CA ILE A 296 -23.60 21.40 -5.92
C ILE A 296 -24.41 20.20 -6.39
N ALA A 297 -25.65 20.44 -6.79
CA ALA A 297 -26.52 19.31 -7.11
C ALA A 297 -26.02 18.59 -8.37
N ASN A 298 -26.24 17.27 -8.42
CA ASN A 298 -25.82 16.49 -9.56
C ASN A 298 -26.97 15.62 -10.09
N LYS A 299 -26.70 14.93 -11.21
CA LYS A 299 -27.70 14.12 -11.90
C LYS A 299 -28.02 12.80 -11.19
N ARG A 300 -27.27 12.45 -10.14
CA ARG A 300 -27.50 11.20 -9.41
C ARG A 300 -28.38 11.40 -8.17
N GLN A 301 -29.26 12.40 -8.18
CA GLN A 301 -30.12 12.72 -7.04
C GLN A 301 -29.28 12.97 -5.77
N SER A 302 -28.13 13.60 -5.94
CA SER A 302 -27.26 13.91 -4.82
C SER A 302 -26.46 15.18 -5.07
N TYR A 303 -25.35 15.32 -4.34
CA TYR A 303 -24.57 16.53 -4.38
C TYR A 303 -23.10 16.21 -4.42
N ASP A 304 -22.34 17.05 -5.11
CA ASP A 304 -20.88 17.07 -5.02
C ASP A 304 -20.53 18.03 -3.87
N ILE A 305 -19.77 17.55 -2.90
CA ILE A 305 -19.47 18.33 -1.73
C ILE A 305 -18.05 18.83 -1.85
N SER A 306 -17.87 20.09 -1.48
CA SER A 306 -16.56 20.67 -1.37
C SER A 306 -16.45 21.30 0.01
N ILE A 307 -15.43 20.92 0.76
CA ILE A 307 -15.18 21.51 2.05
C ILE A 307 -13.77 22.08 2.08
N VAL A 308 -13.70 23.35 2.45
CA VAL A 308 -12.47 24.09 2.52
C VAL A 308 -12.41 24.68 3.93
N ALA A 309 -11.36 24.34 4.66
CA ALA A 309 -11.21 24.72 6.05
C ALA A 309 -9.78 25.18 6.38
N GLN A 310 -9.69 26.20 7.22
CA GLN A 310 -8.42 26.73 7.69
C GLN A 310 -8.49 27.10 9.18
N VAL A 311 -7.37 26.93 9.86
CA VAL A 311 -7.18 27.48 11.17
C VAL A 311 -6.73 28.92 10.92
N ASP A 312 -7.54 29.90 11.33
CA ASP A 312 -7.26 31.30 10.99
C ASP A 312 -5.95 31.82 11.55
N GLN A 313 -5.60 31.40 12.75
CA GLN A 313 -4.40 31.91 13.43
C GLN A 313 -3.09 31.44 12.79
N THR A 314 -3.07 30.22 12.24
CA THR A 314 -1.84 29.65 11.71
C THR A 314 -1.81 29.60 10.18
N GLY A 315 -2.97 29.68 9.56
CA GLY A 315 -3.09 29.54 8.12
C GLY A 315 -3.01 28.12 7.61
N SER A 316 -3.08 27.13 8.49
N SER A 316 -3.08 27.13 8.49
CA SER A 316 -3.06 25.74 8.06
CA SER A 316 -3.08 25.73 8.07
C SER A 316 -4.42 25.41 7.41
C SER A 316 -4.42 25.42 7.42
N LYS A 317 -4.39 24.89 6.19
CA LYS A 317 -5.57 24.70 5.35
C LYS A 317 -5.83 23.24 4.98
N SER A 318 -7.09 22.92 4.69
CA SER A 318 -7.49 21.59 4.22
C SER A 318 -8.65 21.75 3.23
N SER A 319 -8.53 21.14 2.05
CA SER A 319 -9.57 21.19 1.03
C SER A 319 -9.93 19.79 0.59
N ASN A 320 -11.23 19.51 0.55
CA ASN A 320 -11.73 18.15 0.41
C ASN A 320 -12.96 18.08 -0.47
N LEU A 321 -13.00 17.06 -1.31
CA LEU A 321 -14.14 16.82 -2.22
C LEU A 321 -14.77 15.48 -1.90
N LEU A 322 -16.09 15.45 -1.77
CA LEU A 322 -16.79 14.21 -1.43
C LEU A 322 -17.99 14.00 -2.33
N ASP A 323 -18.41 12.74 -2.43
CA ASP A 323 -19.52 12.36 -3.28
C ASP A 323 -20.60 11.82 -2.38
N LEU A 324 -21.62 12.63 -2.16
CA LEU A 324 -22.72 12.22 -1.31
C LEU A 324 -23.54 11.07 -1.90
N LYS A 325 -23.29 10.76 -3.18
CA LYS A 325 -23.99 9.65 -3.86
C LYS A 325 -23.41 8.29 -3.48
N ASN A 326 -22.24 8.29 -2.86
CA ASN A 326 -21.59 7.06 -2.48
C ASN A 326 -21.22 7.08 -0.99
N PRO A 327 -22.24 7.17 -0.10
CA PRO A 327 -21.92 7.14 1.34
C PRO A 327 -21.44 5.78 1.80
N PHE A 328 -20.63 5.76 2.86
CA PHE A 328 -20.25 4.51 3.48
C PHE A 328 -21.06 4.32 4.74
N PHE A 329 -21.86 3.25 4.76
CA PHE A 329 -22.70 2.94 5.91
C PHE A 329 -21.90 2.07 6.87
N ARG A 330 -21.45 2.67 7.97
CA ARG A 330 -20.46 2.06 8.87
C ARG A 330 -21.11 1.43 10.09
N TYR A 331 -22.28 1.92 10.47
CA TYR A 331 -23.01 1.46 11.64
C TYR A 331 -23.30 -0.04 11.60
N THR A 332 -22.92 -0.74 12.68
CA THR A 332 -23.03 -2.20 12.78
C THR A 332 -23.52 -2.65 14.18
N GLN B 3 -25.30 2.50 -16.29
CA GLN B 3 -25.88 2.32 -14.94
C GLN B 3 -25.48 0.97 -14.30
N TYR B 4 -25.49 -0.10 -15.11
CA TYR B 4 -25.18 -1.46 -14.63
C TYR B 4 -23.74 -1.63 -14.13
N PHE B 5 -22.79 -1.05 -14.87
CA PHE B 5 -21.36 -1.20 -14.60
C PHE B 5 -20.78 -0.17 -13.64
N GLN B 6 -21.62 0.66 -13.02
CA GLN B 6 -21.14 1.77 -12.19
C GLN B 6 -20.47 1.25 -10.94
N PHE B 7 -21.14 0.31 -10.29
CA PHE B 7 -20.67 -0.23 -9.01
C PHE B 7 -19.32 -0.96 -9.16
N TYR B 8 -19.02 -1.46 -10.35
CA TYR B 8 -17.73 -2.11 -10.61
C TYR B 8 -16.57 -1.13 -10.73
N GLY B 9 -16.89 0.14 -10.84
CA GLY B 9 -15.86 1.18 -10.92
C GLY B 9 -15.11 1.44 -9.62
N TYR B 10 -15.61 0.94 -8.51
CA TYR B 10 -15.01 1.25 -7.20
C TYR B 10 -13.97 0.23 -6.76
N LEU B 11 -12.81 0.73 -6.34
CA LEU B 11 -11.76 -0.12 -5.80
C LEU B 11 -12.18 -0.87 -4.53
N SER B 12 -13.04 -0.30 -3.70
CA SER B 12 -13.54 -1.05 -2.53
C SER B 12 -14.24 -2.35 -2.95
N GLN B 13 -14.99 -2.27 -4.05
CA GLN B 13 -15.72 -3.41 -4.57
C GLN B 13 -14.75 -4.42 -5.23
N GLN B 14 -13.72 -3.90 -5.88
CA GLN B 14 -12.66 -4.71 -6.51
C GLN B 14 -11.87 -5.45 -5.43
N GLN B 15 -11.60 -4.77 -4.34
CA GLN B 15 -10.90 -5.39 -3.22
C GLN B 15 -11.71 -6.59 -2.71
N ASN B 16 -12.99 -6.38 -2.50
CA ASN B 16 -13.90 -7.46 -2.07
C ASN B 16 -13.89 -8.68 -3.00
N MET B 17 -13.98 -8.44 -4.30
CA MET B 17 -13.96 -9.52 -5.28
C MET B 17 -12.61 -10.24 -5.33
N MET B 18 -11.51 -9.50 -5.22
CA MET B 18 -10.18 -10.14 -5.15
C MET B 18 -9.95 -11.03 -3.93
N GLN B 19 -10.77 -10.84 -2.89
CA GLN B 19 -10.59 -11.60 -1.65
C GLN B 19 -11.18 -13.02 -1.69
N ASP B 20 -11.74 -13.44 -2.83
CA ASP B 20 -12.14 -14.85 -3.00
C ASP B 20 -10.92 -15.67 -3.40
N TYR B 21 -10.23 -16.26 -2.41
CA TYR B 21 -8.94 -16.90 -2.67
C TYR B 21 -9.07 -18.30 -3.28
N VAL B 22 -10.23 -18.91 -3.11
CA VAL B 22 -10.51 -20.18 -3.77
C VAL B 22 -10.58 -19.94 -5.29
N ARG B 23 -11.33 -18.91 -5.68
N ARG B 23 -11.32 -18.91 -5.69
CA ARG B 23 -11.47 -18.53 -7.09
CA ARG B 23 -11.45 -18.59 -7.11
C ARG B 23 -10.13 -18.14 -7.65
C ARG B 23 -10.13 -18.12 -7.69
N THR B 24 -9.45 -17.21 -7.00
CA THR B 24 -8.18 -16.69 -7.55
C THR B 24 -7.13 -17.80 -7.73
N GLY B 25 -6.99 -18.62 -6.70
CA GLY B 25 -6.03 -19.68 -6.71
C GLY B 25 -6.34 -20.75 -7.74
N THR B 26 -7.62 -21.03 -7.95
CA THR B 26 -8.03 -22.04 -8.95
C THR B 26 -7.77 -21.55 -10.39
N TYR B 27 -8.08 -20.28 -10.67
CA TYR B 27 -7.77 -19.70 -11.97
C TYR B 27 -6.26 -19.72 -12.25
N GLN B 28 -5.45 -19.38 -11.24
CA GLN B 28 -4.02 -19.33 -11.41
C GLN B 28 -3.45 -20.71 -11.71
N ARG B 29 -3.91 -21.73 -10.99
CA ARG B 29 -3.52 -23.11 -11.25
C ARG B 29 -3.93 -23.56 -12.64
N ALA B 30 -5.18 -23.30 -13.02
CA ALA B 30 -5.68 -23.70 -14.32
C ALA B 30 -4.83 -23.14 -15.47
N ILE B 31 -4.45 -21.88 -15.34
CA ILE B 31 -3.64 -21.21 -16.36
C ILE B 31 -2.18 -21.69 -16.33
N LEU B 32 -1.54 -21.67 -15.17
CA LEU B 32 -0.10 -22.01 -15.08
C LEU B 32 0.18 -23.48 -15.40
N GLN B 33 -0.73 -24.36 -14.99
CA GLN B 33 -0.60 -25.78 -15.23
C GLN B 33 -0.85 -26.09 -16.69
N ASN B 34 -1.64 -25.26 -17.36
CA ASN B 34 -1.84 -25.39 -18.80
C ASN B 34 -1.01 -24.38 -19.59
N HIS B 35 0.25 -24.25 -19.20
CA HIS B 35 1.17 -23.28 -19.78
C HIS B 35 1.27 -23.36 -21.31
N THR B 36 1.20 -24.54 -21.92
CA THR B 36 1.23 -24.66 -23.40
C THR B 36 -0.01 -24.06 -24.10
N ASP B 37 -1.10 -23.89 -23.37
CA ASP B 37 -2.24 -23.17 -23.94
C ASP B 37 -2.05 -21.64 -23.98
N PHE B 38 -1.01 -21.14 -23.30
CA PHE B 38 -0.73 -19.70 -23.28
C PHE B 38 0.61 -19.28 -23.89
N LYS B 39 1.58 -20.19 -23.89
CA LYS B 39 2.92 -19.87 -24.26
C LYS B 39 2.97 -19.29 -25.66
N ASP B 40 3.38 -18.02 -25.79
CA ASP B 40 3.46 -17.31 -27.07
C ASP B 40 2.14 -17.15 -27.81
N LYS B 41 1.02 -17.23 -27.10
CA LYS B 41 -0.30 -17.04 -27.70
C LYS B 41 -0.90 -15.66 -27.47
N ILE B 42 -1.96 -15.41 -28.22
CA ILE B 42 -2.73 -14.21 -28.15
C ILE B 42 -3.97 -14.55 -27.30
N VAL B 43 -4.26 -13.71 -26.32
CA VAL B 43 -5.33 -13.96 -25.36
C VAL B 43 -6.30 -12.77 -25.33
N LEU B 44 -7.58 -13.06 -25.14
CA LEU B 44 -8.58 -12.04 -24.84
C LEU B 44 -9.15 -12.30 -23.45
N ASP B 45 -9.13 -11.28 -22.59
CA ASP B 45 -9.70 -11.33 -21.24
C ASP B 45 -10.95 -10.49 -21.25
N VAL B 46 -12.10 -11.13 -21.06
CA VAL B 46 -13.39 -10.47 -21.11
C VAL B 46 -13.81 -10.08 -19.70
N GLY B 47 -13.87 -8.78 -19.46
CA GLY B 47 -14.24 -8.25 -18.15
C GLY B 47 -13.12 -8.38 -17.17
N CYS B 48 -11.97 -7.78 -17.47
CA CYS B 48 -10.74 -8.00 -16.72
C CYS B 48 -10.68 -7.39 -15.32
N GLY B 49 -11.56 -6.43 -15.02
CA GLY B 49 -11.51 -5.70 -13.75
C GLY B 49 -10.15 -5.00 -13.62
N SER B 50 -9.44 -5.26 -12.53
CA SER B 50 -8.10 -4.70 -12.31
C SER B 50 -7.00 -5.48 -13.07
N GLY B 51 -7.39 -6.60 -13.69
CA GLY B 51 -6.54 -7.27 -14.67
C GLY B 51 -5.91 -8.56 -14.20
N ILE B 52 -6.28 -9.00 -13.02
CA ILE B 52 -5.63 -10.16 -12.43
C ILE B 52 -5.50 -11.39 -13.35
N LEU B 53 -6.56 -11.80 -14.03
CA LEU B 53 -6.47 -12.98 -14.90
C LEU B 53 -5.50 -12.74 -16.06
N SER B 54 -5.45 -11.49 -16.54
CA SER B 54 -4.47 -11.13 -17.55
C SER B 54 -3.02 -11.27 -17.06
N PHE B 55 -2.76 -10.89 -15.80
CA PHE B 55 -1.44 -11.13 -15.22
C PHE B 55 -1.09 -12.61 -15.18
N PHE B 56 -2.08 -13.46 -14.85
CA PHE B 56 -1.85 -14.88 -14.86
C PHE B 56 -1.51 -15.38 -16.26
N ALA B 57 -2.22 -14.89 -17.27
CA ALA B 57 -1.94 -15.28 -18.66
C ALA B 57 -0.51 -14.90 -19.00
N ALA B 58 -0.10 -13.70 -18.59
CA ALA B 58 1.26 -13.25 -18.81
C ALA B 58 2.30 -14.12 -18.10
N GLN B 59 2.02 -14.51 -16.85
CA GLN B 59 2.89 -15.40 -16.10
C GLN B 59 3.09 -16.74 -16.81
N ALA B 60 2.05 -17.19 -17.51
CA ALA B 60 2.13 -18.41 -18.29
C ALA B 60 2.77 -18.18 -19.65
N GLY B 61 3.19 -16.94 -19.95
CA GLY B 61 4.00 -16.66 -21.16
C GLY B 61 3.25 -16.25 -22.42
N ALA B 62 2.04 -15.72 -22.26
CA ALA B 62 1.28 -15.23 -23.41
C ALA B 62 2.07 -14.13 -24.13
N ARG B 63 1.95 -14.11 -25.46
CA ARG B 63 2.62 -13.09 -26.27
C ARG B 63 1.95 -11.75 -26.06
N LYS B 64 0.63 -11.76 -26.03
CA LYS B 64 -0.15 -10.53 -25.98
C LYS B 64 -1.53 -10.87 -25.45
N ILE B 65 -2.06 -9.99 -24.59
CA ILE B 65 -3.36 -10.16 -23.98
C ILE B 65 -4.16 -8.88 -24.16
N TYR B 66 -5.33 -8.98 -24.78
CA TYR B 66 -6.25 -7.84 -24.87
C TYR B 66 -7.22 -7.96 -23.73
N ALA B 67 -7.15 -7.02 -22.80
CA ALA B 67 -7.93 -7.03 -21.59
C ALA B 67 -9.05 -6.00 -21.68
N VAL B 68 -10.28 -6.48 -21.88
CA VAL B 68 -11.46 -5.66 -22.12
C VAL B 68 -12.25 -5.43 -20.83
N GLU B 69 -12.55 -4.17 -20.54
CA GLU B 69 -13.23 -3.81 -19.32
C GLU B 69 -14.20 -2.67 -19.58
N ALA B 70 -15.45 -2.85 -19.19
CA ALA B 70 -16.51 -1.89 -19.48
C ALA B 70 -16.57 -0.74 -18.48
N SER B 71 -16.15 -0.96 -17.23
CA SER B 71 -16.23 0.07 -16.18
C SER B 71 -14.96 0.92 -16.10
N THR B 72 -15.01 1.96 -15.26
CA THR B 72 -13.83 2.82 -15.06
C THR B 72 -12.70 2.10 -14.33
N MET B 73 -12.94 0.84 -13.95
CA MET B 73 -11.88 0.03 -13.42
C MET B 73 -10.77 -0.14 -14.48
N ALA B 74 -11.13 0.07 -15.75
CA ALA B 74 -10.14 -0.04 -16.83
C ALA B 74 -8.96 0.90 -16.63
N GLN B 75 -9.22 2.07 -16.09
CA GLN B 75 -8.15 3.04 -15.84
C GLN B 75 -7.20 2.48 -14.79
N HIS B 76 -7.74 1.79 -13.80
CA HIS B 76 -6.92 1.24 -12.72
C HIS B 76 -6.12 0.04 -13.21
N ALA B 77 -6.71 -0.76 -14.10
CA ALA B 77 -5.98 -1.88 -14.68
C ALA B 77 -4.74 -1.37 -15.44
N GLU B 78 -4.94 -0.30 -16.20
CA GLU B 78 -3.90 0.29 -17.01
C GLU B 78 -2.75 0.76 -16.09
N VAL B 79 -3.08 1.29 -14.94
CA VAL B 79 -2.05 1.67 -13.97
C VAL B 79 -1.27 0.46 -13.45
N LEU B 80 -1.96 -0.63 -13.12
CA LEU B 80 -1.27 -1.86 -12.71
C LEU B 80 -0.39 -2.45 -13.78
N VAL B 81 -0.88 -2.47 -15.01
CA VAL B 81 -0.09 -3.01 -16.10
C VAL B 81 1.25 -2.25 -16.22
N LYS B 82 1.18 -0.93 -16.21
CA LYS B 82 2.38 -0.09 -16.29
C LYS B 82 3.29 -0.33 -15.08
N SER B 83 2.75 -0.31 -13.86
CA SER B 83 3.63 -0.52 -12.69
C SER B 83 4.21 -1.93 -12.63
N ASN B 84 3.55 -2.88 -13.28
CA ASN B 84 4.09 -4.23 -13.36
C ASN B 84 4.93 -4.46 -14.61
N ASN B 85 5.28 -3.39 -15.32
CA ASN B 85 6.19 -3.45 -16.46
C ASN B 85 5.70 -4.42 -17.55
N LEU B 86 4.40 -4.38 -17.83
CA LEU B 86 3.77 -5.32 -18.75
C LEU B 86 3.00 -4.62 -19.87
N THR B 87 3.28 -3.34 -20.11
CA THR B 87 2.46 -2.59 -21.07
C THR B 87 2.62 -3.09 -22.49
N ASP B 88 3.75 -3.72 -22.77
CA ASP B 88 3.98 -4.35 -24.06
C ASP B 88 3.13 -5.61 -24.29
N ARG B 89 2.74 -6.30 -23.21
CA ARG B 89 2.06 -7.58 -23.32
C ARG B 89 0.56 -7.59 -23.01
N ILE B 90 0.11 -6.60 -22.24
CA ILE B 90 -1.29 -6.53 -21.86
C ILE B 90 -1.73 -5.19 -22.34
N VAL B 91 -2.72 -5.21 -23.24
CA VAL B 91 -3.35 -4.00 -23.73
C VAL B 91 -4.74 -3.91 -23.15
N VAL B 92 -4.99 -2.84 -22.41
CA VAL B 92 -6.27 -2.65 -21.78
C VAL B 92 -7.16 -1.90 -22.76
N ILE B 93 -8.32 -2.45 -23.05
CA ILE B 93 -9.25 -1.80 -23.98
C ILE B 93 -10.50 -1.44 -23.21
N PRO B 94 -10.76 -0.14 -22.99
CA PRO B 94 -11.98 0.30 -22.30
C PRO B 94 -13.25 0.11 -23.13
N GLY B 95 -14.28 -0.48 -22.54
CA GLY B 95 -15.56 -0.66 -23.23
C GLY B 95 -16.11 -2.07 -23.17
N LYS B 96 -17.30 -2.25 -23.75
CA LYS B 96 -17.97 -3.54 -23.74
C LYS B 96 -17.36 -4.40 -24.82
N VAL B 97 -17.17 -5.69 -24.54
CA VAL B 97 -16.57 -6.59 -25.51
C VAL B 97 -17.40 -6.65 -26.80
N GLU B 98 -18.69 -6.35 -26.69
CA GLU B 98 -19.60 -6.31 -27.84
C GLU B 98 -19.40 -5.10 -28.74
N GLU B 99 -18.69 -4.08 -28.27
CA GLU B 99 -18.57 -2.81 -29.00
C GLU B 99 -17.16 -2.43 -29.42
N VAL B 100 -16.15 -2.97 -28.76
CA VAL B 100 -14.80 -2.60 -29.08
C VAL B 100 -14.27 -3.35 -30.28
N SER B 101 -13.09 -2.96 -30.74
CA SER B 101 -12.41 -3.63 -31.83
C SER B 101 -11.08 -4.19 -31.31
N LEU B 102 -10.77 -5.38 -31.77
CA LEU B 102 -9.50 -6.02 -31.51
C LEU B 102 -8.72 -5.97 -32.81
N PRO B 103 -7.42 -5.68 -32.74
CA PRO B 103 -6.65 -5.66 -33.97
C PRO B 103 -6.42 -7.04 -34.59
N GLU B 104 -6.73 -8.15 -33.90
CA GLU B 104 -6.46 -9.46 -34.44
C GLU B 104 -7.27 -10.54 -33.72
N GLN B 105 -7.22 -11.75 -34.28
CA GLN B 105 -7.90 -12.91 -33.70
C GLN B 105 -7.04 -13.49 -32.59
N VAL B 106 -7.65 -14.23 -31.67
CA VAL B 106 -6.94 -14.78 -30.52
C VAL B 106 -6.99 -16.30 -30.44
N ASP B 107 -6.04 -16.86 -29.71
CA ASP B 107 -5.93 -18.29 -29.49
C ASP B 107 -6.83 -18.77 -28.33
N ILE B 108 -7.07 -17.90 -27.36
CA ILE B 108 -7.79 -18.30 -26.17
C ILE B 108 -8.45 -17.10 -25.53
N ILE B 109 -9.65 -17.32 -25.03
CA ILE B 109 -10.39 -16.34 -24.29
C ILE B 109 -10.46 -16.80 -22.83
N ILE B 110 -10.25 -15.85 -21.92
CA ILE B 110 -10.32 -16.15 -20.49
C ILE B 110 -11.27 -15.16 -19.87
N SER B 111 -12.05 -15.64 -18.90
CA SER B 111 -13.05 -14.79 -18.29
C SER B 111 -13.58 -15.44 -17.03
N GLU B 112 -14.28 -14.61 -16.25
CA GLU B 112 -15.06 -15.04 -15.11
C GLU B 112 -16.53 -14.65 -15.31
N PRO B 113 -17.22 -15.29 -16.26
CA PRO B 113 -18.57 -14.82 -16.59
C PRO B 113 -19.70 -15.37 -15.72
N MET B 114 -19.38 -16.26 -14.79
CA MET B 114 -20.39 -16.93 -14.02
C MET B 114 -20.97 -15.97 -12.99
N GLY B 115 -22.28 -16.05 -12.84
CA GLY B 115 -22.99 -15.30 -11.80
C GLY B 115 -23.71 -16.26 -10.89
N TYR B 116 -24.46 -15.72 -9.97
CA TYR B 116 -25.35 -16.53 -9.16
C TYR B 116 -26.17 -17.45 -10.04
N MET B 117 -26.31 -18.71 -9.60
CA MET B 117 -27.03 -19.72 -10.37
C MET B 117 -26.43 -19.88 -11.78
N LEU B 118 -25.14 -19.63 -11.88
CA LEU B 118 -24.39 -19.64 -13.14
C LEU B 118 -24.77 -18.53 -14.09
N PHE B 119 -26.07 -18.40 -14.37
CA PHE B 119 -26.54 -17.54 -15.44
C PHE B 119 -26.75 -16.07 -15.10
N ASN B 120 -26.88 -15.70 -13.82
CA ASN B 120 -27.15 -14.29 -13.51
C ASN B 120 -26.05 -13.36 -14.09
N GLU B 121 -26.49 -12.17 -14.52
CA GLU B 121 -25.67 -11.10 -15.15
C GLU B 121 -25.72 -11.15 -16.65
N ARG B 122 -26.14 -12.29 -17.19
CA ARG B 122 -26.11 -12.51 -18.63
C ARG B 122 -24.71 -12.27 -19.23
N MET B 123 -23.67 -12.40 -18.41
CA MET B 123 -22.31 -12.17 -18.88
C MET B 123 -21.81 -13.37 -19.71
N LEU B 124 -22.45 -14.52 -19.52
CA LEU B 124 -22.14 -15.69 -20.34
C LEU B 124 -22.36 -15.40 -21.83
N GLU B 125 -23.34 -14.55 -22.12
CA GLU B 125 -23.61 -14.15 -23.51
C GLU B 125 -22.48 -13.30 -24.05
N SER B 126 -22.01 -12.34 -23.25
CA SER B 126 -20.84 -11.57 -23.62
C SER B 126 -19.66 -12.47 -23.91
N TYR B 127 -19.49 -13.49 -23.08
CA TYR B 127 -18.38 -14.43 -23.21
C TYR B 127 -18.48 -15.18 -24.53
N LEU B 128 -19.67 -15.68 -24.83
CA LEU B 128 -19.93 -16.39 -26.07
C LEU B 128 -19.82 -15.46 -27.30
N HIS B 129 -20.33 -14.24 -27.16
CA HIS B 129 -20.20 -13.23 -28.22
C HIS B 129 -18.75 -13.05 -28.63
N ALA B 130 -17.86 -13.04 -27.65
CA ALA B 130 -16.45 -12.83 -27.86
C ALA B 130 -15.78 -13.88 -28.75
N LYS B 131 -16.40 -15.05 -28.95
CA LYS B 131 -15.84 -16.04 -29.89
C LYS B 131 -15.73 -15.58 -31.35
N LYS B 132 -16.38 -14.48 -31.72
CA LYS B 132 -16.14 -13.91 -33.07
C LYS B 132 -14.65 -13.53 -33.25
N TYR B 133 -13.90 -13.42 -32.14
CA TYR B 133 -12.47 -13.13 -32.20
C TYR B 133 -11.61 -14.35 -32.08
N LEU B 134 -12.23 -15.51 -31.89
CA LEU B 134 -11.49 -16.70 -31.53
C LEU B 134 -11.10 -17.43 -32.79
N LYS B 135 -9.84 -17.82 -32.90
CA LYS B 135 -9.38 -18.60 -34.05
C LYS B 135 -10.03 -19.97 -34.10
N PRO B 136 -10.00 -20.63 -35.28
CA PRO B 136 -10.50 -21.99 -35.33
C PRO B 136 -9.70 -22.89 -34.40
N SER B 137 -10.37 -23.74 -33.66
CA SER B 137 -9.65 -24.57 -32.69
C SER B 137 -8.90 -23.73 -31.61
N GLY B 138 -9.41 -22.52 -31.33
CA GLY B 138 -8.96 -21.77 -30.18
C GLY B 138 -9.65 -22.39 -28.98
N ASN B 139 -9.26 -21.96 -27.78
CA ASN B 139 -9.86 -22.50 -26.54
C ASN B 139 -10.54 -21.40 -25.74
N MET B 140 -11.31 -21.80 -24.74
N MET B 140 -11.36 -21.83 -24.77
CA MET B 140 -11.88 -20.87 -23.80
CA MET B 140 -12.08 -20.98 -23.81
C MET B 140 -11.75 -21.44 -22.40
C MET B 140 -11.73 -21.48 -22.41
N PHE B 141 -11.42 -20.57 -21.47
CA PHE B 141 -11.15 -20.91 -20.05
C PHE B 141 -12.03 -19.99 -19.21
N PRO B 142 -13.15 -20.46 -18.64
CA PRO B 142 -13.57 -21.84 -18.58
C PRO B 142 -14.17 -22.37 -19.86
N THR B 143 -14.11 -23.69 -19.98
CA THR B 143 -14.49 -24.35 -21.19
C THR B 143 -15.96 -24.82 -21.13
N ILE B 144 -16.37 -25.35 -20.00
CA ILE B 144 -17.73 -25.79 -19.80
C ILE B 144 -18.21 -25.34 -18.44
N GLY B 145 -19.53 -25.28 -18.29
CA GLY B 145 -20.15 -25.03 -16.99
C GLY B 145 -21.34 -25.93 -16.78
N ASP B 146 -21.47 -26.46 -15.56
CA ASP B 146 -22.54 -27.37 -15.16
C ASP B 146 -23.29 -26.68 -14.06
N VAL B 147 -24.59 -26.40 -14.24
N VAL B 147 -24.59 -26.40 -14.24
CA VAL B 147 -25.40 -25.97 -13.10
CA VAL B 147 -25.40 -26.01 -13.07
C VAL B 147 -26.08 -27.20 -12.48
C VAL B 147 -26.06 -27.24 -12.48
N HIS B 148 -26.09 -27.28 -11.15
CA HIS B 148 -26.72 -28.38 -10.42
C HIS B 148 -27.91 -27.85 -9.63
N LEU B 149 -28.98 -28.65 -9.60
CA LEU B 149 -30.16 -28.37 -8.79
C LEU B 149 -30.56 -29.59 -7.98
N ALA B 150 -31.00 -29.34 -6.75
CA ALA B 150 -31.44 -30.44 -5.87
C ALA B 150 -32.49 -29.91 -4.93
N PRO B 151 -33.47 -30.76 -4.61
CA PRO B 151 -34.49 -30.35 -3.66
C PRO B 151 -33.92 -30.33 -2.24
N PHE B 152 -34.37 -29.37 -1.43
CA PHE B 152 -33.93 -29.27 -0.05
C PHE B 152 -35.10 -29.13 0.90
N THR B 153 -34.82 -29.32 2.17
CA THR B 153 -35.72 -29.02 3.26
C THR B 153 -34.99 -28.11 4.23
N ASP B 154 -35.66 -27.05 4.64
CA ASP B 154 -35.08 -26.14 5.62
C ASP B 154 -36.20 -25.36 6.30
N GLU B 155 -36.61 -25.87 7.48
CA GLU B 155 -37.76 -25.33 8.19
C GLU B 155 -37.51 -23.88 8.63
N GLN B 156 -36.30 -23.59 9.11
CA GLN B 156 -35.91 -22.25 9.56
C GLN B 156 -36.00 -21.20 8.45
N LEU B 157 -35.45 -21.53 7.30
CA LEU B 157 -35.44 -20.60 6.18
C LEU B 157 -36.87 -20.34 5.70
N TYR B 158 -37.65 -21.40 5.57
CA TYR B 158 -39.03 -21.28 5.12
C TYR B 158 -39.82 -20.38 6.10
N MET B 159 -39.75 -20.68 7.38
N MET B 159 -39.76 -20.70 7.39
CA MET B 159 -40.55 -19.96 8.36
CA MET B 159 -40.50 -19.95 8.42
C MET B 159 -40.12 -18.48 8.48
C MET B 159 -40.12 -18.48 8.43
N GLU B 160 -38.83 -18.21 8.25
CA GLU B 160 -38.29 -16.87 8.25
C GLU B 160 -39.04 -15.91 7.31
N GLN B 161 -39.45 -16.42 6.14
CA GLN B 161 -40.20 -15.62 5.19
C GLN B 161 -41.49 -15.05 5.83
N PHE B 162 -42.19 -15.87 6.61
CA PHE B 162 -43.46 -15.45 7.25
C PHE B 162 -43.16 -14.60 8.46
N THR B 163 -42.09 -14.93 9.18
CA THR B 163 -41.70 -14.06 10.27
C THR B 163 -41.54 -12.62 9.77
N LYS B 164 -40.84 -12.46 8.65
CA LYS B 164 -40.63 -11.12 8.06
C LYS B 164 -41.90 -10.49 7.51
N ALA B 165 -42.70 -11.25 6.74
CA ALA B 165 -43.96 -10.71 6.23
C ALA B 165 -44.98 -10.41 7.30
N ASN B 166 -44.91 -11.09 8.44
CA ASN B 166 -45.92 -10.88 9.47
C ASN B 166 -45.81 -9.53 10.16
N PHE B 167 -44.74 -8.80 9.92
CA PHE B 167 -44.69 -7.42 10.30
C PHE B 167 -45.96 -6.70 9.84
N TRP B 168 -46.44 -7.01 8.64
CA TRP B 168 -47.64 -6.35 8.10
C TRP B 168 -48.96 -6.86 8.70
N TYR B 169 -48.90 -7.96 9.46
CA TYR B 169 -50.11 -8.56 9.97
C TYR B 169 -50.37 -8.01 11.36
N GLN B 170 -50.73 -6.73 11.40
CA GLN B 170 -51.10 -6.04 12.62
C GLN B 170 -52.18 -5.00 12.37
N PRO B 171 -53.16 -4.92 13.28
CA PRO B 171 -54.34 -4.14 12.98
C PRO B 171 -54.27 -2.66 13.38
N SER B 172 -53.24 -2.25 14.13
CA SER B 172 -53.11 -0.85 14.50
C SER B 172 -51.65 -0.47 14.70
N PHE B 173 -50.97 -0.26 13.57
CA PHE B 173 -49.64 0.33 13.54
C PHE B 173 -49.85 1.84 13.55
N HIS B 174 -49.69 2.44 14.71
CA HIS B 174 -50.02 3.86 14.92
C HIS B 174 -51.40 4.22 14.40
N GLY B 175 -52.38 3.33 14.61
CA GLY B 175 -53.75 3.56 14.17
C GLY B 175 -54.08 2.95 12.81
N VAL B 176 -53.08 2.43 12.12
CA VAL B 176 -53.27 1.95 10.79
C VAL B 176 -53.31 0.42 10.75
N ASP B 177 -54.34 -0.12 10.10
CA ASP B 177 -54.41 -1.56 9.85
C ASP B 177 -53.53 -1.97 8.65
N LEU B 178 -52.43 -2.63 8.91
CA LEU B 178 -51.50 -3.01 7.85
C LEU B 178 -51.80 -4.36 7.20
N SER B 179 -52.75 -5.09 7.76
CA SER B 179 -52.99 -6.52 7.45
C SER B 179 -53.15 -6.88 5.99
N ALA B 180 -53.77 -5.97 5.24
CA ALA B 180 -54.07 -6.25 3.84
C ALA B 180 -52.84 -6.43 2.94
N LEU B 181 -51.67 -6.00 3.40
CA LEU B 181 -50.42 -6.14 2.64
C LEU B 181 -49.61 -7.41 2.97
N ARG B 182 -50.06 -8.19 3.95
CA ARG B 182 -49.31 -9.38 4.37
C ARG B 182 -49.05 -10.33 3.20
N GLY B 183 -50.07 -10.64 2.42
CA GLY B 183 -49.94 -11.56 1.28
C GLY B 183 -48.96 -11.09 0.21
N ALA B 184 -49.01 -9.81 -0.10
CA ALA B 184 -48.08 -9.25 -1.06
C ALA B 184 -46.64 -9.29 -0.53
N ALA B 185 -46.48 -9.06 0.77
CA ALA B 185 -45.16 -9.13 1.40
C ALA B 185 -44.61 -10.55 1.35
N VAL B 186 -45.45 -11.55 1.64
CA VAL B 186 -45.04 -12.94 1.54
C VAL B 186 -44.56 -13.24 0.12
N ASP B 187 -45.39 -12.91 -0.87
CA ASP B 187 -45.05 -13.13 -2.28
C ASP B 187 -43.72 -12.53 -2.68
N GLU B 188 -43.49 -11.29 -2.26
CA GLU B 188 -42.24 -10.62 -2.57
C GLU B 188 -41.00 -11.36 -2.04
N TYR B 189 -41.06 -11.85 -0.79
CA TYR B 189 -39.95 -12.54 -0.21
C TYR B 189 -39.66 -13.83 -0.98
N PHE B 190 -40.70 -14.59 -1.29
CA PHE B 190 -40.54 -15.85 -2.03
C PHE B 190 -40.07 -15.65 -3.48
N ARG B 191 -40.28 -14.46 -4.03
CA ARG B 191 -39.76 -14.14 -5.37
C ARG B 191 -38.24 -13.89 -5.42
N GLN B 192 -37.60 -13.75 -4.26
CA GLN B 192 -36.14 -13.57 -4.15
C GLN B 192 -35.39 -14.90 -3.92
N PRO B 193 -34.59 -15.31 -4.90
CA PRO B 193 -33.60 -16.37 -4.66
C PRO B 193 -32.69 -16.00 -3.50
N VAL B 194 -32.46 -16.95 -2.61
CA VAL B 194 -31.69 -16.73 -1.41
C VAL B 194 -30.24 -17.14 -1.62
N VAL B 195 -29.34 -16.17 -1.47
CA VAL B 195 -27.92 -16.39 -1.60
C VAL B 195 -27.32 -16.55 -0.21
N ASP B 196 -26.96 -17.79 0.12
CA ASP B 196 -26.12 -18.11 1.28
C ASP B 196 -25.62 -19.55 1.18
N THR B 197 -25.00 -20.07 2.23
CA THR B 197 -24.57 -21.45 2.21
C THR B 197 -25.37 -22.29 3.18
N PHE B 198 -25.23 -23.60 3.09
CA PHE B 198 -26.01 -24.53 3.90
C PHE B 198 -25.28 -25.87 4.00
N ASP B 199 -25.63 -26.66 5.00
CA ASP B 199 -25.07 -28.01 5.19
C ASP B 199 -25.68 -28.96 4.18
N ILE B 200 -24.88 -29.87 3.64
CA ILE B 200 -25.38 -30.80 2.62
C ILE B 200 -26.48 -31.77 3.08
N ARG B 201 -26.63 -31.93 4.40
CA ARG B 201 -27.67 -32.81 4.94
C ARG B 201 -29.10 -32.30 4.67
N ILE B 202 -29.28 -31.04 4.24
CA ILE B 202 -30.61 -30.56 3.87
C ILE B 202 -31.06 -31.01 2.48
N LEU B 203 -30.16 -31.54 1.67
CA LEU B 203 -30.54 -31.98 0.31
C LEU B 203 -31.29 -33.32 0.38
N MET B 204 -32.37 -33.46 -0.38
CA MET B 204 -33.25 -34.62 -0.27
CA MET B 204 -33.28 -34.59 -0.28
C MET B 204 -33.16 -35.62 -1.42
N ALA B 205 -32.43 -35.26 -2.48
CA ALA B 205 -32.17 -36.16 -3.62
C ALA B 205 -30.84 -35.80 -4.21
N LYS B 206 -30.33 -36.65 -5.08
CA LYS B 206 -29.10 -36.38 -5.81
C LYS B 206 -29.39 -35.32 -6.87
N SER B 207 -28.42 -34.42 -7.08
CA SER B 207 -28.62 -33.27 -7.98
C SER B 207 -28.82 -33.69 -9.42
N VAL B 208 -29.59 -32.92 -10.15
CA VAL B 208 -29.66 -33.00 -11.59
C VAL B 208 -28.75 -31.92 -12.16
N LYS B 209 -28.16 -32.15 -13.33
CA LYS B 209 -27.35 -31.10 -13.93
C LYS B 209 -27.72 -30.70 -15.34
N TYR B 210 -27.27 -29.50 -15.70
CA TYR B 210 -27.51 -28.90 -17.01
C TYR B 210 -26.22 -28.23 -17.39
N THR B 211 -25.72 -28.54 -18.57
CA THR B 211 -24.35 -28.21 -18.97
C THR B 211 -24.38 -27.26 -20.16
N VAL B 212 -23.47 -26.30 -20.14
CA VAL B 212 -23.25 -25.43 -21.30
C VAL B 212 -21.80 -25.63 -21.66
N ASN B 213 -21.58 -26.01 -22.91
CA ASN B 213 -20.24 -26.12 -23.45
C ASN B 213 -19.91 -24.77 -24.10
N PHE B 214 -19.00 -24.01 -23.49
CA PHE B 214 -18.78 -22.63 -23.92
C PHE B 214 -18.09 -22.60 -25.28
N LEU B 215 -17.39 -23.68 -25.62
CA LEU B 215 -16.74 -23.80 -26.92
C LEU B 215 -17.74 -23.99 -28.05
N GLU B 216 -18.85 -24.66 -27.80
CA GLU B 216 -19.85 -24.91 -28.85
C GLU B 216 -21.10 -24.01 -28.78
N ALA B 217 -21.43 -23.52 -27.59
CA ALA B 217 -22.68 -22.78 -27.38
C ALA B 217 -22.69 -21.43 -28.07
N LYS B 218 -23.89 -20.98 -28.43
CA LYS B 218 -24.04 -19.66 -29.00
C LYS B 218 -24.96 -18.83 -28.10
N GLU B 219 -24.80 -17.52 -28.16
CA GLU B 219 -25.60 -16.56 -27.41
C GLU B 219 -27.08 -16.87 -27.36
N GLY B 220 -27.64 -17.25 -28.50
CA GLY B 220 -29.07 -17.50 -28.64
C GLY B 220 -29.55 -18.63 -27.75
N ASP B 221 -28.67 -19.57 -27.42
CA ASP B 221 -29.03 -20.69 -26.56
C ASP B 221 -29.26 -20.27 -25.10
N LEU B 222 -28.83 -19.07 -24.72
CA LEU B 222 -29.04 -18.58 -23.34
C LEU B 222 -30.25 -17.69 -23.15
N HIS B 223 -31.08 -17.50 -24.15
CA HIS B 223 -32.25 -16.61 -24.02
C HIS B 223 -33.40 -17.28 -23.30
N ARG B 224 -33.57 -18.58 -23.58
N ARG B 224 -33.58 -18.57 -23.57
CA ARG B 224 -34.63 -19.37 -22.97
CA ARG B 224 -34.64 -19.36 -22.95
C ARG B 224 -34.01 -20.70 -22.55
C ARG B 224 -34.04 -20.70 -22.54
N ILE B 225 -33.76 -20.83 -21.24
CA ILE B 225 -33.06 -21.98 -20.70
C ILE B 225 -34.06 -22.89 -19.98
N GLU B 226 -34.27 -24.09 -20.53
CA GLU B 226 -35.28 -25.01 -20.00
C GLU B 226 -34.58 -26.20 -19.39
N ILE B 227 -34.82 -26.42 -18.09
CA ILE B 227 -34.16 -27.45 -17.32
C ILE B 227 -35.23 -28.39 -16.73
N PRO B 228 -35.47 -29.53 -17.39
CA PRO B 228 -36.37 -30.56 -16.83
C PRO B 228 -35.69 -31.26 -15.68
N PHE B 229 -36.46 -31.74 -14.71
CA PHE B 229 -35.88 -32.49 -13.61
C PHE B 229 -36.81 -33.62 -13.18
N LYS B 230 -36.18 -34.72 -12.77
CA LYS B 230 -36.84 -35.87 -12.19
C LYS B 230 -35.98 -36.28 -11.02
N PHE B 231 -36.42 -35.98 -9.81
CA PHE B 231 -35.66 -36.34 -8.62
C PHE B 231 -36.20 -37.61 -7.99
N HIS B 232 -35.29 -38.51 -7.65
CA HIS B 232 -35.64 -39.70 -6.88
C HIS B 232 -35.31 -39.40 -5.44
N MET B 233 -36.38 -39.15 -4.70
CA MET B 233 -36.29 -38.69 -3.33
C MET B 233 -35.67 -39.74 -2.46
N LEU B 234 -34.60 -39.35 -1.80
CA LEU B 234 -33.82 -40.20 -0.92
C LEU B 234 -34.27 -40.08 0.53
N HIS B 235 -34.90 -38.97 0.88
CA HIS B 235 -35.42 -38.74 2.23
C HIS B 235 -36.88 -38.29 2.14
N SER B 236 -37.66 -38.62 3.17
CA SER B 236 -39.05 -38.18 3.26
C SER B 236 -39.07 -36.84 3.95
N GLY B 237 -40.04 -35.99 3.65
CA GLY B 237 -40.17 -34.70 4.33
C GLY B 237 -40.72 -33.66 3.41
N LEU B 238 -40.67 -32.42 3.88
CA LEU B 238 -41.19 -31.28 3.18
C LEU B 238 -40.13 -30.64 2.30
N VAL B 239 -40.42 -30.58 1.00
CA VAL B 239 -39.57 -29.93 0.03
C VAL B 239 -39.88 -28.44 0.03
N HIS B 240 -38.92 -27.65 0.50
CA HIS B 240 -39.13 -26.20 0.57
C HIS B 240 -38.62 -25.44 -0.65
N GLY B 241 -37.94 -26.13 -1.57
CA GLY B 241 -37.44 -25.48 -2.78
C GLY B 241 -36.34 -26.24 -3.47
N LEU B 242 -35.69 -25.59 -4.45
CA LEU B 242 -34.53 -26.19 -5.12
C LEU B 242 -33.29 -25.36 -4.77
N ALA B 243 -32.19 -26.06 -4.57
CA ALA B 243 -30.89 -25.48 -4.29
C ALA B 243 -30.08 -25.56 -5.56
N PHE B 244 -29.31 -24.51 -5.83
CA PHE B 244 -28.54 -24.39 -7.05
C PHE B 244 -27.08 -24.08 -6.72
N TRP B 245 -26.19 -24.72 -7.46
CA TRP B 245 -24.79 -24.33 -7.52
C TRP B 245 -24.22 -24.69 -8.89
N PHE B 246 -22.93 -24.44 -9.09
CA PHE B 246 -22.34 -24.70 -10.41
C PHE B 246 -20.87 -25.04 -10.32
N ASP B 247 -20.41 -25.78 -11.33
CA ASP B 247 -19.02 -26.10 -11.53
C ASP B 247 -18.63 -25.65 -12.94
N VAL B 248 -17.40 -25.16 -13.08
CA VAL B 248 -16.82 -24.93 -14.39
C VAL B 248 -15.49 -25.69 -14.47
N ALA B 249 -15.19 -26.15 -15.67
CA ALA B 249 -13.97 -26.85 -15.93
C ALA B 249 -13.15 -26.04 -16.91
N PHE B 250 -11.87 -25.95 -16.63
CA PHE B 250 -10.91 -25.37 -17.54
C PHE B 250 -10.23 -26.57 -18.20
N ILE B 251 -10.62 -26.86 -19.44
CA ILE B 251 -10.12 -28.05 -20.15
C ILE B 251 -8.91 -27.65 -21.02
N GLY B 252 -7.73 -27.80 -20.45
CA GLY B 252 -6.48 -27.41 -21.11
C GLY B 252 -5.88 -28.60 -21.83
N SER B 253 -4.80 -28.34 -22.58
N SER B 253 -4.80 -28.34 -22.57
CA SER B 253 -4.10 -29.41 -23.28
CA SER B 253 -4.09 -29.39 -23.27
C SER B 253 -3.36 -30.32 -22.31
C SER B 253 -3.38 -30.32 -22.31
N ILE B 254 -2.99 -29.80 -21.14
CA ILE B 254 -2.24 -30.58 -20.15
C ILE B 254 -3.14 -31.14 -19.04
N MET B 255 -3.94 -30.29 -18.41
CA MET B 255 -4.89 -30.80 -17.44
C MET B 255 -6.24 -30.08 -17.38
N THR B 256 -7.22 -30.80 -16.85
CA THR B 256 -8.53 -30.25 -16.59
C THR B 256 -8.67 -29.88 -15.14
N VAL B 257 -8.96 -28.61 -14.91
CA VAL B 257 -9.02 -28.07 -13.55
C VAL B 257 -10.43 -27.61 -13.34
N TRP B 258 -11.03 -28.02 -12.22
CA TRP B 258 -12.39 -27.67 -11.90
C TRP B 258 -12.46 -26.56 -10.87
N LEU B 259 -13.39 -25.65 -11.04
CA LEU B 259 -13.77 -24.70 -10.00
C LEU B 259 -15.21 -25.01 -9.61
N SER B 260 -15.39 -25.51 -8.39
CA SER B 260 -16.73 -25.89 -7.90
C SER B 260 -17.27 -24.94 -6.83
N THR B 261 -18.55 -24.61 -6.94
CA THR B 261 -19.24 -23.82 -5.92
C THR B 261 -20.23 -24.68 -5.15
N ALA B 262 -20.06 -26.01 -5.22
CA ALA B 262 -20.94 -26.91 -4.48
C ALA B 262 -20.83 -26.71 -2.97
N PRO B 263 -21.88 -27.09 -2.23
CA PRO B 263 -21.85 -26.99 -0.77
C PRO B 263 -20.89 -27.96 -0.07
N THR B 264 -20.42 -28.98 -0.79
CA THR B 264 -19.38 -29.88 -0.31
C THR B 264 -17.97 -29.30 -0.46
N GLU B 265 -17.84 -28.15 -1.12
CA GLU B 265 -16.55 -27.58 -1.43
C GLU B 265 -16.34 -26.29 -0.68
N PRO B 266 -15.08 -25.85 -0.58
CA PRO B 266 -14.82 -24.59 0.08
C PRO B 266 -15.67 -23.46 -0.52
N LEU B 267 -16.09 -22.56 0.35
CA LEU B 267 -16.98 -21.49 0.00
C LEU B 267 -16.32 -20.44 -0.90
N THR B 268 -17.07 -19.99 -1.90
CA THR B 268 -16.66 -18.94 -2.82
C THR B 268 -17.60 -17.74 -2.69
N HIS B 269 -17.33 -16.68 -3.43
CA HIS B 269 -18.19 -15.49 -3.36
C HIS B 269 -19.52 -15.71 -4.11
N TRP B 270 -19.68 -16.83 -4.79
CA TRP B 270 -20.99 -17.15 -5.37
C TRP B 270 -21.93 -17.86 -4.37
N TYR B 271 -21.37 -18.33 -3.26
CA TYR B 271 -22.11 -19.10 -2.27
C TYR B 271 -22.87 -20.26 -2.91
N GLN B 272 -24.14 -20.39 -2.56
CA GLN B 272 -25.11 -21.22 -3.27
C GLN B 272 -26.42 -20.43 -3.31
N VAL B 273 -27.36 -20.91 -4.10
CA VAL B 273 -28.65 -20.22 -4.28
C VAL B 273 -29.82 -21.16 -4.05
N ARG B 274 -30.83 -20.67 -3.32
CA ARG B 274 -32.00 -21.44 -3.04
C ARG B 274 -33.25 -20.68 -3.49
N CYS B 275 -34.06 -21.36 -4.30
CA CYS B 275 -35.35 -20.83 -4.73
C CYS B 275 -36.42 -21.53 -3.95
N LEU B 276 -37.18 -20.79 -3.13
CA LEU B 276 -38.17 -21.39 -2.24
C LEU B 276 -39.52 -21.63 -2.93
N PHE B 277 -40.27 -22.59 -2.40
CA PHE B 277 -41.64 -22.84 -2.80
C PHE B 277 -42.53 -22.27 -1.71
N GLN B 278 -43.38 -21.29 -2.04
CA GLN B 278 -44.38 -20.80 -1.06
C GLN B 278 -45.30 -21.91 -0.54
N SER B 279 -45.64 -22.86 -1.42
CA SER B 279 -46.33 -24.10 -1.03
C SER B 279 -45.37 -25.25 -1.11
N PRO B 280 -44.87 -25.73 0.05
CA PRO B 280 -43.96 -26.86 0.04
C PRO B 280 -44.63 -28.15 -0.39
N LEU B 281 -43.86 -29.14 -0.80
CA LEU B 281 -44.41 -30.42 -1.26
C LEU B 281 -43.93 -31.54 -0.34
N PHE B 282 -44.88 -32.34 0.14
CA PHE B 282 -44.53 -33.48 0.95
C PHE B 282 -44.10 -34.64 0.05
N ALA B 283 -42.94 -35.23 0.35
CA ALA B 283 -42.50 -36.38 -0.44
C ALA B 283 -42.01 -37.47 0.45
N LYS B 284 -42.33 -38.70 0.11
CA LYS B 284 -41.75 -39.83 0.82
C LYS B 284 -40.54 -40.33 0.07
N ALA B 285 -39.57 -40.88 0.78
CA ALA B 285 -38.46 -41.58 0.16
C ALA B 285 -38.96 -42.56 -0.89
N GLY B 286 -38.35 -42.50 -2.08
CA GLY B 286 -38.74 -43.33 -3.22
C GLY B 286 -39.70 -42.66 -4.16
N ASP B 287 -40.31 -41.56 -3.72
CA ASP B 287 -41.19 -40.76 -4.59
C ASP B 287 -40.39 -40.06 -5.69
N THR B 288 -41.10 -39.56 -6.68
N THR B 288 -41.10 -39.56 -6.68
CA THR B 288 -40.50 -38.80 -7.77
CA THR B 288 -40.54 -38.81 -7.79
C THR B 288 -41.02 -37.37 -7.74
C THR B 288 -41.03 -37.37 -7.73
N LEU B 289 -40.10 -36.42 -7.64
CA LEU B 289 -40.42 -35.00 -7.72
C LEU B 289 -39.95 -34.57 -9.10
N SER B 290 -40.88 -34.21 -9.97
CA SER B 290 -40.56 -33.87 -11.36
C SER B 290 -41.12 -32.50 -11.73
N GLY B 291 -40.58 -31.94 -12.79
CA GLY B 291 -40.98 -30.61 -13.21
C GLY B 291 -39.96 -29.95 -14.09
N THR B 292 -40.02 -28.63 -14.13
CA THR B 292 -39.26 -27.82 -15.07
C THR B 292 -38.85 -26.54 -14.37
N CYS B 293 -37.56 -26.22 -14.48
CA CYS B 293 -37.03 -24.91 -14.14
C CYS B 293 -36.76 -24.22 -15.48
N LEU B 294 -37.34 -23.04 -15.66
CA LEU B 294 -37.29 -22.30 -16.91
C LEU B 294 -36.78 -20.90 -16.62
N LEU B 295 -35.70 -20.51 -17.30
CA LEU B 295 -35.14 -19.18 -17.18
C LEU B 295 -35.30 -18.43 -18.50
N ILE B 296 -36.01 -17.30 -18.43
CA ILE B 296 -36.26 -16.44 -19.57
C ILE B 296 -35.46 -15.14 -19.38
N ALA B 297 -34.59 -14.84 -20.34
CA ALA B 297 -33.70 -13.68 -20.23
C ALA B 297 -34.53 -12.40 -20.23
N ASN B 298 -34.19 -11.43 -19.38
CA ASN B 298 -34.92 -10.16 -19.34
C ASN B 298 -33.96 -8.97 -19.58
N LYS B 299 -34.52 -7.76 -19.62
CA LYS B 299 -33.75 -6.53 -19.91
C LYS B 299 -32.96 -5.97 -18.72
N ARG B 300 -32.85 -6.71 -17.62
CA ARG B 300 -32.11 -6.23 -16.46
C ARG B 300 -30.90 -7.13 -16.11
N GLN B 301 -30.18 -7.60 -17.13
CA GLN B 301 -28.99 -8.42 -16.93
C GLN B 301 -29.31 -9.68 -16.14
N SER B 302 -30.51 -10.21 -16.30
CA SER B 302 -30.89 -11.36 -15.49
C SER B 302 -32.02 -12.16 -16.13
N TYR B 303 -32.60 -13.04 -15.32
CA TYR B 303 -33.60 -13.96 -15.81
C TYR B 303 -34.85 -13.93 -14.96
N ASP B 304 -35.98 -14.08 -15.64
CA ASP B 304 -37.25 -14.45 -15.01
C ASP B 304 -37.24 -15.98 -14.83
N ILE B 305 -37.39 -16.44 -13.59
CA ILE B 305 -37.35 -17.86 -13.25
C ILE B 305 -38.76 -18.39 -13.03
N SER B 306 -39.04 -19.56 -13.60
CA SER B 306 -40.29 -20.26 -13.35
C SER B 306 -39.93 -21.69 -12.91
N ILE B 307 -40.42 -22.12 -11.75
CA ILE B 307 -40.20 -23.49 -11.29
C ILE B 307 -41.56 -24.13 -11.04
N VAL B 308 -41.84 -25.19 -11.78
CA VAL B 308 -43.06 -25.94 -11.66
C VAL B 308 -42.63 -27.34 -11.27
N ALA B 309 -43.11 -27.80 -10.11
CA ALA B 309 -42.79 -29.13 -9.60
C ALA B 309 -44.02 -29.90 -9.07
N GLN B 310 -43.93 -31.22 -9.11
CA GLN B 310 -44.99 -32.07 -8.58
C GLN B 310 -44.41 -33.35 -8.04
N VAL B 311 -45.05 -33.89 -7.02
CA VAL B 311 -44.76 -35.23 -6.53
C VAL B 311 -45.68 -36.12 -7.36
N ASP B 312 -45.08 -37.01 -8.15
CA ASP B 312 -45.82 -37.79 -9.15
C ASP B 312 -46.82 -38.74 -8.52
N GLN B 313 -46.44 -39.31 -7.38
CA GLN B 313 -47.26 -40.33 -6.74
C GLN B 313 -48.49 -39.72 -6.06
N THR B 314 -48.43 -38.45 -5.67
CA THR B 314 -49.56 -37.81 -4.96
C THR B 314 -50.31 -36.76 -5.77
N GLY B 315 -49.70 -36.21 -6.81
CA GLY B 315 -50.32 -35.16 -7.60
C GLY B 315 -50.39 -33.77 -6.94
N SER B 316 -49.70 -33.58 -5.82
CA SER B 316 -49.57 -32.24 -5.24
C SER B 316 -48.55 -31.46 -6.07
N LYS B 317 -48.83 -30.17 -6.28
CA LYS B 317 -48.10 -29.33 -7.24
C LYS B 317 -47.70 -28.01 -6.62
N SER B 318 -46.57 -27.47 -7.05
CA SER B 318 -46.13 -26.15 -6.63
C SER B 318 -45.65 -25.40 -7.87
N SER B 319 -46.12 -24.16 -8.04
CA SER B 319 -45.75 -23.31 -9.19
C SER B 319 -45.23 -22.00 -8.63
N ASN B 320 -44.05 -21.60 -9.11
CA ASN B 320 -43.27 -20.57 -8.47
C ASN B 320 -42.61 -19.66 -9.50
N LEU B 321 -42.72 -18.35 -9.30
CA LEU B 321 -42.03 -17.37 -10.14
C LEU B 321 -41.01 -16.59 -9.27
N LEU B 322 -39.78 -16.43 -9.78
CA LEU B 322 -38.74 -15.73 -9.05
C LEU B 322 -38.00 -14.74 -9.95
N ASP B 323 -37.48 -13.68 -9.33
CA ASP B 323 -36.74 -12.63 -10.02
C ASP B 323 -35.26 -12.72 -9.61
N LEU B 324 -34.45 -13.27 -10.50
CA LEU B 324 -33.02 -13.41 -10.22
C LEU B 324 -32.34 -12.02 -10.19
N LYS B 325 -32.98 -11.00 -10.75
CA LYS B 325 -32.50 -9.62 -10.64
C LYS B 325 -32.49 -9.11 -9.21
N ASN B 326 -33.27 -9.73 -8.32
CA ASN B 326 -33.38 -9.24 -6.95
C ASN B 326 -33.13 -10.30 -5.85
N PRO B 327 -31.92 -10.86 -5.79
CA PRO B 327 -31.64 -11.91 -4.81
C PRO B 327 -31.63 -11.39 -3.37
N PHE B 328 -31.92 -12.25 -2.40
CA PHE B 328 -31.74 -11.90 -0.99
C PHE B 328 -30.40 -12.41 -0.52
N PHE B 329 -29.47 -11.51 -0.18
CA PHE B 329 -28.17 -11.93 0.32
C PHE B 329 -28.31 -12.20 1.82
N ARG B 330 -28.31 -13.48 2.21
CA ARG B 330 -28.63 -13.89 3.59
C ARG B 330 -27.40 -14.22 4.41
N TYR B 331 -26.27 -14.48 3.75
CA TYR B 331 -25.05 -14.93 4.41
C TYR B 331 -24.51 -13.91 5.42
N THR B 332 -24.01 -14.41 6.55
CA THR B 332 -23.53 -13.58 7.66
C THR B 332 -22.18 -14.02 8.24
N GLN C 3 12.23 12.42 -14.33
CA GLN C 3 13.19 12.88 -15.39
C GLN C 3 13.60 14.35 -15.18
N TYR C 4 12.61 15.19 -14.85
CA TYR C 4 12.86 16.56 -14.39
C TYR C 4 13.80 16.51 -13.19
N PHE C 5 13.44 15.74 -12.15
CA PHE C 5 14.20 15.76 -10.90
C PHE C 5 15.56 15.02 -10.96
N GLN C 6 15.69 14.06 -11.87
CA GLN C 6 16.96 13.32 -12.04
C GLN C 6 18.09 14.26 -12.50
N PHE C 7 17.82 15.02 -13.57
CA PHE C 7 18.67 16.12 -14.02
C PHE C 7 19.31 16.85 -12.83
N TYR C 8 18.45 17.29 -11.90
CA TYR C 8 18.86 18.10 -10.75
C TYR C 8 19.65 17.38 -9.67
N GLY C 9 19.69 16.05 -9.72
CA GLY C 9 20.50 15.28 -8.79
C GLY C 9 22.00 15.29 -9.05
N TYR C 10 22.47 15.89 -10.13
CA TYR C 10 23.88 15.85 -10.42
C TYR C 10 24.58 17.09 -9.96
N LEU C 11 25.69 16.88 -9.24
CA LEU C 11 26.55 17.99 -8.82
C LEU C 11 27.13 18.79 -10.00
N SER C 12 27.40 18.13 -11.13
CA SER C 12 27.81 18.85 -12.35
C SER C 12 26.75 19.89 -12.70
N GLN C 13 25.50 19.48 -12.68
CA GLN C 13 24.39 20.39 -12.91
C GLN C 13 24.29 21.51 -11.84
N GLN C 14 24.37 21.16 -10.55
CA GLN C 14 24.38 22.19 -9.49
C GLN C 14 25.46 23.23 -9.68
N GLN C 15 26.66 22.75 -10.02
CA GLN C 15 27.80 23.64 -10.23
C GLN C 15 27.43 24.70 -11.25
N ASN C 16 26.96 24.23 -12.40
CA ASN C 16 26.51 25.10 -13.47
C ASN C 16 25.49 26.13 -12.95
N MET C 17 24.52 25.69 -12.15
CA MET C 17 23.45 26.56 -11.67
C MET C 17 23.95 27.63 -10.71
N MET C 18 24.96 27.30 -9.91
CA MET C 18 25.47 28.23 -8.90
C MET C 18 26.37 29.33 -9.48
N GLN C 19 26.75 29.19 -10.74
CA GLN C 19 27.66 30.15 -11.38
C GLN C 19 26.98 31.36 -12.06
N ASP C 20 25.77 31.69 -11.64
CA ASP C 20 25.10 32.93 -12.06
C ASP C 20 25.28 33.98 -10.96
N TYR C 21 26.29 34.82 -11.09
CA TYR C 21 26.68 35.70 -10.01
C TYR C 21 25.75 36.89 -9.85
N VAL C 22 25.10 37.29 -10.93
CA VAL C 22 24.05 38.31 -10.83
C VAL C 22 22.91 37.80 -9.93
N ARG C 23 22.44 36.59 -10.20
N ARG C 23 22.43 36.59 -10.19
CA ARG C 23 21.33 35.97 -9.47
CA ARG C 23 21.31 36.04 -9.43
C ARG C 23 21.68 35.81 -8.00
C ARG C 23 21.68 35.82 -7.98
N THR C 24 22.80 35.14 -7.75
CA THR C 24 23.25 34.84 -6.40
C THR C 24 23.54 36.10 -5.56
N GLY C 25 24.27 37.05 -6.10
CA GLY C 25 24.51 38.31 -5.39
C GLY C 25 23.24 39.07 -5.07
N THR C 26 22.28 39.06 -6.01
CA THR C 26 21.03 39.79 -5.84
C THR C 26 20.19 39.12 -4.77
N TYR C 27 20.11 37.79 -4.79
CA TYR C 27 19.40 37.10 -3.72
C TYR C 27 20.05 37.35 -2.37
N GLN C 28 21.38 37.31 -2.30
CA GLN C 28 22.04 37.46 -1.01
C GLN C 28 21.75 38.86 -0.46
N ARG C 29 21.75 39.85 -1.34
CA ARG C 29 21.50 41.23 -0.96
C ARG C 29 20.05 41.42 -0.49
N ALA C 30 19.09 40.90 -1.25
CA ALA C 30 17.67 40.96 -0.84
C ALA C 30 17.45 40.41 0.56
N ILE C 31 18.12 39.31 0.86
CA ILE C 31 17.96 38.65 2.13
C ILE C 31 18.73 39.38 3.23
N LEU C 32 20.02 39.64 3.03
CA LEU C 32 20.83 40.27 4.06
C LEU C 32 20.40 41.69 4.38
N GLN C 33 20.06 42.47 3.36
CA GLN C 33 19.64 43.85 3.63
C GLN C 33 18.25 43.94 4.26
N ASN C 34 17.48 42.86 4.20
CA ASN C 34 16.20 42.80 4.90
C ASN C 34 16.27 41.88 6.09
N HIS C 35 17.32 42.02 6.89
CA HIS C 35 17.54 41.16 8.07
C HIS C 35 16.36 41.10 9.05
N THR C 36 15.59 42.18 9.20
CA THR C 36 14.45 42.13 10.13
C THR C 36 13.31 41.22 9.65
N ASP C 37 13.33 40.85 8.37
CA ASP C 37 12.35 39.89 7.86
C ASP C 37 12.78 38.44 8.09
N PHE C 38 14.03 38.24 8.50
CA PHE C 38 14.51 36.89 8.78
C PHE C 38 14.89 36.66 10.24
N LYS C 39 15.34 37.70 10.93
CA LYS C 39 15.85 37.58 12.30
C LYS C 39 14.85 36.87 13.23
N ASP C 40 15.26 35.71 13.73
CA ASP C 40 14.43 34.84 14.59
C ASP C 40 13.12 34.34 13.94
N LYS C 41 13.07 34.26 12.61
CA LYS C 41 11.90 33.81 11.91
C LYS C 41 12.01 32.36 11.45
N ILE C 42 10.86 31.79 11.14
CA ILE C 42 10.75 30.47 10.53
C ILE C 42 10.62 30.65 8.99
N VAL C 43 11.46 29.91 8.26
CA VAL C 43 11.59 30.09 6.82
C VAL C 43 11.34 28.77 6.10
N LEU C 44 10.70 28.87 4.94
CA LEU C 44 10.59 27.74 4.02
C LEU C 44 11.34 28.07 2.73
N ASP C 45 12.27 27.20 2.35
CA ASP C 45 13.02 27.33 1.09
C ASP C 45 12.52 26.26 0.13
N VAL C 46 11.81 26.69 -0.91
CA VAL C 46 11.19 25.75 -1.84
C VAL C 46 12.14 25.44 -3.00
N GLY C 47 12.63 24.21 -3.03
CA GLY C 47 13.54 23.77 -4.09
C GLY C 47 14.93 24.31 -3.85
N CYS C 48 15.52 23.90 -2.73
CA CYS C 48 16.77 24.51 -2.28
C CYS C 48 18.03 24.07 -3.01
N GLY C 49 17.95 22.98 -3.76
CA GLY C 49 19.16 22.43 -4.38
C GLY C 49 20.15 22.09 -3.29
N SER C 50 21.33 22.69 -3.38
CA SER C 50 22.39 22.41 -2.41
C SER C 50 22.30 23.31 -1.16
N GLY C 51 21.32 24.21 -1.15
CA GLY C 51 20.95 24.93 0.07
C GLY C 51 21.26 26.41 0.10
N ILE C 52 21.86 26.92 -0.96
CA ILE C 52 22.39 28.27 -0.97
C ILE C 52 21.46 29.37 -0.38
N LEU C 53 20.19 29.42 -0.79
CA LEU C 53 19.28 30.44 -0.22
C LEU C 53 19.03 30.22 1.29
N SER C 54 19.00 28.95 1.71
CA SER C 54 18.83 28.65 3.13
C SER C 54 20.01 29.15 3.93
N PHE C 55 21.22 28.97 3.43
CA PHE C 55 22.41 29.52 4.08
C PHE C 55 22.30 31.03 4.18
N PHE C 56 21.72 31.69 3.18
CA PHE C 56 21.59 33.14 3.23
C PHE C 56 20.60 33.55 4.30
N ALA C 57 19.50 32.79 4.39
CA ALA C 57 18.53 33.01 5.44
C ALA C 57 19.15 32.82 6.84
N ALA C 58 19.99 31.80 7.00
CA ALA C 58 20.75 31.58 8.26
C ALA C 58 21.71 32.74 8.54
N GLN C 59 22.42 33.21 7.51
CA GLN C 59 23.26 34.38 7.65
C GLN C 59 22.47 35.65 8.11
N ALA C 60 21.22 35.78 7.67
CA ALA C 60 20.37 36.90 8.06
C ALA C 60 19.71 36.71 9.42
N GLY C 61 20.02 35.60 10.11
CA GLY C 61 19.55 35.34 11.46
C GLY C 61 18.29 34.51 11.65
N ALA C 62 17.85 33.78 10.62
CA ALA C 62 16.61 32.98 10.77
C ALA C 62 16.80 31.94 11.87
N ARG C 63 15.75 31.62 12.60
CA ARG C 63 15.81 30.63 13.68
C ARG C 63 15.74 29.20 13.15
N LYS C 64 14.85 28.96 12.19
CA LYS C 64 14.70 27.64 11.58
C LYS C 64 14.40 27.86 10.10
N ILE C 65 15.05 27.07 9.24
CA ILE C 65 14.75 27.05 7.82
C ILE C 65 14.46 25.63 7.38
N TYR C 66 13.28 25.43 6.79
CA TYR C 66 12.91 24.18 6.19
C TYR C 66 13.23 24.24 4.69
N ALA C 67 14.17 23.39 4.30
CA ALA C 67 14.76 23.42 2.99
C ALA C 67 14.26 22.20 2.22
N VAL C 68 13.29 22.41 1.34
CA VAL C 68 12.64 21.32 0.65
C VAL C 68 13.23 21.11 -0.72
N GLU C 69 13.56 19.86 -1.05
CA GLU C 69 14.21 19.53 -2.32
C GLU C 69 13.77 18.15 -2.78
N ALA C 70 13.22 18.06 -3.98
CA ALA C 70 12.65 16.82 -4.48
C ALA C 70 13.67 15.90 -5.14
N SER C 71 14.86 16.39 -5.44
CA SER C 71 15.89 15.53 -6.04
C SER C 71 16.84 14.99 -4.99
N THR C 72 17.67 14.03 -5.42
CA THR C 72 18.69 13.44 -4.58
C THR C 72 19.78 14.45 -4.21
N MET C 73 19.70 15.68 -4.75
CA MET C 73 20.53 16.80 -4.27
C MET C 73 20.30 17.10 -2.77
N ALA C 74 19.16 16.67 -2.24
CA ALA C 74 18.85 16.85 -0.82
C ALA C 74 19.93 16.24 0.06
N GLN C 75 20.48 15.09 -0.37
CA GLN C 75 21.53 14.42 0.41
C GLN C 75 22.77 15.30 0.49
N HIS C 76 23.09 15.98 -0.60
CA HIS C 76 24.29 16.83 -0.64
C HIS C 76 24.08 18.10 0.16
N ALA C 77 22.86 18.65 0.14
CA ALA C 77 22.51 19.79 0.97
C ALA C 77 22.71 19.45 2.43
N GLU C 78 22.26 18.25 2.81
CA GLU C 78 22.39 17.79 4.18
C GLU C 78 23.85 17.72 4.59
N VAL C 79 24.70 17.26 3.67
CA VAL C 79 26.16 17.23 3.91
C VAL C 79 26.74 18.64 4.16
N LEU C 80 26.33 19.62 3.37
CA LEU C 80 26.81 21.01 3.51
C LEU C 80 26.30 21.69 4.77
N VAL C 81 25.05 21.41 5.13
CA VAL C 81 24.47 21.96 6.35
C VAL C 81 25.31 21.55 7.57
N LYS C 82 25.62 20.25 7.66
CA LYS C 82 26.47 19.70 8.72
C LYS C 82 27.88 20.27 8.66
N SER C 83 28.50 20.26 7.49
CA SER C 83 29.88 20.77 7.36
C SER C 83 29.96 22.26 7.62
N ASN C 84 28.88 23.01 7.41
CA ASN C 84 28.87 24.44 7.82
C ASN C 84 28.28 24.70 9.21
N ASN C 85 28.13 23.66 10.02
CA ASN C 85 27.70 23.78 11.42
C ASN C 85 26.34 24.49 11.60
N LEU C 86 25.35 24.11 10.79
CA LEU C 86 24.03 24.72 10.86
C LEU C 86 22.90 23.70 11.03
N THR C 87 23.20 22.51 11.55
CA THR C 87 22.17 21.45 11.64
C THR C 87 21.05 21.78 12.61
N ASP C 88 21.33 22.68 13.54
CA ASP C 88 20.29 23.18 14.44
C ASP C 88 19.35 24.19 13.77
N ARG C 89 19.74 24.73 12.62
CA ARG C 89 19.00 25.83 12.01
C ARG C 89 18.40 25.55 10.62
N ILE C 90 19.03 24.69 9.83
CA ILE C 90 18.49 24.29 8.54
C ILE C 90 18.14 22.80 8.57
N VAL C 91 16.87 22.51 8.28
CA VAL C 91 16.35 21.17 8.25
C VAL C 91 16.03 20.82 6.79
N VAL C 92 16.76 19.86 6.23
CA VAL C 92 16.54 19.48 4.85
C VAL C 92 15.41 18.48 4.81
N ILE C 93 14.47 18.70 3.90
CA ILE C 93 13.31 17.85 3.77
C ILE C 93 13.30 17.29 2.35
N PRO C 94 13.63 15.98 2.19
CA PRO C 94 13.53 15.39 0.86
C PRO C 94 12.09 15.23 0.40
N GLY C 95 11.78 15.66 -0.81
CA GLY C 95 10.44 15.45 -1.37
C GLY C 95 9.93 16.66 -2.10
N LYS C 96 8.77 16.50 -2.71
CA LYS C 96 8.11 17.57 -3.39
C LYS C 96 7.37 18.41 -2.37
N VAL C 97 7.39 19.72 -2.56
CA VAL C 97 6.75 20.62 -1.61
C VAL C 97 5.25 20.33 -1.56
N GLU C 98 4.71 19.75 -2.63
CA GLU C 98 3.31 19.34 -2.65
C GLU C 98 2.99 18.11 -1.75
N GLU C 99 4.00 17.34 -1.34
CA GLU C 99 3.79 16.05 -0.68
C GLU C 99 4.48 15.89 0.67
N VAL C 100 5.22 16.89 1.12
CA VAL C 100 5.92 16.78 2.41
C VAL C 100 5.04 17.31 3.54
N SER C 101 5.50 17.15 4.77
CA SER C 101 4.85 17.73 5.95
C SER C 101 5.83 18.64 6.64
N LEU C 102 5.40 19.85 6.96
CA LEU C 102 6.15 20.74 7.82
C LEU C 102 5.56 20.64 9.21
N PRO C 103 6.40 20.55 10.26
CA PRO C 103 5.87 20.46 11.63
C PRO C 103 5.30 21.78 12.17
N GLU C 104 5.31 22.82 11.33
CA GLU C 104 5.19 24.19 11.79
C GLU C 104 4.88 25.09 10.58
N GLN C 105 4.05 26.12 10.78
CA GLN C 105 3.85 27.15 9.75
C GLN C 105 5.02 28.13 9.75
N VAL C 106 5.24 28.81 8.61
CA VAL C 106 6.43 29.65 8.47
C VAL C 106 6.09 31.15 8.34
N ASP C 107 7.09 31.98 8.62
CA ASP C 107 6.96 33.45 8.49
C ASP C 107 7.21 33.96 7.07
N ILE C 108 8.09 33.28 6.33
CA ILE C 108 8.49 33.73 5.00
C ILE C 108 8.87 32.54 4.12
N ILE C 109 8.49 32.57 2.85
CA ILE C 109 8.90 31.57 1.90
C ILE C 109 9.92 32.19 0.96
N ILE C 110 11.05 31.52 0.75
CA ILE C 110 12.04 31.92 -0.26
C ILE C 110 12.18 30.85 -1.32
N SER C 111 12.40 31.28 -2.57
CA SER C 111 12.51 30.34 -3.68
C SER C 111 13.05 31.06 -4.91
N GLU C 112 13.50 30.26 -5.87
CA GLU C 112 13.86 30.76 -7.17
C GLU C 112 13.04 29.99 -8.18
N PRO C 113 11.74 30.25 -8.23
CA PRO C 113 10.86 29.46 -9.07
C PRO C 113 10.75 29.93 -10.53
N MET C 114 11.47 30.98 -10.91
CA MET C 114 11.31 31.56 -12.26
C MET C 114 11.97 30.65 -13.29
N GLY C 115 11.24 30.41 -14.37
CA GLY C 115 11.84 29.75 -15.52
C GLY C 115 11.96 30.73 -16.66
N TYR C 116 12.39 30.22 -17.81
CA TYR C 116 12.40 30.98 -19.05
C TYR C 116 11.02 31.56 -19.23
N MET C 117 10.97 32.85 -19.56
CA MET C 117 9.68 33.50 -19.86
C MET C 117 8.86 33.61 -18.58
N LEU C 118 9.55 33.50 -17.44
CA LEU C 118 8.99 33.45 -16.08
C LEU C 118 8.30 32.12 -15.76
N PHE C 119 7.41 31.64 -16.63
CA PHE C 119 6.53 30.53 -16.31
C PHE C 119 7.07 29.11 -16.58
N ASN C 120 8.07 28.96 -17.44
CA ASN C 120 8.60 27.61 -17.71
C ASN C 120 9.02 26.85 -16.44
N GLU C 121 8.84 25.52 -16.47
CA GLU C 121 9.01 24.59 -15.34
C GLU C 121 7.72 24.38 -14.53
N ARG C 122 6.77 25.31 -14.61
CA ARG C 122 5.59 25.33 -13.74
C ARG C 122 5.98 25.29 -12.26
N MET C 123 7.16 25.79 -11.93
CA MET C 123 7.61 25.81 -10.57
C MET C 123 6.92 26.95 -9.79
N LEU C 124 6.37 27.94 -10.50
CA LEU C 124 5.59 28.98 -9.82
C LEU C 124 4.33 28.41 -9.13
N GLU C 125 3.78 27.35 -9.69
CA GLU C 125 2.61 26.71 -9.08
C GLU C 125 2.99 26.04 -7.77
N SER C 126 4.15 25.38 -7.73
CA SER C 126 4.71 24.84 -6.48
C SER C 126 4.94 25.94 -5.45
N TYR C 127 5.50 27.05 -5.88
CA TYR C 127 5.75 28.21 -5.02
C TYR C 127 4.45 28.73 -4.40
N LEU C 128 3.42 28.88 -5.22
CA LEU C 128 2.10 29.27 -4.75
C LEU C 128 1.43 28.20 -3.87
N HIS C 129 1.59 26.93 -4.21
CA HIS C 129 1.07 25.80 -3.40
C HIS C 129 1.60 25.87 -1.96
N ALA C 130 2.88 26.22 -1.82
CA ALA C 130 3.58 26.27 -0.55
C ALA C 130 3.03 27.32 0.43
N LYS C 131 2.26 28.30 -0.07
CA LYS C 131 1.57 29.23 0.83
C LYS C 131 0.62 28.59 1.85
N LYS C 132 0.24 27.33 1.64
CA LYS C 132 -0.52 26.60 2.67
C LYS C 132 0.27 26.50 4.00
N TYR C 133 1.59 26.65 3.94
CA TYR C 133 2.46 26.70 5.10
C TYR C 133 2.74 28.09 5.66
N LEU C 134 2.20 29.10 5.01
CA LEU C 134 2.53 30.46 5.35
C LEU C 134 1.57 31.00 6.39
N LYS C 135 2.13 31.57 7.47
CA LYS C 135 1.33 32.23 8.49
C LYS C 135 0.58 33.41 7.89
N PRO C 136 -0.52 33.82 8.55
CA PRO C 136 -1.19 35.04 8.11
C PRO C 136 -0.23 36.22 8.15
N SER C 137 -0.24 37.05 7.11
CA SER C 137 0.69 38.19 7.00
C SER C 137 2.18 37.81 6.88
N GLY C 138 2.44 36.57 6.45
CA GLY C 138 3.78 36.15 6.10
C GLY C 138 4.16 36.71 4.74
N ASN C 139 5.46 36.66 4.46
CA ASN C 139 5.97 37.26 3.27
C ASN C 139 6.52 36.16 2.33
N MET C 140 6.81 36.58 1.10
CA MET C 140 7.33 35.73 0.05
C MET C 140 8.43 36.50 -0.67
N PHE C 141 9.57 35.82 -0.85
CA PHE C 141 10.76 36.35 -1.54
C PHE C 141 11.07 35.35 -2.65
N PRO C 142 10.76 35.67 -3.92
CA PRO C 142 10.29 36.97 -4.39
C PRO C 142 8.81 37.22 -4.15
N THR C 143 8.46 38.50 -4.08
CA THR C 143 7.12 38.91 -3.72
C THR C 143 6.20 39.09 -4.95
N ILE C 144 6.73 39.67 -6.02
CA ILE C 144 5.97 39.91 -7.26
C ILE C 144 6.87 39.61 -8.42
N GLY C 145 6.27 39.27 -9.56
CA GLY C 145 7.00 39.04 -10.81
C GLY C 145 6.34 39.73 -11.99
N ASP C 146 7.15 40.41 -12.81
CA ASP C 146 6.64 41.11 -14.01
C ASP C 146 7.22 40.42 -15.25
N VAL C 147 6.37 39.96 -16.16
CA VAL C 147 6.84 39.55 -17.48
C VAL C 147 6.81 40.72 -18.43
N HIS C 148 7.89 40.96 -19.16
CA HIS C 148 7.93 41.99 -20.20
C HIS C 148 8.00 41.38 -21.59
N LEU C 149 7.24 41.96 -22.50
CA LEU C 149 7.26 41.52 -23.88
C LEU C 149 7.32 42.74 -24.79
N ALA C 150 8.06 42.57 -25.90
CA ALA C 150 8.24 43.62 -26.89
C ALA C 150 8.46 43.00 -28.25
N PRO C 151 7.92 43.62 -29.30
CA PRO C 151 8.14 43.14 -30.68
C PRO C 151 9.56 43.36 -31.15
N PHE C 152 10.12 42.40 -31.89
CA PHE C 152 11.47 42.55 -32.43
C PHE C 152 11.50 42.28 -33.95
N THR C 153 12.53 42.83 -34.58
CA THR C 153 12.91 42.43 -35.92
C THR C 153 14.30 41.79 -35.87
N ASP C 154 14.44 40.61 -36.49
CA ASP C 154 15.74 39.96 -36.62
C ASP C 154 15.74 39.04 -37.84
N GLU C 155 16.09 39.60 -39.01
CA GLU C 155 16.01 38.85 -40.27
C GLU C 155 16.85 37.59 -40.22
N GLN C 156 18.02 37.70 -39.62
CA GLN C 156 18.96 36.58 -39.47
C GLN C 156 18.35 35.41 -38.72
N LEU C 157 17.77 35.69 -37.55
CA LEU C 157 17.14 34.66 -36.75
C LEU C 157 15.99 34.02 -37.54
N TYR C 158 15.17 34.86 -38.14
CA TYR C 158 14.02 34.39 -38.92
C TYR C 158 14.45 33.44 -40.05
N MET C 159 15.44 33.84 -40.84
N MET C 159 15.44 33.86 -40.84
CA MET C 159 15.80 33.05 -42.02
CA MET C 159 15.90 33.07 -42.00
C MET C 159 16.53 31.75 -41.63
C MET C 159 16.45 31.72 -41.58
N GLU C 160 17.15 31.74 -40.45
CA GLU C 160 17.76 30.54 -39.88
C GLU C 160 16.82 29.33 -39.82
N GLN C 161 15.53 29.58 -39.56
CA GLN C 161 14.58 28.49 -39.40
C GLN C 161 14.41 27.76 -40.73
N PHE C 162 14.41 28.53 -41.81
CA PHE C 162 14.24 27.98 -43.14
C PHE C 162 15.49 27.31 -43.63
N THR C 163 16.66 27.91 -43.37
CA THR C 163 17.91 27.29 -43.71
C THR C 163 17.94 25.86 -43.12
N LYS C 164 17.61 25.74 -41.83
CA LYS C 164 17.62 24.43 -41.17
C LYS C 164 16.59 23.46 -41.73
N ALA C 165 15.37 23.92 -41.91
CA ALA C 165 14.32 23.06 -42.44
C ALA C 165 14.55 22.62 -43.87
N ASN C 166 15.29 23.42 -44.63
CA ASN C 166 15.44 23.13 -46.04
C ASN C 166 16.33 21.91 -46.29
N PHE C 167 17.02 21.45 -45.24
CA PHE C 167 17.62 20.12 -45.24
C PHE C 167 16.69 19.09 -45.85
N TRP C 168 15.41 19.20 -45.54
CA TRP C 168 14.43 18.23 -46.01
C TRP C 168 13.97 18.48 -47.42
N TYR C 169 14.29 19.64 -47.97
CA TYR C 169 13.82 19.97 -49.31
C TYR C 169 14.84 19.53 -50.36
N GLN C 170 14.99 18.21 -50.48
CA GLN C 170 15.84 17.59 -51.47
C GLN C 170 15.23 16.28 -51.96
N PRO C 171 15.33 16.04 -53.28
CA PRO C 171 14.54 14.99 -53.91
C PRO C 171 15.18 13.59 -53.93
N SER C 172 16.45 13.47 -53.57
CA SER C 172 17.08 12.14 -53.56
C SER C 172 18.17 12.05 -52.53
N PHE C 173 17.74 11.84 -51.31
CA PHE C 173 18.63 11.55 -50.20
C PHE C 173 18.84 10.04 -50.21
N HIS C 174 19.94 9.58 -50.81
CA HIS C 174 20.19 8.14 -50.97
C HIS C 174 18.99 7.44 -51.59
N GLY C 175 18.37 8.10 -52.56
CA GLY C 175 17.23 7.57 -53.28
C GLY C 175 15.88 8.01 -52.77
N VAL C 176 15.84 8.76 -51.67
CA VAL C 176 14.59 9.10 -51.02
C VAL C 176 14.28 10.58 -51.14
N ASP C 177 13.04 10.89 -51.52
CA ASP C 177 12.61 12.25 -51.70
C ASP C 177 12.08 12.70 -50.35
N LEU C 178 12.83 13.59 -49.71
CA LEU C 178 12.52 14.09 -48.36
C LEU C 178 11.56 15.28 -48.33
N SER C 179 11.27 15.85 -49.50
CA SER C 179 10.61 17.16 -49.63
C SER C 179 9.30 17.31 -48.89
N ALA C 180 8.53 16.23 -48.81
CA ALA C 180 7.21 16.29 -48.20
C ALA C 180 7.27 16.66 -46.71
N LEU C 181 8.43 16.55 -46.06
CA LEU C 181 8.55 16.89 -44.62
C LEU C 181 9.05 18.30 -44.34
N ARG C 182 9.33 19.08 -45.38
CA ARG C 182 9.86 20.43 -45.20
C ARG C 182 8.92 21.34 -44.35
N GLY C 183 7.63 21.38 -44.67
CA GLY C 183 6.67 22.19 -43.89
C GLY C 183 6.58 21.78 -42.43
N ALA C 184 6.55 20.48 -42.18
CA ALA C 184 6.55 19.96 -40.82
C ALA C 184 7.83 20.39 -40.10
N ALA C 185 8.98 20.34 -40.79
CA ALA C 185 10.23 20.80 -40.16
C ALA C 185 10.18 22.30 -39.82
N VAL C 186 9.66 23.10 -40.75
CA VAL C 186 9.50 24.55 -40.53
C VAL C 186 8.66 24.80 -39.28
N ASP C 187 7.48 24.18 -39.22
CA ASP C 187 6.56 24.37 -38.10
C ASP C 187 7.21 24.00 -36.79
N GLU C 188 7.87 22.85 -36.75
CA GLU C 188 8.60 22.44 -35.56
C GLU C 188 9.61 23.49 -35.08
N TYR C 189 10.40 24.07 -35.98
CA TYR C 189 11.44 25.03 -35.53
C TYR C 189 10.77 26.31 -34.99
N PHE C 190 9.67 26.71 -35.62
CA PHE C 190 8.98 27.93 -35.22
C PHE C 190 8.25 27.77 -33.90
N ARG C 191 7.97 26.51 -33.53
CA ARG C 191 7.35 26.18 -32.23
C ARG C 191 8.31 26.20 -31.05
N GLN C 192 9.60 26.33 -31.32
CA GLN C 192 10.60 26.37 -30.29
C GLN C 192 10.90 27.82 -29.88
N PRO C 193 10.65 28.18 -28.61
CA PRO C 193 11.12 29.50 -28.14
C PRO C 193 12.64 29.56 -28.15
N VAL C 194 13.19 30.71 -28.52
CA VAL C 194 14.64 30.87 -28.72
C VAL C 194 15.29 31.56 -27.53
N VAL C 195 16.20 30.85 -26.88
CA VAL C 195 16.83 31.32 -25.68
C VAL C 195 18.21 31.80 -26.06
N ASP C 196 18.38 33.12 -26.03
CA ASP C 196 19.66 33.77 -26.13
C ASP C 196 19.46 35.27 -25.89
N THR C 197 20.52 36.05 -25.96
CA THR C 197 20.40 37.48 -25.80
C THR C 197 20.48 38.14 -27.15
N PHE C 198 20.32 39.46 -27.15
CA PHE C 198 20.29 40.23 -28.36
C PHE C 198 20.53 41.70 -28.03
N ASP C 199 20.83 42.47 -29.07
CA ASP C 199 21.00 43.89 -28.95
C ASP C 199 19.63 44.53 -28.82
N ILE C 200 19.51 45.50 -27.91
CA ILE C 200 18.24 46.15 -27.65
C ILE C 200 17.72 46.92 -28.88
N ARG C 201 18.62 47.24 -29.80
CA ARG C 201 18.26 47.89 -31.03
C ARG C 201 17.27 47.11 -31.87
N ILE C 202 17.12 45.80 -31.64
CA ILE C 202 16.12 45.02 -32.40
C ILE C 202 14.68 45.24 -31.94
N LEU C 203 14.49 45.89 -30.80
CA LEU C 203 13.16 46.06 -30.22
C LEU C 203 12.46 47.21 -30.94
N MET C 204 11.20 47.01 -31.31
CA MET C 204 10.47 47.93 -32.19
CA MET C 204 10.50 47.96 -32.19
C MET C 204 9.46 48.81 -31.45
N ALA C 205 9.27 48.57 -30.16
CA ALA C 205 8.35 49.33 -29.34
C ALA C 205 8.72 49.15 -27.88
N LYS C 206 8.21 50.03 -27.01
CA LYS C 206 8.42 49.91 -25.57
C LYS C 206 7.75 48.61 -25.08
N SER C 207 8.31 47.97 -24.06
CA SER C 207 7.73 46.71 -23.57
C SER C 207 6.37 46.92 -22.91
N VAL C 208 5.56 45.87 -22.94
CA VAL C 208 4.32 45.80 -22.16
C VAL C 208 4.61 44.80 -21.03
N LYS C 209 3.96 44.94 -19.88
CA LYS C 209 4.17 43.94 -18.83
C LYS C 209 2.90 43.28 -18.34
N TYR C 210 3.11 42.18 -17.62
CA TYR C 210 2.04 41.41 -17.01
C TYR C 210 2.59 41.01 -15.66
N THR C 211 1.82 41.31 -14.61
CA THR C 211 2.31 41.18 -13.22
C THR C 211 1.61 40.05 -12.47
N VAL C 212 2.38 39.29 -11.71
CA VAL C 212 1.84 38.29 -10.78
C VAL C 212 2.28 38.69 -9.38
N ASN C 213 1.32 38.97 -8.51
CA ASN C 213 1.61 39.26 -7.12
C ASN C 213 1.51 37.93 -6.39
N PHE C 214 2.66 37.41 -5.96
CA PHE C 214 2.70 36.06 -5.38
C PHE C 214 1.99 35.95 -4.02
N LEU C 215 1.88 37.06 -3.28
CA LEU C 215 1.12 37.08 -2.03
C LEU C 215 -0.39 36.86 -2.26
N GLU C 216 -0.92 37.36 -3.39
CA GLU C 216 -2.34 37.24 -3.73
C GLU C 216 -2.68 36.04 -4.62
N ALA C 217 -1.73 35.64 -5.47
CA ALA C 217 -2.05 34.69 -6.53
C ALA C 217 -2.37 33.29 -6.00
N LYS C 218 -3.25 32.58 -6.71
CA LYS C 218 -3.60 31.21 -6.37
C LYS C 218 -3.00 30.23 -7.39
N GLU C 219 -2.59 29.07 -6.89
CA GLU C 219 -1.96 28.04 -7.70
C GLU C 219 -2.73 27.83 -9.01
N GLY C 220 -4.05 27.72 -8.91
CA GLY C 220 -4.91 27.55 -10.07
C GLY C 220 -4.85 28.65 -11.12
N ASP C 221 -4.63 29.90 -10.70
CA ASP C 221 -4.53 31.05 -11.62
C ASP C 221 -3.49 30.84 -12.72
N LEU C 222 -2.44 30.07 -12.43
CA LEU C 222 -1.38 29.85 -13.40
C LEU C 222 -1.64 28.74 -14.38
N HIS C 223 -2.80 28.09 -14.30
CA HIS C 223 -3.17 27.05 -15.26
C HIS C 223 -3.49 27.66 -16.62
N ARG C 224 -4.04 28.88 -16.58
CA ARG C 224 -4.44 29.59 -17.78
C ARG C 224 -4.08 31.07 -17.60
N ILE C 225 -3.03 31.51 -18.28
CA ILE C 225 -2.50 32.86 -18.13
C ILE C 225 -2.74 33.59 -19.45
N GLU C 226 -3.48 34.69 -19.38
CA GLU C 226 -3.82 35.47 -20.58
C GLU C 226 -3.15 36.81 -20.48
N ILE C 227 -2.17 37.06 -21.35
CA ILE C 227 -1.42 38.29 -21.35
C ILE C 227 -1.80 39.14 -22.55
N PRO C 228 -2.57 40.21 -22.32
CA PRO C 228 -2.91 41.11 -23.42
C PRO C 228 -1.77 42.10 -23.72
N PHE C 229 -1.74 42.58 -24.97
CA PHE C 229 -0.76 43.60 -25.36
C PHE C 229 -1.27 44.54 -26.46
N LYS C 230 -0.79 45.79 -26.36
CA LYS C 230 -1.05 46.81 -27.34
C LYS C 230 0.25 47.61 -27.41
N PHE C 231 0.99 47.42 -28.48
CA PHE C 231 2.27 48.10 -28.65
C PHE C 231 2.04 49.29 -29.58
N HIS C 232 2.68 50.40 -29.26
CA HIS C 232 2.72 51.55 -30.15
C HIS C 232 4.09 51.53 -30.80
N MET C 233 4.08 51.24 -32.11
CA MET C 233 5.31 50.93 -32.83
C MET C 233 6.17 52.19 -32.97
N LEU C 234 7.41 52.11 -32.52
CA LEU C 234 8.34 53.23 -32.58
C LEU C 234 9.24 53.19 -33.81
N HIS C 235 9.28 52.06 -34.50
CA HIS C 235 10.11 51.86 -35.69
C HIS C 235 9.30 51.13 -36.75
N SER C 236 9.53 51.45 -38.02
CA SER C 236 8.89 50.74 -39.12
C SER C 236 9.69 49.49 -39.46
N GLY C 237 9.04 48.40 -39.84
CA GLY C 237 9.78 47.22 -40.28
C GLY C 237 9.00 45.96 -40.18
N LEU C 238 9.68 44.83 -40.37
CA LEU C 238 9.08 43.54 -40.22
C LEU C 238 9.23 43.04 -38.79
N VAL C 239 8.08 42.75 -38.15
CA VAL C 239 8.05 42.19 -36.81
C VAL C 239 8.10 40.68 -36.92
N HIS C 240 9.19 40.08 -36.45
CA HIS C 240 9.40 38.64 -36.60
C HIS C 240 8.95 37.84 -35.38
N GLY C 241 8.56 38.53 -34.33
CA GLY C 241 8.18 37.86 -33.11
C GLY C 241 8.13 38.81 -31.94
N LEU C 242 7.87 38.22 -30.77
CA LEU C 242 7.91 38.90 -29.50
C LEU C 242 9.09 38.39 -28.68
N ALA C 243 9.77 39.32 -28.03
CA ALA C 243 10.82 39.00 -27.09
C ALA C 243 10.27 39.10 -25.67
N PHE C 244 10.75 38.21 -24.80
CA PHE C 244 10.31 38.12 -23.41
C PHE C 244 11.47 38.16 -22.45
N TRP C 245 11.30 38.92 -21.36
CA TRP C 245 12.17 38.84 -20.21
C TRP C 245 11.30 39.05 -18.98
N PHE C 246 11.91 39.06 -17.80
CA PHE C 246 11.15 39.27 -16.58
C PHE C 246 11.98 39.95 -15.52
N ASP C 247 11.28 40.64 -14.61
CA ASP C 247 11.86 41.17 -13.40
C ASP C 247 11.08 40.60 -12.21
N VAL C 248 11.76 40.35 -11.09
CA VAL C 248 11.09 40.06 -9.82
C VAL C 248 11.57 40.99 -8.73
N ALA C 249 10.70 41.27 -7.77
CA ALA C 249 11.03 42.15 -6.67
C ALA C 249 10.89 41.39 -5.35
N PHE C 250 11.87 41.59 -4.49
CA PHE C 250 11.83 41.12 -3.12
C PHE C 250 11.42 42.32 -2.29
N ILE C 251 10.17 42.37 -1.87
CA ILE C 251 9.67 43.54 -1.14
C ILE C 251 9.81 43.26 0.36
N GLY C 252 10.93 43.71 0.92
CA GLY C 252 11.20 43.53 2.35
C GLY C 252 10.69 44.73 3.14
N SER C 253 10.78 44.65 4.46
CA SER C 253 10.35 45.77 5.30
C SER C 253 11.38 46.92 5.25
N ILE C 254 12.62 46.61 4.89
CA ILE C 254 13.67 47.64 4.83
C ILE C 254 13.92 48.11 3.42
N MET C 255 14.04 47.16 2.49
CA MET C 255 14.49 47.43 1.14
C MET C 255 13.70 46.60 0.16
N THR C 256 13.41 47.18 -1.00
CA THR C 256 12.93 46.42 -2.14
C THR C 256 14.11 46.23 -3.07
N VAL C 257 14.42 44.98 -3.38
CA VAL C 257 15.51 44.64 -4.28
C VAL C 257 14.94 43.98 -5.52
N TRP C 258 15.41 44.41 -6.72
CA TRP C 258 14.96 43.86 -7.99
C TRP C 258 16.02 42.98 -8.61
N LEU C 259 15.56 41.90 -9.21
CA LEU C 259 16.39 41.04 -10.02
C LEU C 259 15.80 41.09 -11.41
N SER C 260 16.58 41.60 -12.37
CA SER C 260 16.13 41.77 -13.76
C SER C 260 16.90 40.87 -14.75
N THR C 261 16.18 40.28 -15.70
CA THR C 261 16.76 39.56 -16.80
C THR C 261 16.54 40.31 -18.10
N ALA C 262 16.28 41.62 -18.00
CA ALA C 262 16.15 42.47 -19.19
C ALA C 262 17.41 42.49 -20.06
N PRO C 263 17.24 42.70 -21.38
CA PRO C 263 18.39 42.83 -22.26
C PRO C 263 19.20 44.12 -22.02
N THR C 264 18.62 45.06 -21.27
CA THR C 264 19.35 46.26 -20.85
C THR C 264 20.21 46.01 -19.61
N GLU C 265 20.18 44.79 -19.07
CA GLU C 265 20.85 44.47 -17.81
C GLU C 265 21.90 43.38 -18.04
N PRO C 266 22.80 43.16 -17.08
CA PRO C 266 23.77 42.09 -17.23
C PRO C 266 23.10 40.73 -17.37
N LEU C 267 23.72 39.89 -18.17
CA LEU C 267 23.17 38.59 -18.55
C LEU C 267 23.07 37.65 -17.33
N THR C 268 21.96 36.92 -17.25
CA THR C 268 21.73 35.88 -16.25
C THR C 268 21.57 34.55 -16.99
N HIS C 269 21.46 33.47 -16.24
CA HIS C 269 21.25 32.16 -16.86
C HIS C 269 19.85 32.02 -17.48
N TRP C 270 18.97 33.00 -17.29
CA TRP C 270 17.68 32.98 -17.97
C TRP C 270 17.74 33.63 -19.35
N TYR C 271 18.83 34.35 -19.63
CA TYR C 271 18.99 35.07 -20.89
C TYR C 271 17.72 35.88 -21.18
N GLN C 272 17.21 35.77 -22.41
CA GLN C 272 15.90 36.30 -22.80
C GLN C 272 15.32 35.27 -23.74
N VAL C 273 14.03 35.41 -24.05
CA VAL C 273 13.38 34.45 -24.90
C VAL C 273 12.64 35.14 -26.04
N ARG C 274 12.69 34.53 -27.22
CA ARG C 274 11.99 35.06 -28.38
C ARG C 274 11.12 34.03 -29.04
N CYS C 275 9.84 34.34 -29.18
CA CYS C 275 8.93 33.51 -29.92
C CYS C 275 8.70 34.14 -31.30
N LEU C 276 9.06 33.39 -32.34
CA LEU C 276 8.94 33.82 -33.75
C LEU C 276 7.54 33.66 -34.35
N PHE C 277 7.21 34.55 -35.28
CA PHE C 277 6.00 34.46 -36.10
C PHE C 277 6.42 33.87 -37.42
N GLN C 278 5.91 32.70 -37.77
CA GLN C 278 6.20 32.10 -39.07
C GLN C 278 5.83 33.04 -40.21
N SER C 279 4.71 33.75 -40.05
N SER C 279 4.71 33.76 -40.08
CA SER C 279 4.30 34.84 -40.95
CA SER C 279 4.34 34.82 -41.02
C SER C 279 4.58 36.18 -40.27
C SER C 279 4.54 36.19 -40.34
N PRO C 280 5.64 36.89 -40.69
CA PRO C 280 5.90 38.19 -40.09
C PRO C 280 4.90 39.28 -40.44
N LEU C 281 4.86 40.33 -39.62
CA LEU C 281 3.98 41.46 -39.82
C LEU C 281 4.74 42.73 -40.08
N PHE C 282 4.34 43.40 -41.16
CA PHE C 282 4.91 44.68 -41.50
C PHE C 282 4.19 45.77 -40.71
N ALA C 283 4.96 46.64 -40.08
CA ALA C 283 4.41 47.73 -39.29
C ALA C 283 5.15 49.00 -39.62
N LYS C 284 4.44 50.12 -39.64
CA LYS C 284 5.09 51.42 -39.72
C LYS C 284 5.11 52.08 -38.35
N ALA C 285 6.06 52.99 -38.17
CA ALA C 285 6.13 53.79 -36.97
C ALA C 285 4.75 54.39 -36.73
N GLY C 286 4.26 54.26 -35.50
CA GLY C 286 2.99 54.82 -35.12
C GLY C 286 1.81 53.87 -35.26
N ASP C 287 1.98 52.74 -35.95
CA ASP C 287 0.95 51.73 -35.95
C ASP C 287 0.81 51.11 -34.55
N THR C 288 -0.29 50.40 -34.34
N THR C 288 -0.28 50.39 -34.38
CA THR C 288 -0.45 49.66 -33.10
CA THR C 288 -0.56 49.63 -33.16
C THR C 288 -0.52 48.17 -33.40
C THR C 288 -0.49 48.15 -33.47
N LEU C 289 0.28 47.42 -32.67
CA LEU C 289 0.38 45.98 -32.80
C LEU C 289 -0.28 45.41 -31.57
N SER C 290 -1.46 44.81 -31.74
CA SER C 290 -2.22 44.30 -30.62
C SER C 290 -2.48 42.80 -30.72
N GLY C 291 -2.67 42.19 -29.56
CA GLY C 291 -3.06 40.81 -29.49
C GLY C 291 -2.94 40.24 -28.10
N THR C 292 -2.75 38.94 -28.04
CA THR C 292 -2.75 38.23 -26.78
C THR C 292 -1.78 37.09 -26.86
N CYS C 293 -1.11 36.87 -25.73
CA CYS C 293 -0.26 35.72 -25.53
C CYS C 293 -0.98 34.87 -24.45
N LEU C 294 -1.27 33.60 -24.79
CA LEU C 294 -2.05 32.73 -23.93
C LEU C 294 -1.22 31.48 -23.59
N LEU C 295 -1.02 31.24 -22.30
CA LEU C 295 -0.24 30.11 -21.84
C LEU C 295 -1.19 29.14 -21.15
N ILE C 296 -1.26 27.90 -21.64
CA ILE C 296 -2.11 26.86 -21.05
C ILE C 296 -1.20 25.75 -20.55
N ALA C 297 -1.34 25.41 -19.27
CA ALA C 297 -0.47 24.42 -18.63
C ALA C 297 -0.67 23.00 -19.21
N ASN C 298 0.44 22.31 -19.51
CA ASN C 298 0.41 20.96 -20.13
C ASN C 298 1.09 19.92 -19.22
N LYS C 299 0.89 18.63 -19.53
CA LYS C 299 1.38 17.53 -18.70
C LYS C 299 2.86 17.22 -18.95
N ARG C 300 3.71 18.22 -18.79
CA ARG C 300 5.14 18.06 -19.01
C ARG C 300 5.95 19.18 -18.35
N GLN C 301 5.47 19.65 -17.19
CA GLN C 301 6.09 20.77 -16.46
C GLN C 301 6.20 22.02 -17.33
N SER C 302 5.24 22.21 -18.25
CA SER C 302 5.32 23.33 -19.19
C SER C 302 3.97 23.88 -19.68
N TYR C 303 4.05 24.75 -20.67
CA TYR C 303 2.89 25.38 -21.23
C TYR C 303 2.86 25.28 -22.74
N ASP C 304 1.66 25.21 -23.28
CA ASP C 304 1.42 25.47 -24.69
C ASP C 304 1.21 26.99 -24.82
N ILE C 305 1.88 27.60 -25.79
CA ILE C 305 1.80 29.05 -25.99
C ILE C 305 1.06 29.40 -27.27
N SER C 306 0.13 30.35 -27.17
CA SER C 306 -0.60 30.82 -28.34
C SER C 306 -0.42 32.33 -28.42
N ILE C 307 0.19 32.81 -29.51
CA ILE C 307 0.34 34.24 -29.74
C ILE C 307 -0.41 34.61 -30.99
N VAL C 308 -1.34 35.54 -30.84
CA VAL C 308 -1.99 36.11 -31.98
C VAL C 308 -1.77 37.59 -31.86
N ALA C 309 -1.37 38.19 -32.98
CA ALA C 309 -1.08 39.60 -33.04
C ALA C 309 -1.63 40.15 -34.34
N GLN C 310 -2.01 41.43 -34.32
CA GLN C 310 -2.47 42.07 -35.53
C GLN C 310 -1.98 43.49 -35.61
N VAL C 311 -1.73 43.94 -36.83
CA VAL C 311 -1.42 45.34 -37.06
C VAL C 311 -2.78 45.99 -37.29
N ASP C 312 -3.21 46.81 -36.32
CA ASP C 312 -4.60 47.30 -36.31
C ASP C 312 -4.90 48.09 -37.60
N GLN C 313 -3.95 48.90 -38.04
CA GLN C 313 -4.16 49.81 -39.17
C GLN C 313 -4.30 49.10 -40.52
N THR C 314 -3.68 47.93 -40.69
CA THR C 314 -3.83 47.16 -41.93
C THR C 314 -4.73 45.94 -41.81
N GLY C 315 -4.97 45.48 -40.59
CA GLY C 315 -5.65 44.23 -40.37
C GLY C 315 -4.85 42.96 -40.67
N SER C 316 -3.55 43.06 -40.92
CA SER C 316 -2.74 41.81 -41.02
C SER C 316 -2.63 41.15 -39.64
N LYS C 317 -2.85 39.83 -39.62
CA LYS C 317 -2.83 39.05 -38.41
C LYS C 317 -1.78 37.96 -38.56
N SER C 318 -1.21 37.56 -37.42
CA SER C 318 -0.34 36.40 -37.37
C SER C 318 -0.65 35.61 -36.10
N SER C 319 -0.71 34.29 -36.22
CA SER C 319 -1.13 33.39 -35.15
C SER C 319 -0.11 32.33 -35.03
N ASN C 320 0.32 32.07 -33.80
CA ASN C 320 1.51 31.29 -33.56
C ASN C 320 1.40 30.43 -32.32
N LEU C 321 1.68 29.14 -32.50
CA LEU C 321 1.62 28.16 -31.43
C LEU C 321 3.05 27.74 -31.12
N LEU C 322 3.43 27.74 -29.84
CA LEU C 322 4.78 27.34 -29.43
C LEU C 322 4.79 26.33 -28.26
N ASP C 323 5.87 25.55 -28.21
CA ASP C 323 6.08 24.48 -27.24
C ASP C 323 7.22 24.87 -26.34
N LEU C 324 6.86 25.36 -25.17
CA LEU C 324 7.84 25.80 -24.18
C LEU C 324 8.67 24.64 -23.59
N LYS C 325 8.30 23.40 -23.89
CA LYS C 325 9.10 22.25 -23.49
C LYS C 325 10.15 21.81 -24.53
N ASN C 326 10.23 22.51 -25.65
CA ASN C 326 11.29 22.24 -26.62
C ASN C 326 12.11 23.50 -26.93
N PRO C 327 12.51 24.27 -25.88
CA PRO C 327 13.21 25.54 -26.11
C PRO C 327 14.47 25.35 -26.95
N PHE C 328 14.80 26.28 -27.84
CA PHE C 328 16.06 26.21 -28.57
C PHE C 328 17.11 27.12 -27.93
N PHE C 329 18.13 26.50 -27.34
CA PHE C 329 19.24 27.24 -26.73
C PHE C 329 20.24 27.67 -27.81
N ARG C 330 20.22 28.97 -28.15
CA ARG C 330 21.01 29.49 -29.27
C ARG C 330 22.29 30.22 -28.81
N TYR C 331 22.41 30.52 -27.52
CA TYR C 331 23.49 31.40 -27.05
C TYR C 331 24.90 30.83 -27.23
N THR C 332 25.80 31.71 -27.65
CA THR C 332 27.25 31.53 -27.59
C THR C 332 27.85 32.91 -27.31
N GLN D 3 8.27 8.78 -21.89
CA GLN D 3 9.07 10.03 -22.00
C GLN D 3 10.31 9.84 -22.87
N TYR D 4 11.02 8.73 -22.65
CA TYR D 4 12.25 8.37 -23.39
C TYR D 4 12.19 8.62 -24.92
N PHE D 5 11.08 8.22 -25.54
CA PHE D 5 10.88 8.31 -26.99
C PHE D 5 10.51 9.71 -27.52
N GLN D 6 10.14 10.63 -26.63
CA GLN D 6 9.76 11.99 -27.02
C GLN D 6 10.86 12.69 -27.84
N PHE D 7 12.09 12.64 -27.31
CA PHE D 7 13.35 13.03 -27.98
C PHE D 7 13.36 12.67 -29.49
N TYR D 8 13.02 11.41 -29.81
CA TYR D 8 13.03 10.90 -31.18
C TYR D 8 11.91 11.44 -32.07
N GLY D 9 10.89 12.05 -31.47
CA GLY D 9 9.80 12.63 -32.25
C GLY D 9 10.11 13.91 -33.03
N TYR D 10 11.28 14.49 -32.82
CA TYR D 10 11.63 15.76 -33.42
C TYR D 10 12.44 15.62 -34.71
N LEU D 11 11.96 16.26 -35.77
CA LEU D 11 12.69 16.29 -37.02
C LEU D 11 14.10 16.84 -36.91
N SER D 12 14.34 17.80 -36.03
CA SER D 12 15.72 18.28 -35.81
C SER D 12 16.65 17.16 -35.38
N GLN D 13 16.15 16.31 -34.49
CA GLN D 13 16.96 15.20 -34.01
C GLN D 13 17.19 14.21 -35.14
N GLN D 14 16.15 13.98 -35.93
CA GLN D 14 16.22 13.05 -37.06
C GLN D 14 17.24 13.54 -38.09
N GLN D 15 17.23 14.85 -38.34
CA GLN D 15 18.17 15.48 -39.28
C GLN D 15 19.61 15.23 -38.83
N ASN D 16 19.86 15.48 -37.55
CA ASN D 16 21.16 15.23 -36.94
C ASN D 16 21.59 13.77 -37.13
N MET D 17 20.69 12.84 -36.82
CA MET D 17 20.94 11.40 -36.99
C MET D 17 21.23 11.05 -38.44
N MET D 18 20.47 11.62 -39.37
CA MET D 18 20.68 11.32 -40.81
C MET D 18 22.03 11.77 -41.37
N GLN D 19 22.71 12.67 -40.66
CA GLN D 19 23.98 13.20 -41.14
C GLN D 19 25.22 12.35 -40.84
N ASP D 20 25.02 11.13 -40.35
CA ASP D 20 26.11 10.17 -40.24
C ASP D 20 26.20 9.42 -41.56
N TYR D 21 27.03 9.95 -42.45
CA TYR D 21 27.06 9.45 -43.80
C TYR D 21 27.82 8.13 -43.91
N VAL D 22 28.73 7.87 -42.96
CA VAL D 22 29.43 6.58 -42.88
C VAL D 22 28.43 5.47 -42.58
N ARG D 23 27.59 5.70 -41.58
N ARG D 23 27.58 5.68 -41.57
CA ARG D 23 26.57 4.74 -41.18
CA ARG D 23 26.58 4.69 -41.22
C ARG D 23 25.57 4.49 -42.32
C ARG D 23 25.57 4.48 -42.35
N THR D 24 25.02 5.56 -42.89
CA THR D 24 23.98 5.42 -43.95
C THR D 24 24.51 4.73 -45.20
N GLY D 25 25.71 5.11 -45.64
CA GLY D 25 26.33 4.52 -46.84
C GLY D 25 26.65 3.05 -46.65
N THR D 26 27.08 2.67 -45.45
CA THR D 26 27.41 1.28 -45.18
C THR D 26 26.17 0.41 -45.20
N TYR D 27 25.12 0.90 -44.55
CA TYR D 27 23.82 0.20 -44.53
C TYR D 27 23.29 0.05 -45.95
N GLN D 28 23.36 1.13 -46.75
CA GLN D 28 22.84 1.05 -48.13
C GLN D 28 23.61 -0.03 -48.90
N ARG D 29 24.93 -0.02 -48.75
CA ARG D 29 25.79 -1.00 -49.40
C ARG D 29 25.52 -2.42 -48.94
N ALA D 30 25.39 -2.62 -47.63
CA ALA D 30 25.10 -3.93 -47.08
C ALA D 30 23.83 -4.51 -47.68
N ILE D 31 22.84 -3.65 -47.82
CA ILE D 31 21.51 -4.06 -48.32
C ILE D 31 21.54 -4.29 -49.82
N LEU D 32 22.01 -3.29 -50.56
CA LEU D 32 22.07 -3.38 -52.03
C LEU D 32 23.00 -4.47 -52.55
N GLN D 33 24.13 -4.70 -51.89
CA GLN D 33 25.04 -5.74 -52.37
C GLN D 33 24.49 -7.13 -52.10
N ASN D 34 23.59 -7.24 -51.12
CA ASN D 34 22.95 -8.48 -50.78
C ASN D 34 21.50 -8.50 -51.23
N HIS D 35 21.31 -8.10 -52.47
CA HIS D 35 19.97 -8.03 -53.07
C HIS D 35 19.16 -9.34 -53.02
N THR D 36 19.82 -10.50 -53.04
CA THR D 36 19.09 -11.76 -52.99
C THR D 36 18.48 -12.03 -51.61
N ASP D 37 19.00 -11.36 -50.58
CA ASP D 37 18.40 -11.45 -49.26
C ASP D 37 17.15 -10.56 -49.12
N PHE D 38 16.86 -9.73 -50.12
CA PHE D 38 15.69 -8.84 -50.07
C PHE D 38 14.68 -9.05 -51.20
N LYS D 39 15.16 -9.41 -52.38
CA LYS D 39 14.33 -9.50 -53.57
C LYS D 39 13.10 -10.38 -53.31
N ASP D 40 11.91 -9.79 -53.42
CA ASP D 40 10.64 -10.47 -53.19
C ASP D 40 10.46 -11.04 -51.80
N LYS D 41 11.20 -10.51 -50.82
CA LYS D 41 11.13 -10.98 -49.44
C LYS D 41 10.29 -10.07 -48.58
N ILE D 42 9.88 -10.58 -47.41
CA ILE D 42 9.15 -9.82 -46.40
C ILE D 42 10.15 -9.36 -45.35
N VAL D 43 10.06 -8.10 -44.96
CA VAL D 43 11.08 -7.45 -44.10
C VAL D 43 10.43 -6.78 -42.90
N LEU D 44 11.12 -6.85 -41.78
CA LEU D 44 10.80 -6.08 -40.59
C LEU D 44 11.93 -5.08 -40.31
N ASP D 45 11.58 -3.80 -40.19
CA ASP D 45 12.55 -2.73 -39.89
C ASP D 45 12.25 -2.23 -38.48
N VAL D 46 13.14 -2.50 -37.54
CA VAL D 46 12.84 -2.22 -36.14
C VAL D 46 13.38 -0.86 -35.74
N GLY D 47 12.48 0.06 -35.44
CA GLY D 47 12.84 1.41 -34.98
C GLY D 47 13.32 2.20 -36.18
N CYS D 48 12.40 2.39 -37.12
CA CYS D 48 12.74 2.87 -38.44
C CYS D 48 12.96 4.37 -38.55
N GLY D 49 12.61 5.12 -37.49
CA GLY D 49 12.63 6.59 -37.54
C GLY D 49 11.84 7.10 -38.75
N SER D 50 12.49 7.91 -39.59
CA SER D 50 11.84 8.46 -40.77
C SER D 50 11.73 7.43 -41.90
N GLY D 51 12.43 6.30 -41.76
CA GLY D 51 12.18 5.13 -42.61
C GLY D 51 13.29 4.77 -43.59
N ILE D 52 14.42 5.47 -43.50
CA ILE D 52 15.51 5.32 -44.45
C ILE D 52 15.92 3.86 -44.76
N LEU D 53 16.12 3.04 -43.75
CA LEU D 53 16.49 1.64 -44.00
C LEU D 53 15.40 0.89 -44.74
N SER D 54 14.15 1.22 -44.45
CA SER D 54 13.05 0.61 -45.17
C SER D 54 13.10 0.97 -46.66
N PHE D 55 13.40 2.22 -46.96
CA PHE D 55 13.53 2.60 -48.38
C PHE D 55 14.67 1.84 -49.06
N PHE D 56 15.76 1.55 -48.34
CA PHE D 56 16.84 0.74 -48.91
C PHE D 56 16.38 -0.68 -49.22
N ALA D 57 15.65 -1.30 -48.32
CA ALA D 57 15.12 -2.64 -48.55
C ALA D 57 14.21 -2.64 -49.79
N ALA D 58 13.47 -1.57 -49.98
CA ALA D 58 12.60 -1.42 -51.16
C ALA D 58 13.43 -1.26 -52.43
N GLN D 59 14.52 -0.48 -52.36
CA GLN D 59 15.44 -0.36 -53.50
C GLN D 59 16.00 -1.73 -53.89
N ALA D 60 16.24 -2.59 -52.91
CA ALA D 60 16.74 -3.94 -53.16
C ALA D 60 15.66 -4.91 -53.58
N GLY D 61 14.42 -4.45 -53.72
CA GLY D 61 13.35 -5.24 -54.33
C GLY D 61 12.43 -5.99 -53.36
N ALA D 62 12.40 -5.61 -52.09
CA ALA D 62 11.56 -6.31 -51.11
C ALA D 62 10.10 -6.26 -51.52
N ARG D 63 9.39 -7.34 -51.27
CA ARG D 63 7.97 -7.40 -51.55
C ARG D 63 7.17 -6.54 -50.57
N LYS D 64 7.53 -6.60 -49.30
CA LYS D 64 6.80 -5.89 -48.27
C LYS D 64 7.70 -5.71 -47.05
N ILE D 65 7.68 -4.49 -46.51
CA ILE D 65 8.51 -4.09 -45.39
C ILE D 65 7.59 -3.51 -44.31
N TYR D 66 7.66 -4.04 -43.09
CA TYR D 66 6.94 -3.49 -41.96
C TYR D 66 7.93 -2.66 -41.18
N ALA D 67 7.66 -1.36 -41.14
CA ALA D 67 8.50 -0.39 -40.52
C ALA D 67 7.89 0.05 -39.20
N VAL D 68 8.51 -0.34 -38.11
CA VAL D 68 7.95 -0.14 -36.80
C VAL D 68 8.72 0.97 -36.13
N GLU D 69 7.99 1.96 -35.58
CA GLU D 69 8.58 3.11 -34.92
C GLU D 69 7.73 3.53 -33.73
N ALA D 70 8.36 3.68 -32.57
CA ALA D 70 7.66 3.88 -31.30
C ALA D 70 7.31 5.33 -31.05
N SER D 71 8.07 6.25 -31.63
CA SER D 71 7.85 7.69 -31.42
C SER D 71 6.90 8.23 -32.47
N THR D 72 6.52 9.49 -32.29
CA THR D 72 5.67 10.17 -33.26
C THR D 72 6.34 10.44 -34.59
N MET D 73 7.63 10.13 -34.69
CA MET D 73 8.30 10.08 -35.98
C MET D 73 7.61 9.14 -36.97
N ALA D 74 6.85 8.16 -36.49
CA ALA D 74 6.09 7.25 -37.37
C ALA D 74 5.17 8.02 -38.32
N GLN D 75 4.59 9.11 -37.83
CA GLN D 75 3.69 9.92 -38.65
C GLN D 75 4.46 10.52 -39.84
N HIS D 76 5.72 10.89 -39.62
CA HIS D 76 6.56 11.48 -40.67
C HIS D 76 7.05 10.39 -41.62
N ALA D 77 7.39 9.23 -41.07
CA ALA D 77 7.72 8.10 -41.92
C ALA D 77 6.58 7.79 -42.89
N GLU D 78 5.35 7.84 -42.41
CA GLU D 78 4.17 7.55 -43.22
C GLU D 78 4.04 8.53 -44.40
N VAL D 79 4.19 9.82 -44.10
CA VAL D 79 4.19 10.89 -45.10
C VAL D 79 5.22 10.63 -46.20
N LEU D 80 6.44 10.25 -45.81
CA LEU D 80 7.48 9.89 -46.80
C LEU D 80 7.18 8.68 -47.66
N VAL D 81 6.62 7.63 -47.07
CA VAL D 81 6.21 6.45 -47.82
C VAL D 81 5.17 6.81 -48.88
N LYS D 82 4.17 7.59 -48.50
CA LYS D 82 3.16 8.08 -49.45
C LYS D 82 3.76 8.98 -50.54
N SER D 83 4.58 9.96 -50.16
CA SER D 83 5.15 10.91 -51.12
C SER D 83 6.18 10.25 -52.04
N ASN D 84 6.81 9.17 -51.57
CA ASN D 84 7.67 8.34 -52.44
C ASN D 84 6.96 7.20 -53.18
N ASN D 85 5.63 7.20 -53.19
CA ASN D 85 4.83 6.21 -53.92
C ASN D 85 5.21 4.78 -53.57
N LEU D 86 5.28 4.49 -52.28
CA LEU D 86 5.75 3.18 -51.83
C LEU D 86 4.81 2.51 -50.82
N THR D 87 3.53 2.86 -50.86
CA THR D 87 2.55 2.30 -49.92
C THR D 87 2.32 0.83 -50.26
N ASP D 88 2.53 0.46 -51.51
CA ASP D 88 2.54 -0.94 -51.94
C ASP D 88 3.51 -1.75 -51.07
N ARG D 89 4.72 -1.23 -50.88
CA ARG D 89 5.80 -2.03 -50.33
C ARG D 89 6.27 -1.72 -48.90
N ILE D 90 5.93 -0.55 -48.35
CA ILE D 90 6.30 -0.23 -46.96
C ILE D 90 5.05 0.12 -46.18
N VAL D 91 4.83 -0.60 -45.09
CA VAL D 91 3.72 -0.34 -44.17
C VAL D 91 4.34 0.12 -42.85
N VAL D 92 3.98 1.32 -42.42
CA VAL D 92 4.50 1.88 -41.19
C VAL D 92 3.57 1.44 -40.07
N ILE D 93 4.12 0.94 -38.97
CA ILE D 93 3.35 0.52 -37.81
C ILE D 93 3.81 1.31 -36.59
N PRO D 94 2.98 2.26 -36.11
CA PRO D 94 3.33 3.01 -34.91
C PRO D 94 3.29 2.13 -33.65
N GLY D 95 4.30 2.21 -32.81
CA GLY D 95 4.36 1.43 -31.57
C GLY D 95 5.71 0.79 -31.38
N LYS D 96 5.92 0.18 -30.23
CA LYS D 96 7.12 -0.56 -29.98
C LYS D 96 7.04 -1.92 -30.65
N VAL D 97 8.19 -2.47 -31.01
CA VAL D 97 8.21 -3.76 -31.68
C VAL D 97 7.72 -4.85 -30.72
N GLU D 98 7.88 -4.64 -29.42
CA GLU D 98 7.43 -5.60 -28.41
C GLU D 98 5.91 -5.67 -28.27
N GLU D 99 5.22 -4.61 -28.65
CA GLU D 99 3.78 -4.47 -28.43
C GLU D 99 2.89 -4.59 -29.69
N VAL D 100 3.42 -4.32 -30.88
CA VAL D 100 2.57 -4.27 -32.06
C VAL D 100 2.24 -5.68 -32.55
N SER D 101 1.27 -5.76 -33.46
CA SER D 101 1.04 -6.99 -34.20
C SER D 101 1.34 -6.82 -35.69
N LEU D 102 2.00 -7.81 -36.27
CA LEU D 102 2.27 -7.84 -37.69
C LEU D 102 1.32 -8.84 -38.33
N PRO D 103 0.99 -8.64 -39.61
CA PRO D 103 0.08 -9.60 -40.23
C PRO D 103 0.72 -10.91 -40.69
N GLU D 104 2.05 -11.00 -40.68
CA GLU D 104 2.71 -12.21 -41.19
C GLU D 104 4.15 -12.30 -40.68
N GLN D 105 4.76 -13.46 -40.87
CA GLN D 105 6.17 -13.66 -40.50
C GLN D 105 7.11 -13.07 -41.58
N VAL D 106 8.35 -12.84 -41.23
CA VAL D 106 9.27 -12.15 -42.14
C VAL D 106 10.49 -12.98 -42.44
N ASP D 107 11.13 -12.67 -43.57
CA ASP D 107 12.36 -13.32 -44.02
C ASP D 107 13.63 -12.75 -43.41
N ILE D 108 13.62 -11.45 -43.08
CA ILE D 108 14.81 -10.77 -42.60
C ILE D 108 14.41 -9.57 -41.75
N ILE D 109 15.18 -9.32 -40.71
CA ILE D 109 14.97 -8.18 -39.84
C ILE D 109 16.15 -7.24 -40.04
N ILE D 110 15.85 -5.95 -40.21
CA ILE D 110 16.90 -4.95 -40.33
C ILE D 110 16.67 -3.90 -39.26
N SER D 111 17.76 -3.35 -38.73
CA SER D 111 17.68 -2.40 -37.65
C SER D 111 19.04 -1.77 -37.41
N GLU D 112 19.01 -0.72 -36.60
CA GLU D 112 20.19 -0.04 -36.09
C GLU D 112 20.10 0.02 -34.56
N PRO D 113 20.20 -1.13 -33.93
CA PRO D 113 19.97 -1.21 -32.50
C PRO D 113 21.19 -0.83 -31.66
N MET D 114 22.35 -0.66 -32.28
CA MET D 114 23.58 -0.41 -31.53
C MET D 114 23.50 0.95 -30.81
N GLY D 115 23.93 0.96 -29.56
CA GLY D 115 24.11 2.19 -28.78
C GLY D 115 25.58 2.38 -28.45
N TYR D 116 25.88 3.42 -27.68
CA TYR D 116 27.24 3.62 -27.19
C TYR D 116 27.72 2.33 -26.55
N MET D 117 28.97 1.95 -26.82
CA MET D 117 29.53 0.78 -26.17
C MET D 117 28.72 -0.47 -26.57
N LEU D 118 28.11 -0.40 -27.76
CA LEU D 118 27.13 -1.38 -28.29
C LEU D 118 25.79 -1.51 -27.56
N PHE D 119 25.83 -1.69 -26.24
CA PHE D 119 24.64 -2.13 -25.47
C PHE D 119 23.73 -1.02 -24.93
N ASN D 120 24.22 0.21 -24.88
CA ASN D 120 23.42 1.31 -24.37
C ASN D 120 22.11 1.44 -25.15
N GLU D 121 21.08 1.94 -24.46
CA GLU D 121 19.68 2.03 -24.93
C GLU D 121 18.90 0.74 -24.71
N ARG D 122 19.60 -0.38 -24.60
CA ARG D 122 18.98 -1.70 -24.52
C ARG D 122 18.11 -1.96 -25.72
N MET D 123 18.44 -1.37 -26.85
CA MET D 123 17.68 -1.62 -28.08
C MET D 123 18.04 -2.99 -28.67
N LEU D 124 19.22 -3.50 -28.35
CA LEU D 124 19.60 -4.86 -28.79
C LEU D 124 18.61 -5.90 -28.30
N GLU D 125 18.00 -5.63 -27.15
CA GLU D 125 16.97 -6.51 -26.61
C GLU D 125 15.70 -6.48 -27.45
N SER D 126 15.29 -5.29 -27.86
CA SER D 126 14.15 -5.15 -28.72
C SER D 126 14.37 -5.85 -30.05
N TYR D 127 15.62 -5.83 -30.52
CA TYR D 127 16.02 -6.45 -31.78
C TYR D 127 15.95 -7.96 -31.68
N LEU D 128 16.52 -8.50 -30.60
CA LEU D 128 16.44 -9.94 -30.33
C LEU D 128 14.99 -10.39 -30.13
N HIS D 129 14.20 -9.56 -29.44
CA HIS D 129 12.77 -9.83 -29.23
C HIS D 129 11.96 -9.93 -30.52
N ALA D 130 12.31 -9.11 -31.49
CA ALA D 130 11.68 -9.11 -32.79
C ALA D 130 11.82 -10.44 -33.53
N LYS D 131 12.73 -11.30 -33.09
CA LYS D 131 12.86 -12.61 -33.71
C LYS D 131 11.63 -13.49 -33.61
N LYS D 132 10.68 -13.18 -32.72
CA LYS D 132 9.38 -13.87 -32.72
C LYS D 132 8.61 -13.75 -34.04
N TYR D 133 8.96 -12.76 -34.85
CA TYR D 133 8.36 -12.61 -36.16
C TYR D 133 9.16 -13.26 -37.29
N LEU D 134 10.35 -13.77 -36.98
CA LEU D 134 11.30 -14.25 -37.97
C LEU D 134 10.99 -15.68 -38.38
N LYS D 135 10.82 -15.92 -39.68
CA LYS D 135 10.74 -17.27 -40.22
C LYS D 135 11.97 -18.09 -39.84
N PRO D 136 11.81 -19.43 -39.74
CA PRO D 136 12.95 -20.34 -39.63
C PRO D 136 13.96 -20.12 -40.74
N SER D 137 15.25 -20.07 -40.41
CA SER D 137 16.29 -19.75 -41.38
C SER D 137 16.19 -18.32 -41.97
N GLY D 138 15.45 -17.43 -41.32
CA GLY D 138 15.43 -16.00 -41.69
C GLY D 138 16.71 -15.37 -41.21
N ASN D 139 16.99 -14.15 -41.65
CA ASN D 139 18.29 -13.53 -41.41
C ASN D 139 18.09 -12.22 -40.64
N MET D 140 19.17 -11.68 -40.09
N MET D 140 19.17 -11.71 -40.05
CA MET D 140 19.12 -10.39 -39.44
CA MET D 140 19.19 -10.44 -39.32
C MET D 140 20.27 -9.54 -39.90
C MET D 140 20.28 -9.56 -39.91
N PHE D 141 19.98 -8.27 -40.12
CA PHE D 141 20.94 -7.27 -40.60
C PHE D 141 20.94 -6.07 -39.65
N PRO D 142 21.94 -5.96 -38.75
CA PRO D 142 23.17 -6.73 -38.57
C PRO D 142 23.00 -8.14 -38.03
N THR D 143 23.94 -9.02 -38.37
CA THR D 143 23.85 -10.42 -38.01
C THR D 143 24.60 -10.68 -36.70
N ILE D 144 25.77 -10.07 -36.54
CA ILE D 144 26.56 -10.15 -35.32
C ILE D 144 27.10 -8.78 -34.95
N GLY D 145 27.42 -8.62 -33.67
CA GLY D 145 28.07 -7.42 -33.16
C GLY D 145 29.20 -7.80 -32.22
N ASP D 146 30.35 -7.14 -32.38
CA ASP D 146 31.51 -7.37 -31.52
C ASP D 146 31.77 -6.09 -30.73
N VAL D 147 31.76 -6.16 -29.40
N VAL D 147 31.74 -6.14 -29.40
CA VAL D 147 32.28 -5.08 -28.55
CA VAL D 147 32.28 -5.05 -28.58
C VAL D 147 33.77 -5.30 -28.36
C VAL D 147 33.76 -5.29 -28.37
N HIS D 148 34.54 -4.22 -28.47
CA HIS D 148 35.99 -4.28 -28.30
C HIS D 148 36.36 -3.40 -27.13
N LEU D 149 37.29 -3.89 -26.31
CA LEU D 149 37.88 -3.08 -25.24
C LEU D 149 39.39 -3.14 -25.25
N ALA D 150 40.01 -2.01 -24.92
CA ALA D 150 41.47 -1.89 -24.90
C ALA D 150 41.88 -0.89 -23.83
N PRO D 151 43.07 -1.08 -23.24
CA PRO D 151 43.54 -0.16 -22.20
C PRO D 151 44.08 1.12 -22.84
N PHE D 152 43.85 2.27 -22.21
CA PHE D 152 44.39 3.53 -22.76
C PHE D 152 45.15 4.29 -21.69
N THR D 153 46.00 5.22 -22.14
CA THR D 153 46.61 6.21 -21.27
C THR D 153 46.19 7.60 -21.75
N ASP D 154 45.66 8.43 -20.87
CA ASP D 154 45.28 9.78 -21.26
C ASP D 154 45.28 10.69 -20.03
N GLU D 155 46.42 11.32 -19.77
CA GLU D 155 46.62 12.05 -18.51
C GLU D 155 45.71 13.26 -18.42
N GLN D 156 45.43 13.86 -19.58
CA GLN D 156 44.53 15.00 -19.71
C GLN D 156 43.10 14.65 -19.26
N LEU D 157 42.59 13.51 -19.73
CA LEU D 157 41.23 13.04 -19.40
C LEU D 157 41.10 12.72 -17.92
N TYR D 158 42.06 11.96 -17.40
CA TYR D 158 42.05 11.60 -15.99
C TYR D 158 42.00 12.82 -15.07
N MET D 159 42.87 13.79 -15.33
CA MET D 159 43.03 14.94 -14.45
C MET D 159 41.85 15.90 -14.57
N GLU D 160 41.21 15.93 -15.73
CA GLU D 160 39.99 16.72 -15.92
C GLU D 160 38.91 16.40 -14.89
N GLN D 161 38.82 15.14 -14.49
CA GLN D 161 37.81 14.72 -13.53
C GLN D 161 37.96 15.48 -12.20
N PHE D 162 39.21 15.77 -11.80
CA PHE D 162 39.47 16.52 -10.58
C PHE D 162 39.32 18.01 -10.82
N THR D 163 39.90 18.50 -11.91
CA THR D 163 39.81 19.91 -12.30
C THR D 163 38.37 20.42 -12.45
N LYS D 164 37.51 19.57 -12.99
CA LYS D 164 36.10 19.94 -13.11
C LYS D 164 35.42 20.10 -11.73
N ALA D 165 35.95 19.44 -10.71
CA ALA D 165 35.42 19.56 -9.33
C ALA D 165 36.00 20.71 -8.50
N ASN D 166 36.92 21.48 -9.07
CA ASN D 166 37.58 22.60 -8.35
C ASN D 166 36.62 23.62 -7.75
N PHE D 167 35.51 23.88 -8.44
CA PHE D 167 34.48 24.75 -7.92
C PHE D 167 34.15 24.44 -6.45
N TRP D 168 34.20 23.16 -6.09
CA TRP D 168 33.73 22.70 -4.79
C TRP D 168 34.76 22.92 -3.68
N TYR D 169 36.00 23.27 -4.03
CA TYR D 169 36.96 23.60 -2.99
C TYR D 169 36.63 24.91 -2.28
N GLN D 170 35.85 25.80 -2.90
CA GLN D 170 35.66 27.16 -2.34
C GLN D 170 35.27 27.13 -0.86
N PRO D 171 36.12 27.68 0.02
CA PRO D 171 35.77 27.73 1.45
C PRO D 171 34.78 28.87 1.82
N SER D 172 34.54 29.81 0.91
CA SER D 172 33.57 30.87 1.17
C SER D 172 32.88 31.36 -0.10
N PHE D 173 32.07 30.49 -0.67
CA PHE D 173 31.20 30.86 -1.75
C PHE D 173 30.01 31.58 -1.15
N HIS D 174 30.07 32.91 -1.19
CA HIS D 174 29.09 33.75 -0.52
C HIS D 174 28.86 33.31 0.93
N GLY D 175 29.94 33.08 1.67
CA GLY D 175 29.85 32.69 3.08
C GLY D 175 29.56 31.23 3.35
N VAL D 176 29.56 30.39 2.32
CA VAL D 176 29.34 28.97 2.47
C VAL D 176 30.58 28.16 2.08
N ASP D 177 31.03 27.28 2.97
CA ASP D 177 32.12 26.35 2.64
C ASP D 177 31.57 25.17 1.83
N LEU D 178 32.00 25.05 0.58
CA LEU D 178 31.54 23.98 -0.30
C LEU D 178 32.37 22.70 -0.25
N SER D 179 33.52 22.75 0.44
CA SER D 179 34.56 21.71 0.41
C SER D 179 34.10 20.29 0.68
N ALA D 180 33.13 20.14 1.57
CA ALA D 180 32.69 18.79 1.95
C ALA D 180 32.07 18.00 0.78
N LEU D 181 31.72 18.68 -0.32
CA LEU D 181 31.10 18.03 -1.49
C LEU D 181 32.08 17.73 -2.64
N ARG D 182 33.34 18.16 -2.49
CA ARG D 182 34.34 18.00 -3.53
C ARG D 182 34.60 16.51 -3.87
N GLY D 183 34.72 15.66 -2.85
CA GLY D 183 34.88 14.21 -3.07
C GLY D 183 33.72 13.59 -3.86
N ALA D 184 32.51 14.01 -3.54
CA ALA D 184 31.33 13.50 -4.21
C ALA D 184 31.28 13.97 -5.65
N ALA D 185 31.69 15.22 -5.91
CA ALA D 185 31.70 15.75 -7.29
C ALA D 185 32.66 14.94 -8.16
N VAL D 186 33.83 14.65 -7.57
CA VAL D 186 34.85 13.86 -8.25
C VAL D 186 34.36 12.43 -8.52
N ASP D 187 33.80 11.79 -7.50
CA ASP D 187 33.18 10.47 -7.66
C ASP D 187 32.18 10.43 -8.79
N GLU D 188 31.30 11.42 -8.82
CA GLU D 188 30.29 11.48 -9.86
C GLU D 188 30.92 11.53 -11.26
N TYR D 189 31.95 12.38 -11.44
CA TYR D 189 32.57 12.56 -12.74
C TYR D 189 33.22 11.26 -13.22
N PHE D 190 33.95 10.59 -12.33
CA PHE D 190 34.56 9.30 -12.64
C PHE D 190 33.55 8.22 -13.03
N ARG D 191 32.31 8.36 -12.57
CA ARG D 191 31.28 7.38 -12.90
C ARG D 191 30.62 7.59 -14.26
N GLN D 192 30.97 8.66 -14.96
CA GLN D 192 30.44 8.92 -16.31
C GLN D 192 31.33 8.33 -17.40
N PRO D 193 30.77 7.43 -18.21
CA PRO D 193 31.52 7.03 -19.40
C PRO D 193 31.69 8.23 -20.34
N VAL D 194 32.84 8.29 -20.99
CA VAL D 194 33.25 9.43 -21.77
C VAL D 194 33.07 9.12 -23.24
N VAL D 195 32.17 9.85 -23.87
CA VAL D 195 31.92 9.74 -25.29
C VAL D 195 32.69 10.82 -26.06
N ASP D 196 33.73 10.38 -26.75
CA ASP D 196 34.44 11.20 -27.71
C ASP D 196 35.43 10.32 -28.47
N THR D 197 36.18 10.92 -29.37
CA THR D 197 37.19 10.18 -30.08
C THR D 197 38.57 10.55 -29.60
N PHE D 198 39.55 9.81 -30.10
CA PHE D 198 40.91 9.95 -29.63
C PHE D 198 41.85 9.38 -30.67
N ASP D 199 43.12 9.75 -30.54
CA ASP D 199 44.19 9.20 -31.35
C ASP D 199 44.48 7.78 -30.89
N ILE D 200 44.59 6.86 -31.83
CA ILE D 200 44.97 5.46 -31.56
C ILE D 200 46.31 5.27 -30.83
N ARG D 201 47.18 6.28 -30.90
CA ARG D 201 48.46 6.25 -30.17
C ARG D 201 48.27 6.13 -28.66
N ILE D 202 47.08 6.44 -28.13
CA ILE D 202 46.85 6.28 -26.69
C ILE D 202 46.55 4.85 -26.23
N LEU D 203 46.32 3.93 -27.18
CA LEU D 203 45.98 2.54 -26.82
C LEU D 203 47.26 1.78 -26.55
N MET D 204 47.27 1.06 -25.43
CA MET D 204 48.49 0.44 -24.93
CA MET D 204 48.49 0.45 -24.92
C MET D 204 48.59 -1.05 -25.23
N ALA D 205 47.57 -1.59 -25.92
CA ALA D 205 47.49 -3.00 -26.26
C ALA D 205 46.42 -3.24 -27.33
N LYS D 206 46.63 -4.28 -28.15
CA LYS D 206 45.59 -4.77 -29.06
C LYS D 206 44.33 -5.15 -28.26
N SER D 207 43.16 -4.85 -28.83
CA SER D 207 41.88 -4.98 -28.13
C SER D 207 41.45 -6.42 -27.90
N VAL D 208 40.62 -6.62 -26.88
CA VAL D 208 39.93 -7.89 -26.60
C VAL D 208 38.46 -7.74 -27.00
N LYS D 209 37.84 -8.82 -27.48
CA LYS D 209 36.46 -8.71 -27.97
C LYS D 209 35.44 -9.65 -27.32
N TYR D 210 34.18 -9.31 -27.56
CA TYR D 210 33.04 -10.08 -27.08
C TYR D 210 31.97 -9.98 -28.18
N THR D 211 31.51 -11.15 -28.61
CA THR D 211 30.64 -11.29 -29.75
C THR D 211 29.24 -11.62 -29.31
N VAL D 212 28.26 -10.94 -29.90
CA VAL D 212 26.87 -11.30 -29.73
C VAL D 212 26.39 -11.69 -31.11
N ASN D 213 25.96 -12.94 -31.25
CA ASN D 213 25.43 -13.44 -32.50
C ASN D 213 23.94 -13.20 -32.44
N PHE D 214 23.44 -12.30 -33.28
CA PHE D 214 22.04 -11.89 -33.17
C PHE D 214 21.07 -12.97 -33.62
N LEU D 215 21.51 -13.90 -34.45
CA LEU D 215 20.65 -15.03 -34.85
C LEU D 215 20.48 -16.07 -33.73
N GLU D 216 21.53 -16.29 -32.94
CA GLU D 216 21.50 -17.26 -31.84
C GLU D 216 21.03 -16.67 -30.51
N ALA D 217 21.40 -15.42 -30.21
CA ALA D 217 21.20 -14.89 -28.86
C ALA D 217 19.75 -14.70 -28.47
N LYS D 218 19.48 -14.85 -27.17
CA LYS D 218 18.14 -14.63 -26.59
C LYS D 218 18.17 -13.30 -25.84
N GLU D 219 17.03 -12.63 -25.86
CA GLU D 219 16.82 -11.34 -25.20
C GLU D 219 17.42 -11.29 -23.78
N GLY D 220 17.12 -12.32 -23.01
CA GLY D 220 17.64 -12.47 -21.66
C GLY D 220 19.14 -12.55 -21.49
N ASP D 221 19.87 -13.00 -22.52
CA ASP D 221 21.36 -13.02 -22.45
C ASP D 221 21.98 -11.63 -22.23
N LEU D 222 21.25 -10.57 -22.54
CA LEU D 222 21.80 -9.22 -22.43
C LEU D 222 21.47 -8.55 -21.10
N HIS D 223 20.89 -9.30 -20.17
CA HIS D 223 20.57 -8.76 -18.85
C HIS D 223 21.83 -8.67 -17.96
N ARG D 224 22.70 -9.67 -18.09
N ARG D 224 22.70 -9.66 -18.10
CA ARG D 224 23.98 -9.71 -17.40
CA ARG D 224 23.98 -9.71 -17.40
C ARG D 224 25.06 -10.10 -18.38
C ARG D 224 25.06 -10.10 -18.38
N ILE D 225 25.95 -9.15 -18.70
CA ILE D 225 26.99 -9.38 -19.70
C ILE D 225 28.37 -9.36 -19.04
N GLU D 226 29.09 -10.47 -19.17
CA GLU D 226 30.37 -10.60 -18.48
C GLU D 226 31.51 -10.76 -19.46
N ILE D 227 32.46 -9.82 -19.40
CA ILE D 227 33.55 -9.75 -20.36
C ILE D 227 34.88 -9.81 -19.65
N PRO D 228 35.57 -10.98 -19.71
CA PRO D 228 36.92 -11.06 -19.17
C PRO D 228 37.96 -10.62 -20.20
N PHE D 229 39.11 -10.14 -19.71
CA PHE D 229 40.19 -9.69 -20.58
C PHE D 229 41.55 -10.03 -19.96
N LYS D 230 42.54 -10.21 -20.84
CA LYS D 230 43.95 -10.33 -20.46
C LYS D 230 44.73 -9.62 -21.55
N PHE D 231 45.07 -8.36 -21.31
CA PHE D 231 45.80 -7.57 -22.31
C PHE D 231 47.29 -7.86 -22.19
N HIS D 232 47.97 -8.02 -23.32
CA HIS D 232 49.43 -8.04 -23.35
C HIS D 232 49.91 -6.66 -23.77
N MET D 233 50.57 -5.97 -22.86
CA MET D 233 50.89 -4.55 -23.06
C MET D 233 52.00 -4.36 -24.11
N LEU D 234 51.75 -3.49 -25.08
CA LEU D 234 52.72 -3.17 -26.13
C LEU D 234 53.48 -1.85 -25.88
N HIS D 235 53.03 -1.07 -24.89
CA HIS D 235 53.72 0.15 -24.50
C HIS D 235 53.77 0.25 -22.98
N SER D 236 54.84 0.80 -22.43
CA SER D 236 54.92 1.06 -20.99
C SER D 236 54.17 2.35 -20.64
N GLY D 237 53.57 2.40 -19.46
CA GLY D 237 52.95 3.64 -18.97
C GLY D 237 51.84 3.48 -17.95
N LEU D 238 51.14 4.58 -17.69
CA LEU D 238 50.00 4.57 -16.81
C LEU D 238 48.74 4.21 -17.57
N VAL D 239 48.03 3.19 -17.09
CA VAL D 239 46.74 2.80 -17.64
C VAL D 239 45.62 3.50 -16.89
N HIS D 240 44.97 4.45 -17.55
CA HIS D 240 43.95 5.27 -16.88
C HIS D 240 42.56 4.65 -16.98
N GLY D 241 42.38 3.69 -17.90
CA GLY D 241 41.11 3.00 -18.06
C GLY D 241 40.99 2.11 -19.29
N LEU D 242 39.74 1.84 -19.67
CA LEU D 242 39.43 1.02 -20.83
C LEU D 242 38.65 1.80 -21.87
N ALA D 243 39.04 1.62 -23.13
CA ALA D 243 38.35 2.23 -24.24
C ALA D 243 37.49 1.17 -24.91
N PHE D 244 36.31 1.56 -25.40
CA PHE D 244 35.36 0.66 -26.03
C PHE D 244 34.91 1.18 -27.39
N TRP D 245 34.75 0.26 -28.32
CA TRP D 245 34.08 0.53 -29.59
C TRP D 245 33.40 -0.76 -30.05
N PHE D 246 32.76 -0.74 -31.22
CA PHE D 246 32.13 -1.96 -31.70
C PHE D 246 32.17 -2.08 -33.21
N ASP D 247 32.03 -3.31 -33.68
CA ASP D 247 31.91 -3.62 -35.10
C ASP D 247 30.62 -4.42 -35.25
N VAL D 248 29.87 -4.16 -36.32
CA VAL D 248 28.78 -5.10 -36.69
C VAL D 248 29.02 -5.64 -38.07
N ALA D 249 28.51 -6.86 -38.32
CA ALA D 249 28.61 -7.45 -39.65
C ALA D 249 27.22 -7.80 -40.14
N PHE D 250 26.97 -7.45 -41.41
CA PHE D 250 25.80 -7.85 -42.14
C PHE D 250 26.22 -9.05 -42.99
N ILE D 251 25.94 -10.25 -42.52
CA ILE D 251 26.41 -11.47 -43.21
C ILE D 251 25.34 -11.93 -44.19
N GLY D 252 25.44 -11.44 -45.43
CA GLY D 252 24.44 -11.72 -46.46
C GLY D 252 24.85 -12.97 -47.23
N SER D 253 23.99 -13.40 -48.15
CA SER D 253 24.25 -14.60 -48.92
C SER D 253 25.30 -14.29 -49.96
N ILE D 254 25.39 -13.01 -50.34
CA ILE D 254 26.33 -12.61 -51.36
C ILE D 254 27.62 -12.06 -50.77
N MET D 255 27.53 -11.15 -49.81
CA MET D 255 28.72 -10.69 -49.11
C MET D 255 28.49 -10.22 -47.69
N THR D 256 29.59 -10.19 -46.97
CA THR D 256 29.63 -9.73 -45.61
C THR D 256 30.19 -8.31 -45.59
N VAL D 257 29.38 -7.41 -45.02
CA VAL D 257 29.70 -6.00 -44.96
C VAL D 257 29.83 -5.64 -43.50
N TRP D 258 30.93 -4.96 -43.17
CA TRP D 258 31.18 -4.53 -41.81
C TRP D 258 30.93 -3.04 -41.64
N LEU D 259 30.33 -2.68 -40.52
CA LEU D 259 30.30 -1.30 -40.06
C LEU D 259 31.11 -1.26 -38.77
N SER D 260 32.24 -0.55 -38.77
CA SER D 260 33.13 -0.46 -37.60
C SER D 260 33.13 0.96 -36.97
N THR D 261 33.14 1.02 -35.63
CA THR D 261 33.28 2.32 -34.95
C THR D 261 34.67 2.45 -34.28
N ALA D 262 35.64 1.72 -34.79
CA ALA D 262 36.98 1.73 -34.22
C ALA D 262 37.65 3.09 -34.45
N PRO D 263 38.55 3.48 -33.54
CA PRO D 263 39.30 4.71 -33.73
C PRO D 263 40.24 4.72 -34.97
N THR D 264 40.44 3.57 -35.61
CA THR D 264 41.19 3.47 -36.87
C THR D 264 40.32 3.71 -38.10
N GLU D 265 39.00 3.77 -37.90
CA GLU D 265 38.05 3.95 -38.99
C GLU D 265 37.43 5.33 -38.91
N PRO D 266 36.81 5.79 -39.99
CA PRO D 266 36.24 7.12 -39.94
C PRO D 266 35.19 7.24 -38.86
N LEU D 267 35.05 8.45 -38.34
CA LEU D 267 34.20 8.70 -37.19
C LEU D 267 32.73 8.53 -37.54
N THR D 268 31.98 7.93 -36.63
CA THR D 268 30.53 7.78 -36.74
C THR D 268 29.90 8.52 -35.57
N HIS D 269 28.57 8.61 -35.56
CA HIS D 269 27.87 9.28 -34.44
C HIS D 269 27.97 8.48 -33.10
N TRP D 270 28.54 7.28 -33.10
CA TRP D 270 28.77 6.56 -31.84
C TRP D 270 30.11 6.90 -31.20
N TYR D 271 30.97 7.61 -31.95
CA TYR D 271 32.30 7.98 -31.47
C TYR D 271 33.00 6.74 -30.94
N GLN D 272 33.68 6.88 -29.80
CA GLN D 272 34.13 5.78 -28.97
C GLN D 272 33.80 6.13 -27.51
N VAL D 273 33.94 5.15 -26.61
CA VAL D 273 33.66 5.36 -25.18
C VAL D 273 34.88 4.96 -24.34
N ARG D 274 35.15 5.72 -23.28
CA ARG D 274 36.23 5.40 -22.35
C ARG D 274 35.70 5.44 -20.92
N CYS D 275 36.05 4.42 -20.15
CA CYS D 275 35.70 4.35 -18.74
C CYS D 275 37.01 4.36 -17.95
N LEU D 276 37.11 5.31 -17.02
CA LEU D 276 38.32 5.48 -16.26
C LEU D 276 38.33 4.55 -15.07
N PHE D 277 39.55 4.23 -14.61
CA PHE D 277 39.72 3.61 -13.30
C PHE D 277 39.81 4.72 -12.26
N GLN D 278 39.31 4.42 -11.07
CA GLN D 278 39.40 5.34 -9.92
C GLN D 278 40.85 5.75 -9.77
N SER D 279 41.74 4.77 -9.85
CA SER D 279 43.17 4.98 -9.67
C SER D 279 43.95 4.29 -10.81
N PRO D 280 44.81 5.02 -11.53
CA PRO D 280 45.53 4.44 -12.66
C PRO D 280 46.52 3.35 -12.26
N LEU D 281 46.86 2.50 -13.21
CA LEU D 281 47.76 1.37 -12.98
C LEU D 281 48.97 1.47 -13.87
N PHE D 282 50.17 1.35 -13.29
CA PHE D 282 51.39 1.35 -14.10
C PHE D 282 51.60 -0.03 -14.71
N ALA D 283 52.03 -0.08 -15.98
CA ALA D 283 52.45 -1.32 -16.62
C ALA D 283 53.57 -1.07 -17.62
N LYS D 284 54.49 -2.01 -17.68
CA LYS D 284 55.61 -1.96 -18.63
C LYS D 284 55.26 -2.82 -19.86
N ALA D 285 55.82 -2.46 -21.01
CA ALA D 285 55.65 -3.25 -22.23
C ALA D 285 56.05 -4.70 -21.92
N GLY D 286 55.22 -5.66 -22.34
CA GLY D 286 55.46 -7.07 -22.02
C GLY D 286 54.69 -7.56 -20.81
N ASP D 287 54.28 -6.66 -19.93
CA ASP D 287 53.32 -7.00 -18.87
C ASP D 287 51.95 -7.43 -19.42
N THR D 288 51.14 -8.02 -18.54
CA THR D 288 49.77 -8.36 -18.87
C THR D 288 48.82 -7.72 -17.86
N LEU D 289 47.69 -7.23 -18.38
CA LEU D 289 46.65 -6.63 -17.56
C LEU D 289 45.37 -7.46 -17.68
N SER D 290 44.84 -7.93 -16.56
CA SER D 290 43.65 -8.77 -16.58
C SER D 290 42.63 -8.38 -15.52
N GLY D 291 41.40 -8.81 -15.75
CA GLY D 291 40.27 -8.48 -14.89
C GLY D 291 38.99 -8.74 -15.66
N THR D 292 37.88 -8.15 -15.23
CA THR D 292 36.62 -8.32 -15.97
C THR D 292 35.78 -7.06 -16.02
N CYS D 293 34.97 -6.97 -17.08
CA CYS D 293 33.99 -5.93 -17.24
C CYS D 293 32.64 -6.59 -17.18
N LEU D 294 31.83 -6.15 -16.23
CA LEU D 294 30.49 -6.69 -15.99
C LEU D 294 29.44 -5.62 -16.28
N LEU D 295 28.50 -5.91 -17.17
CA LEU D 295 27.38 -5.00 -17.39
C LEU D 295 26.08 -5.61 -16.93
N ILE D 296 25.33 -4.86 -16.11
CA ILE D 296 24.06 -5.30 -15.54
C ILE D 296 22.96 -4.34 -15.97
N ALA D 297 21.92 -4.86 -16.63
CA ALA D 297 20.86 -4.01 -17.17
C ALA D 297 20.04 -3.36 -16.05
N ASN D 298 19.79 -2.04 -16.15
CA ASN D 298 18.94 -1.31 -15.18
C ASN D 298 17.62 -0.82 -15.81
N LYS D 299 16.79 -0.16 -15.00
CA LYS D 299 15.46 0.28 -15.46
C LYS D 299 15.49 1.54 -16.32
N ARG D 300 16.63 2.24 -16.40
CA ARG D 300 16.72 3.47 -17.20
C ARG D 300 17.32 3.24 -18.60
N GLN D 301 16.93 2.15 -19.28
CA GLN D 301 17.37 1.86 -20.65
C GLN D 301 18.89 1.83 -20.76
N SER D 302 19.56 1.33 -19.72
CA SER D 302 21.01 1.35 -19.68
C SER D 302 21.53 0.27 -18.73
N TYR D 303 22.80 0.38 -18.39
CA TYR D 303 23.52 -0.63 -17.63
C TYR D 303 24.33 0.00 -16.53
N ASP D 304 24.50 -0.75 -15.44
CA ASP D 304 25.55 -0.45 -14.47
C ASP D 304 26.77 -1.21 -14.94
N ILE D 305 27.89 -0.51 -15.04
CA ILE D 305 29.14 -1.08 -15.53
C ILE D 305 30.09 -1.26 -14.35
N SER D 306 30.61 -2.47 -14.18
CA SER D 306 31.62 -2.73 -13.18
C SER D 306 32.90 -3.16 -13.90
N ILE D 307 33.99 -2.47 -13.63
CA ILE D 307 35.27 -2.87 -14.16
C ILE D 307 36.23 -3.10 -13.00
N VAL D 308 36.87 -4.26 -13.01
CA VAL D 308 37.92 -4.60 -12.07
C VAL D 308 39.11 -5.01 -12.92
N ALA D 309 40.29 -4.46 -12.65
CA ALA D 309 41.47 -4.84 -13.41
C ALA D 309 42.74 -4.80 -12.58
N GLN D 310 43.74 -5.56 -13.02
CA GLN D 310 45.00 -5.65 -12.29
C GLN D 310 46.18 -5.93 -13.21
N VAL D 311 47.36 -5.48 -12.79
CA VAL D 311 48.60 -5.80 -13.48
C VAL D 311 49.07 -7.09 -12.84
N ASP D 312 49.25 -8.14 -13.64
CA ASP D 312 49.43 -9.49 -13.10
C ASP D 312 50.76 -9.63 -12.36
N GLN D 313 51.80 -9.03 -12.92
CA GLN D 313 53.12 -9.04 -12.30
C GLN D 313 53.11 -8.33 -10.94
N THR D 314 52.81 -7.03 -10.92
CA THR D 314 52.86 -6.26 -9.67
C THR D 314 51.64 -6.46 -8.75
N GLY D 315 50.49 -6.76 -9.34
CA GLY D 315 49.24 -6.90 -8.58
C GLY D 315 48.58 -5.61 -8.10
N SER D 316 48.88 -4.47 -8.74
CA SER D 316 48.13 -3.23 -8.47
C SER D 316 46.70 -3.46 -8.94
N LYS D 317 45.74 -3.08 -8.11
CA LYS D 317 44.33 -3.33 -8.38
C LYS D 317 43.57 -2.02 -8.47
N SER D 318 42.64 -1.93 -9.42
CA SER D 318 41.70 -0.83 -9.44
C SER D 318 40.35 -1.28 -9.96
N SER D 319 39.31 -0.63 -9.49
CA SER D 319 37.96 -0.90 -9.93
C SER D 319 37.25 0.40 -10.27
N ASN D 320 36.03 0.27 -10.77
CA ASN D 320 35.15 1.42 -10.90
C ASN D 320 33.78 0.87 -11.20
N LEU D 321 32.76 1.63 -10.83
CA LEU D 321 31.37 1.31 -11.11
C LEU D 321 30.79 2.54 -11.81
N LEU D 322 30.41 2.40 -13.08
CA LEU D 322 30.00 3.56 -13.87
C LEU D 322 28.54 3.47 -14.27
N ASP D 323 27.94 4.61 -14.59
CA ASP D 323 26.52 4.72 -14.94
C ASP D 323 26.38 5.12 -16.40
N LEU D 324 26.09 4.16 -17.25
CA LEU D 324 25.97 4.43 -18.66
C LEU D 324 24.75 5.33 -18.99
N LYS D 325 23.87 5.57 -18.02
CA LYS D 325 22.76 6.52 -18.19
C LYS D 325 23.18 7.99 -18.10
N ASN D 326 24.40 8.25 -17.65
CA ASN D 326 24.89 9.63 -17.52
C ASN D 326 26.24 9.79 -18.20
N PRO D 327 26.26 9.64 -19.54
CA PRO D 327 27.54 9.75 -20.21
C PRO D 327 27.99 11.20 -20.24
N PHE D 328 29.30 11.41 -20.31
CA PHE D 328 29.82 12.73 -20.60
C PHE D 328 30.21 12.84 -22.09
N PHE D 329 29.48 13.67 -22.84
CA PHE D 329 29.82 13.93 -24.24
C PHE D 329 30.94 14.99 -24.27
N ARG D 330 32.17 14.52 -24.42
CA ARG D 330 33.35 15.39 -24.38
C ARG D 330 33.67 15.98 -25.75
N TYR D 331 33.16 15.34 -26.80
CA TYR D 331 33.28 15.86 -28.15
C TYR D 331 32.39 17.08 -28.32
N TYR E 4 18.35 -18.92 28.59
CA TYR E 4 17.41 -20.05 28.32
C TYR E 4 17.11 -20.86 29.58
N PHE E 5 18.09 -21.06 30.44
CA PHE E 5 17.94 -21.98 31.58
C PHE E 5 16.95 -21.52 32.64
N GLN E 6 16.67 -20.22 32.74
CA GLN E 6 15.63 -19.73 33.66
C GLN E 6 14.27 -20.34 33.28
N PHE E 7 13.91 -20.17 32.01
CA PHE E 7 12.69 -20.71 31.39
C PHE E 7 12.47 -22.22 31.64
N TYR E 8 13.55 -22.99 31.63
CA TYR E 8 13.43 -24.45 31.79
C TYR E 8 13.22 -24.89 33.22
N GLY E 9 13.44 -23.99 34.17
CA GLY E 9 13.27 -24.28 35.58
C GLY E 9 11.85 -24.52 36.06
N TYR E 10 10.85 -24.13 35.26
CA TYR E 10 9.43 -24.20 35.68
C TYR E 10 8.73 -25.50 35.37
N LEU E 11 7.95 -25.97 36.34
CA LEU E 11 7.15 -27.20 36.18
C LEU E 11 6.01 -27.08 35.18
N SER E 12 5.39 -25.90 35.08
CA SER E 12 4.38 -25.68 34.03
C SER E 12 4.99 -25.80 32.62
N GLN E 13 6.26 -25.43 32.50
CA GLN E 13 6.98 -25.59 31.23
C GLN E 13 7.29 -27.08 31.01
N GLN E 14 7.82 -27.74 32.04
CA GLN E 14 8.03 -29.21 32.01
C GLN E 14 6.80 -29.99 31.59
N GLN E 15 5.66 -29.61 32.14
CA GLN E 15 4.40 -30.29 31.85
C GLN E 15 4.13 -30.15 30.36
N ASN E 16 4.24 -28.93 29.86
CA ASN E 16 4.02 -28.68 28.44
C ASN E 16 5.00 -29.51 27.59
N MET E 17 6.26 -29.55 28.00
CA MET E 17 7.26 -30.32 27.28
C MET E 17 6.95 -31.82 27.26
N MET E 18 6.44 -32.35 28.36
CA MET E 18 6.20 -33.79 28.46
C MET E 18 4.98 -34.26 27.68
N GLN E 19 4.12 -33.33 27.25
CA GLN E 19 2.88 -33.69 26.55
C GLN E 19 3.02 -33.88 25.03
N ASP E 20 4.24 -33.99 24.52
CA ASP E 20 4.44 -34.46 23.13
C ASP E 20 4.47 -36.00 23.15
N TYR E 21 3.34 -36.60 22.81
CA TYR E 21 3.19 -38.07 22.91
C TYR E 21 3.87 -38.82 21.76
N VAL E 22 3.95 -38.19 20.61
CA VAL E 22 4.68 -38.75 19.49
C VAL E 22 6.14 -38.87 19.87
N ARG E 23 6.71 -37.79 20.36
N ARG E 23 6.72 -37.79 20.37
CA ARG E 23 8.12 -37.77 20.79
CA ARG E 23 8.13 -37.79 20.78
C ARG E 23 8.41 -38.76 21.91
C ARG E 23 8.41 -38.77 21.91
N THR E 24 7.64 -38.68 22.99
CA THR E 24 7.90 -39.50 24.18
C THR E 24 7.75 -41.00 23.92
N GLY E 25 6.67 -41.38 23.22
CA GLY E 25 6.43 -42.76 22.85
C GLY E 25 7.55 -43.30 21.98
N THR E 26 7.93 -42.52 20.96
CA THR E 26 8.99 -42.94 20.06
C THR E 26 10.34 -43.13 20.79
N TYR E 27 10.68 -42.20 21.69
CA TYR E 27 11.90 -42.35 22.49
C TYR E 27 11.82 -43.61 23.34
N GLN E 28 10.62 -43.94 23.81
CA GLN E 28 10.45 -45.13 24.67
C GLN E 28 10.64 -46.42 23.87
N ARG E 29 10.01 -46.50 22.70
CA ARG E 29 10.19 -47.66 21.82
C ARG E 29 11.63 -47.82 21.40
N ALA E 30 12.28 -46.72 21.01
CA ALA E 30 13.72 -46.76 20.67
C ALA E 30 14.60 -47.36 21.78
N ILE E 31 14.28 -47.00 23.02
CA ILE E 31 15.09 -47.43 24.15
C ILE E 31 14.72 -48.85 24.57
N LEU E 32 13.41 -49.11 24.73
CA LEU E 32 12.94 -50.42 25.17
C LEU E 32 13.24 -51.52 24.14
N GLN E 33 12.97 -51.23 22.86
CA GLN E 33 13.13 -52.25 21.81
C GLN E 33 14.58 -52.54 21.48
N ASN E 34 15.48 -51.68 21.93
CA ASN E 34 16.91 -51.95 21.90
C ASN E 34 17.46 -52.21 23.30
N HIS E 35 16.70 -52.98 24.07
CA HIS E 35 17.07 -53.31 25.47
C HIS E 35 18.50 -53.82 25.67
N THR E 36 19.07 -54.51 24.67
CA THR E 36 20.46 -55.01 24.81
C THR E 36 21.48 -53.88 24.72
N ASP E 37 21.11 -52.76 24.11
CA ASP E 37 21.97 -51.55 24.12
C ASP E 37 22.03 -50.89 25.50
N PHE E 38 21.11 -51.26 26.40
CA PHE E 38 21.00 -50.67 27.73
C PHE E 38 21.26 -51.65 28.90
N LYS E 39 20.71 -52.85 28.80
CA LYS E 39 20.89 -53.92 29.79
C LYS E 39 22.29 -53.91 30.42
N ASP E 40 22.37 -53.54 31.70
CA ASP E 40 23.61 -53.49 32.47
C ASP E 40 24.70 -52.56 31.93
N LYS E 41 24.31 -51.49 31.23
CA LYS E 41 25.28 -50.52 30.68
C LYS E 41 25.28 -49.25 31.49
N ILE E 42 26.31 -48.44 31.26
CA ILE E 42 26.44 -47.09 31.84
C ILE E 42 25.93 -46.07 30.79
N VAL E 43 25.09 -45.15 31.26
CA VAL E 43 24.37 -44.21 30.40
C VAL E 43 24.64 -42.77 30.84
N LEU E 44 24.84 -41.87 29.87
CA LEU E 44 24.79 -40.43 30.14
C LEU E 44 23.53 -39.86 29.48
N ASP E 45 22.75 -39.10 30.25
CA ASP E 45 21.56 -38.45 29.72
C ASP E 45 21.81 -36.94 29.73
N VAL E 46 21.92 -36.35 28.53
CA VAL E 46 22.28 -34.93 28.39
C VAL E 46 21.05 -34.04 28.38
N GLY E 47 20.92 -33.20 29.40
CA GLY E 47 19.78 -32.28 29.52
C GLY E 47 18.51 -33.00 29.87
N CYS E 48 18.48 -33.62 31.04
CA CYS E 48 17.49 -34.64 31.33
C CYS E 48 16.12 -34.11 31.71
N GLY E 49 16.03 -32.83 32.02
CA GLY E 49 14.76 -32.26 32.45
C GLY E 49 14.37 -32.89 33.78
N SER E 50 13.12 -33.32 33.89
CA SER E 50 12.65 -34.01 35.08
C SER E 50 13.13 -35.47 35.14
N GLY E 51 13.75 -35.96 34.06
CA GLY E 51 14.49 -37.23 34.07
C GLY E 51 13.90 -38.36 33.24
N ILE E 52 12.80 -38.09 32.55
CA ILE E 52 11.99 -39.09 31.86
C ILE E 52 12.81 -40.08 30.99
N LEU E 53 13.80 -39.59 30.26
CA LEU E 53 14.57 -40.46 29.39
C LEU E 53 15.48 -41.36 30.22
N SER E 54 15.99 -40.84 31.34
CA SER E 54 16.79 -41.64 32.25
C SER E 54 15.95 -42.77 32.82
N PHE E 55 14.67 -42.49 33.05
CA PHE E 55 13.74 -43.52 33.53
C PHE E 55 13.55 -44.62 32.50
N PHE E 56 13.49 -44.24 31.23
CA PHE E 56 13.37 -45.24 30.16
C PHE E 56 14.61 -46.13 30.09
N ALA E 57 15.78 -45.54 30.25
CA ALA E 57 17.02 -46.30 30.29
C ALA E 57 17.06 -47.30 31.48
N ALA E 58 16.52 -46.87 32.62
CA ALA E 58 16.40 -47.75 33.80
C ALA E 58 15.45 -48.90 33.49
N GLN E 59 14.30 -48.55 32.90
CA GLN E 59 13.34 -49.56 32.46
C GLN E 59 13.93 -50.61 31.49
N ALA E 60 14.94 -50.22 30.72
CA ALA E 60 15.68 -51.15 29.86
C ALA E 60 16.85 -51.82 30.59
N GLY E 61 16.90 -51.66 31.91
CA GLY E 61 17.82 -52.39 32.75
C GLY E 61 19.24 -51.88 32.69
N ALA E 62 19.42 -50.57 32.54
CA ALA E 62 20.75 -50.00 32.66
C ALA E 62 21.23 -50.10 34.12
N ARG E 63 22.53 -50.26 34.31
CA ARG E 63 23.13 -50.41 35.65
C ARG E 63 23.35 -49.06 36.34
N LYS E 64 23.76 -48.05 35.57
CA LYS E 64 23.98 -46.70 36.09
C LYS E 64 23.64 -45.67 35.01
N ILE E 65 22.94 -44.60 35.40
CA ILE E 65 22.60 -43.53 34.47
C ILE E 65 22.95 -42.19 35.09
N TYR E 66 23.88 -41.47 34.48
CA TYR E 66 24.25 -40.13 34.90
C TYR E 66 23.41 -39.08 34.16
N ALA E 67 22.45 -38.48 34.87
CA ALA E 67 21.51 -37.53 34.28
C ALA E 67 21.92 -36.06 34.55
N VAL E 68 22.28 -35.34 33.49
CA VAL E 68 22.82 -34.01 33.66
C VAL E 68 21.78 -32.97 33.28
N GLU E 69 21.63 -31.95 34.13
CA GLU E 69 20.65 -30.90 33.90
C GLU E 69 21.14 -29.57 34.49
N ALA E 70 21.12 -28.54 33.64
CA ALA E 70 21.66 -27.22 33.97
C ALA E 70 20.69 -26.34 34.75
N SER E 71 19.40 -26.46 34.48
CA SER E 71 18.39 -25.70 35.21
C SER E 71 18.09 -26.29 36.58
N THR E 72 17.31 -25.55 37.37
CA THR E 72 16.87 -26.00 38.70
C THR E 72 15.85 -27.12 38.64
N MET E 73 15.39 -27.45 37.44
CA MET E 73 14.63 -28.67 37.21
C MET E 73 15.39 -29.89 37.70
N ALA E 74 16.71 -29.80 37.79
CA ALA E 74 17.54 -30.88 38.35
C ALA E 74 17.15 -31.25 39.79
N GLN E 75 16.70 -30.27 40.56
CA GLN E 75 16.24 -30.52 41.92
C GLN E 75 14.97 -31.37 41.87
N HIS E 76 14.06 -31.09 40.93
CA HIS E 76 12.83 -31.88 40.79
C HIS E 76 13.12 -33.29 40.24
N ALA E 77 14.13 -33.41 39.40
CA ALA E 77 14.50 -34.72 38.89
C ALA E 77 15.01 -35.59 40.02
N GLU E 78 15.85 -35.02 40.89
CA GLU E 78 16.31 -35.72 42.10
C GLU E 78 15.14 -36.25 42.94
N VAL E 79 14.13 -35.40 43.15
CA VAL E 79 12.93 -35.81 43.88
C VAL E 79 12.21 -36.99 43.24
N LEU E 80 12.07 -36.96 41.91
CA LEU E 80 11.39 -38.03 41.19
C LEU E 80 12.11 -39.36 41.29
N VAL E 81 13.43 -39.31 41.14
CA VAL E 81 14.29 -40.50 41.25
C VAL E 81 14.15 -41.14 42.65
N LYS E 82 14.36 -40.36 43.71
CA LYS E 82 14.14 -40.86 45.07
C LYS E 82 12.74 -41.47 45.20
N SER E 83 11.69 -40.74 44.83
CA SER E 83 10.32 -41.27 44.98
C SER E 83 10.08 -42.55 44.19
N ASN E 84 10.70 -42.71 43.02
CA ASN E 84 10.57 -43.94 42.24
C ASN E 84 11.56 -45.03 42.69
N ASN E 85 12.25 -44.80 43.79
CA ASN E 85 13.21 -45.74 44.36
C ASN E 85 14.30 -46.16 43.38
N LEU E 86 14.86 -45.18 42.68
CA LEU E 86 15.82 -45.47 41.62
C LEU E 86 17.15 -44.79 41.88
N THR E 87 17.41 -44.42 43.14
CA THR E 87 18.63 -43.69 43.49
C THR E 87 19.91 -44.50 43.31
N ASP E 88 19.80 -45.83 43.37
CA ASP E 88 20.94 -46.72 43.12
C ASP E 88 21.43 -46.65 41.67
N ARG E 89 20.48 -46.44 40.74
CA ARG E 89 20.73 -46.56 39.30
C ARG E 89 20.70 -45.23 38.49
N ILE E 90 19.96 -44.22 38.98
CA ILE E 90 19.95 -42.88 38.35
C ILE E 90 20.58 -41.84 39.27
N VAL E 91 21.69 -41.26 38.83
CA VAL E 91 22.35 -40.18 39.57
C VAL E 91 22.21 -38.84 38.83
N VAL E 92 21.37 -37.96 39.36
CA VAL E 92 21.19 -36.62 38.81
C VAL E 92 22.41 -35.78 39.15
N ILE E 93 22.99 -35.10 38.17
CA ILE E 93 24.11 -34.21 38.40
C ILE E 93 23.72 -32.80 37.96
N PRO E 94 23.58 -31.86 38.92
CA PRO E 94 23.16 -30.51 38.56
C PRO E 94 24.29 -29.75 37.88
N GLY E 95 24.01 -29.12 36.74
CA GLY E 95 25.02 -28.36 36.00
C GLY E 95 25.03 -28.60 34.50
N LYS E 96 25.90 -27.86 33.82
CA LYS E 96 26.06 -27.98 32.38
C LYS E 96 26.99 -29.13 32.04
N VAL E 97 26.60 -29.96 31.08
CA VAL E 97 27.39 -31.15 30.74
C VAL E 97 28.84 -30.79 30.38
N GLU E 98 29.03 -29.57 29.88
CA GLU E 98 30.35 -29.05 29.54
C GLU E 98 31.28 -28.94 30.75
N GLU E 99 30.71 -28.64 31.92
CA GLU E 99 31.46 -28.22 33.10
C GLU E 99 31.44 -29.15 34.31
N VAL E 100 30.48 -30.07 34.38
CA VAL E 100 30.39 -30.99 35.52
C VAL E 100 31.43 -32.12 35.42
N SER E 101 31.44 -32.99 36.43
CA SER E 101 32.36 -34.10 36.49
C SER E 101 31.59 -35.41 36.48
N LEU E 102 32.05 -36.36 35.67
CA LEU E 102 31.54 -37.71 35.73
C LEU E 102 32.63 -38.65 36.23
N PRO E 103 32.28 -39.58 37.14
CA PRO E 103 33.27 -40.51 37.67
C PRO E 103 33.71 -41.58 36.67
N GLU E 104 32.90 -41.80 35.65
CA GLU E 104 32.91 -43.03 34.87
C GLU E 104 32.70 -42.70 33.39
N GLN E 105 33.36 -43.43 32.49
CA GLN E 105 33.02 -43.36 31.07
C GLN E 105 31.74 -44.17 30.83
N VAL E 106 31.06 -43.92 29.71
CA VAL E 106 29.73 -44.50 29.46
C VAL E 106 29.64 -45.30 28.16
N ASP E 107 28.66 -46.19 28.11
CA ASP E 107 28.41 -47.04 26.95
C ASP E 107 27.57 -46.37 25.88
N ILE E 108 26.65 -45.51 26.32
CA ILE E 108 25.72 -44.84 25.43
C ILE E 108 25.29 -43.48 26.00
N ILE E 109 25.13 -42.49 25.12
CA ILE E 109 24.59 -41.19 25.46
C ILE E 109 23.17 -41.07 24.89
N ILE E 110 22.26 -40.54 25.69
CA ILE E 110 20.91 -40.25 25.22
C ILE E 110 20.60 -38.78 25.50
N SER E 111 19.80 -38.19 24.62
CA SER E 111 19.46 -36.78 24.70
C SER E 111 18.36 -36.46 23.70
N GLU E 112 17.76 -35.29 23.88
CA GLU E 112 16.83 -34.68 22.93
C GLU E 112 17.38 -33.31 22.54
N PRO E 113 18.48 -33.31 21.79
CA PRO E 113 19.15 -32.04 21.53
C PRO E 113 18.59 -31.26 20.34
N MET E 114 17.53 -31.77 19.70
CA MET E 114 17.00 -31.18 18.48
C MET E 114 16.17 -29.94 18.77
N GLY E 115 16.49 -28.87 18.07
CA GLY E 115 15.65 -27.66 18.08
C GLY E 115 14.91 -27.50 16.77
N TYR E 116 14.21 -26.37 16.67
CA TYR E 116 13.63 -25.96 15.40
C TYR E 116 14.71 -26.02 14.32
N MET E 117 14.34 -26.53 13.15
CA MET E 117 15.27 -26.64 12.01
C MET E 117 16.45 -27.52 12.38
N LEU E 118 16.22 -28.45 13.31
CA LEU E 118 17.26 -29.26 13.95
C LEU E 118 18.26 -28.51 14.84
N PHE E 119 18.85 -27.43 14.34
CA PHE E 119 20.05 -26.88 14.98
C PHE E 119 19.81 -25.81 16.06
N ASN E 120 18.60 -25.28 16.13
CA ASN E 120 18.34 -24.21 17.09
C ASN E 120 18.61 -24.69 18.54
N GLU E 121 18.98 -23.74 19.40
CA GLU E 121 19.47 -23.97 20.78
C GLU E 121 20.94 -24.31 20.83
N ARG E 122 21.52 -24.77 19.72
CA ARG E 122 22.90 -25.25 19.71
C ARG E 122 23.17 -26.32 20.76
N MET E 123 22.10 -27.01 21.17
CA MET E 123 22.22 -28.06 22.14
C MET E 123 22.91 -29.26 21.51
N LEU E 124 22.91 -29.35 20.17
CA LEU E 124 23.66 -30.42 19.52
C LEU E 124 25.17 -30.34 19.77
N GLU E 125 25.69 -29.14 20.02
CA GLU E 125 27.11 -28.97 20.36
C GLU E 125 27.44 -29.48 21.77
N SER E 126 26.47 -29.43 22.68
CA SER E 126 26.58 -30.03 24.01
C SER E 126 26.51 -31.57 23.95
N TYR E 127 25.63 -32.08 23.08
CA TYR E 127 25.49 -33.51 22.81
C TYR E 127 26.80 -34.09 22.26
N LEU E 128 27.41 -33.40 21.31
CA LEU E 128 28.67 -33.85 20.73
C LEU E 128 29.83 -33.74 21.73
N HIS E 129 29.86 -32.64 22.48
CA HIS E 129 30.86 -32.39 23.51
C HIS E 129 30.89 -33.51 24.54
N ALA E 130 29.70 -34.00 24.89
CA ALA E 130 29.53 -35.11 25.83
C ALA E 130 30.28 -36.39 25.43
N LYS E 131 30.54 -36.56 24.13
CA LYS E 131 31.25 -37.75 23.67
C LYS E 131 32.62 -37.94 24.32
N LYS E 132 33.18 -36.88 24.91
CA LYS E 132 34.42 -37.02 25.69
C LYS E 132 34.27 -38.05 26.82
N TYR E 133 33.02 -38.35 27.19
CA TYR E 133 32.74 -39.36 28.19
C TYR E 133 32.39 -40.73 27.56
N LEU E 134 32.52 -40.84 26.25
CA LEU E 134 32.00 -42.02 25.57
C LEU E 134 33.09 -43.07 25.41
N LYS E 135 32.80 -44.29 25.79
CA LYS E 135 33.74 -45.39 25.60
C LYS E 135 33.96 -45.62 24.11
N PRO E 136 35.14 -46.19 23.76
CA PRO E 136 35.30 -46.78 22.43
C PRO E 136 34.16 -47.74 22.07
N SER E 137 33.65 -47.62 20.85
CA SER E 137 32.50 -48.43 20.40
C SER E 137 31.21 -48.06 21.14
N GLY E 138 31.18 -46.89 21.76
CA GLY E 138 29.98 -46.39 22.42
C GLY E 138 28.94 -45.99 21.39
N ASN E 139 27.69 -45.88 21.84
CA ASN E 139 26.58 -45.50 20.97
C ASN E 139 25.97 -44.17 21.38
N MET E 140 25.12 -43.63 20.51
CA MET E 140 24.43 -42.38 20.78
C MET E 140 23.00 -42.45 20.29
N PHE E 141 22.06 -42.08 21.15
CA PHE E 141 20.64 -42.08 20.82
C PHE E 141 20.16 -40.64 21.02
N PRO E 142 19.90 -39.88 19.95
CA PRO E 142 19.89 -40.34 18.55
C PRO E 142 21.26 -40.48 17.92
N THR E 143 21.35 -41.34 16.91
CA THR E 143 22.62 -41.65 16.29
C THR E 143 22.91 -40.73 15.10
N ILE E 144 21.88 -40.48 14.29
CA ILE E 144 22.02 -39.55 13.15
C ILE E 144 20.81 -38.61 13.07
N GLY E 145 21.02 -37.47 12.41
CA GLY E 145 19.96 -36.47 12.18
C GLY E 145 20.01 -35.96 10.74
N ASP E 146 18.85 -35.94 10.08
CA ASP E 146 18.70 -35.43 8.72
C ASP E 146 17.83 -34.19 8.77
N VAL E 147 18.32 -33.04 8.30
CA VAL E 147 17.45 -31.92 8.03
C VAL E 147 17.01 -31.98 6.56
N HIS E 148 15.73 -31.74 6.30
CA HIS E 148 15.18 -31.64 4.96
C HIS E 148 14.74 -30.20 4.68
N LEU E 149 14.97 -29.76 3.44
CA LEU E 149 14.41 -28.51 2.92
C LEU E 149 13.77 -28.67 1.55
N ALA E 150 12.73 -27.86 1.34
CA ALA E 150 11.94 -27.93 0.12
C ALA E 150 11.27 -26.57 -0.14
N PRO E 151 11.17 -26.16 -1.40
CA PRO E 151 10.52 -24.90 -1.65
C PRO E 151 9.01 -25.02 -1.53
N PHE E 152 8.36 -23.91 -1.18
CA PHE E 152 6.93 -23.90 -0.99
C PHE E 152 6.31 -22.65 -1.59
N THR E 153 5.01 -22.72 -1.79
CA THR E 153 4.21 -21.58 -2.18
C THR E 153 3.07 -21.46 -1.18
N ASP E 154 2.86 -20.25 -0.65
CA ASP E 154 1.76 -20.00 0.29
C ASP E 154 1.40 -18.52 0.28
N GLU E 155 0.45 -18.17 -0.59
CA GLU E 155 0.03 -16.79 -0.78
C GLU E 155 -0.43 -16.16 0.52
N GLN E 156 -1.20 -16.90 1.31
CA GLN E 156 -1.79 -16.35 2.52
C GLN E 156 -0.69 -15.96 3.53
N LEU E 157 0.25 -16.87 3.76
CA LEU E 157 1.36 -16.61 4.68
C LEU E 157 2.20 -15.41 4.21
N TYR E 158 2.52 -15.40 2.92
CA TYR E 158 3.30 -14.32 2.32
C TYR E 158 2.63 -12.94 2.52
N MET E 159 1.38 -12.83 2.12
N MET E 159 1.36 -12.83 2.09
CA MET E 159 0.66 -11.57 2.17
CA MET E 159 0.57 -11.59 2.21
C MET E 159 0.42 -11.10 3.63
C MET E 159 0.48 -11.09 3.64
N GLU E 160 0.32 -12.04 4.56
CA GLU E 160 0.20 -11.75 5.99
C GLU E 160 1.30 -10.82 6.52
N GLN E 161 2.52 -11.02 6.03
CA GLN E 161 3.66 -10.22 6.45
C GLN E 161 3.44 -8.74 6.12
N PHE E 162 2.84 -8.46 4.96
CA PHE E 162 2.60 -7.09 4.56
C PHE E 162 1.39 -6.52 5.28
N THR E 163 0.35 -7.33 5.49
CA THR E 163 -0.80 -6.86 6.25
C THR E 163 -0.37 -6.38 7.64
N LYS E 164 0.47 -7.16 8.28
CA LYS E 164 0.99 -6.80 9.60
C LYS E 164 1.90 -5.57 9.50
N ALA E 165 2.81 -5.55 8.53
CA ALA E 165 3.74 -4.42 8.39
C ALA E 165 3.07 -3.10 8.00
N ASN E 166 1.94 -3.22 7.29
CA ASN E 166 1.24 -2.06 6.79
C ASN E 166 0.57 -1.22 7.89
N PHE E 167 0.52 -1.75 9.12
CA PHE E 167 0.22 -0.93 10.30
C PHE E 167 1.00 0.40 10.26
N TRP E 168 2.27 0.33 9.85
CA TRP E 168 3.15 1.48 9.84
C TRP E 168 2.93 2.40 8.63
N TYR E 169 2.16 1.95 7.65
CA TYR E 169 1.93 2.73 6.45
C TYR E 169 0.72 3.62 6.68
N GLN E 170 0.92 4.63 7.51
CA GLN E 170 -0.08 5.66 7.66
C GLN E 170 0.50 7.01 8.03
N PRO E 171 -0.12 8.07 7.51
CA PRO E 171 0.52 9.36 7.56
C PRO E 171 0.20 10.18 8.82
N SER E 172 -0.78 9.76 9.64
CA SER E 172 -1.14 10.52 10.85
C SER E 172 -1.71 9.61 11.95
N PHE E 173 -0.81 8.88 12.57
CA PHE E 173 -1.14 8.12 13.75
C PHE E 173 -1.00 9.11 14.90
N HIS E 174 -2.14 9.65 15.34
CA HIS E 174 -2.14 10.70 16.33
C HIS E 174 -1.21 11.87 15.94
N GLY E 175 -1.19 12.21 14.66
CA GLY E 175 -0.33 13.27 14.16
C GLY E 175 1.04 12.83 13.68
N VAL E 176 1.40 11.57 13.85
CA VAL E 176 2.71 11.13 13.49
C VAL E 176 2.67 10.31 12.22
N ASP E 177 3.47 10.71 11.25
CA ASP E 177 3.64 9.90 10.04
C ASP E 177 4.54 8.72 10.34
N LEU E 178 3.98 7.53 10.24
CA LEU E 178 4.68 6.29 10.61
C LEU E 178 5.34 5.62 9.43
N SER E 179 5.04 6.10 8.23
CA SER E 179 5.40 5.44 6.98
C SER E 179 6.85 5.02 6.80
N ALA E 180 7.76 5.79 7.38
CA ALA E 180 9.18 5.55 7.17
C ALA E 180 9.65 4.25 7.78
N LEU E 181 8.84 3.67 8.66
CA LEU E 181 9.19 2.40 9.29
C LEU E 181 8.57 1.16 8.63
N ARG E 182 7.79 1.32 7.57
CA ARG E 182 7.11 0.16 6.98
C ARG E 182 8.12 -0.85 6.40
N GLY E 183 9.15 -0.34 5.73
CA GLY E 183 10.16 -1.18 5.14
C GLY E 183 10.92 -1.97 6.20
N ALA E 184 11.25 -1.31 7.29
CA ALA E 184 11.95 -1.97 8.38
C ALA E 184 11.06 -3.00 9.06
N ALA E 185 9.77 -2.71 9.20
CA ALA E 185 8.87 -3.74 9.75
C ALA E 185 8.78 -4.96 8.83
N VAL E 186 8.61 -4.73 7.53
CA VAL E 186 8.57 -5.82 6.57
C VAL E 186 9.82 -6.69 6.72
N ASP E 187 10.99 -6.08 6.66
CA ASP E 187 12.26 -6.81 6.85
C ASP E 187 12.27 -7.61 8.16
N GLU E 188 11.77 -7.02 9.24
CA GLU E 188 11.73 -7.70 10.53
C GLU E 188 10.88 -8.97 10.48
N TYR E 189 9.66 -8.88 9.92
CA TYR E 189 8.79 -10.06 9.81
C TYR E 189 9.39 -11.15 8.91
N PHE E 190 9.98 -10.76 7.78
CA PHE E 190 10.62 -11.74 6.91
C PHE E 190 11.88 -12.41 7.51
N ARG E 191 12.49 -11.78 8.51
CA ARG E 191 13.60 -12.37 9.26
C ARG E 191 13.20 -13.44 10.26
N GLN E 192 11.90 -13.57 10.55
CA GLN E 192 11.43 -14.54 11.53
C GLN E 192 11.04 -15.86 10.85
N PRO E 193 11.73 -16.96 11.20
CA PRO E 193 11.27 -18.26 10.72
C PRO E 193 9.91 -18.58 11.31
N VAL E 194 9.03 -19.17 10.50
CA VAL E 194 7.65 -19.35 10.87
C VAL E 194 7.46 -20.77 11.32
N VAL E 195 7.00 -20.91 12.56
CA VAL E 195 6.82 -22.22 13.16
C VAL E 195 5.34 -22.56 13.13
N ASP E 196 4.98 -23.49 12.27
CA ASP E 196 3.64 -24.08 12.23
C ASP E 196 3.66 -25.25 11.25
N THR E 197 2.50 -25.83 11.00
CA THR E 197 2.44 -26.96 10.09
C THR E 197 1.68 -26.52 8.85
N PHE E 198 1.61 -27.41 7.86
CA PHE E 198 1.00 -27.07 6.60
C PHE E 198 0.72 -28.34 5.81
N ASP E 199 -0.10 -28.18 4.78
CA ASP E 199 -0.48 -29.27 3.89
C ASP E 199 0.67 -29.50 2.92
N ILE E 200 1.04 -30.76 2.70
CA ILE E 200 2.15 -31.09 1.78
C ILE E 200 1.99 -30.61 0.34
N ARG E 201 0.76 -30.28 -0.05
CA ARG E 201 0.49 -29.79 -1.40
C ARG E 201 1.13 -28.42 -1.68
N ILE E 202 1.54 -27.69 -0.65
CA ILE E 202 2.29 -26.44 -0.86
C ILE E 202 3.72 -26.66 -1.31
N LEU E 203 4.26 -27.86 -1.13
CA LEU E 203 5.65 -28.11 -1.49
C LEU E 203 5.77 -28.23 -3.03
N MET E 204 6.81 -27.61 -3.60
CA MET E 204 6.94 -27.50 -5.08
C MET E 204 8.04 -28.37 -5.71
N ALA E 205 8.81 -29.05 -4.87
CA ALA E 205 9.89 -29.93 -5.32
C ALA E 205 10.12 -30.94 -4.24
N LYS E 206 10.73 -32.06 -4.61
CA LYS E 206 11.16 -33.05 -3.62
C LYS E 206 12.23 -32.43 -2.74
N SER E 207 12.25 -32.80 -1.47
CA SER E 207 13.20 -32.21 -0.54
C SER E 207 14.64 -32.62 -0.83
N VAL E 208 15.56 -31.77 -0.41
CA VAL E 208 16.99 -32.06 -0.36
C VAL E 208 17.33 -32.25 1.13
N LYS E 209 18.31 -33.10 1.45
CA LYS E 209 18.66 -33.29 2.85
C LYS E 209 20.12 -33.06 3.16
N TYR E 210 20.36 -32.82 4.44
CA TYR E 210 21.70 -32.63 4.96
C TYR E 210 21.75 -33.48 6.23
N THR E 211 22.78 -34.32 6.37
CA THR E 211 22.79 -35.35 7.41
C THR E 211 23.92 -35.05 8.35
N VAL E 212 23.72 -35.30 9.63
CA VAL E 212 24.80 -35.20 10.61
C VAL E 212 24.87 -36.55 11.32
N ASN E 213 26.04 -37.16 11.33
CA ASN E 213 26.25 -38.41 12.03
C ASN E 213 26.82 -38.04 13.39
N PHE E 214 26.04 -38.24 14.43
CA PHE E 214 26.42 -37.79 15.77
C PHE E 214 27.58 -38.61 16.33
N LEU E 215 27.75 -39.85 15.88
CA LEU E 215 28.93 -40.62 16.24
C LEU E 215 30.23 -40.04 15.70
N GLU E 216 30.21 -39.59 14.44
CA GLU E 216 31.43 -39.09 13.80
C GLU E 216 31.68 -37.60 14.04
N ALA E 217 30.61 -36.82 14.26
CA ALA E 217 30.73 -35.34 14.24
C ALA E 217 31.37 -34.73 15.46
N LYS E 218 32.12 -33.65 15.25
CA LYS E 218 32.73 -32.88 16.34
C LYS E 218 31.97 -31.58 16.59
N GLU E 219 32.08 -31.12 17.83
CA GLU E 219 31.43 -29.91 18.32
C GLU E 219 31.62 -28.75 17.34
N GLY E 220 32.86 -28.61 16.85
CA GLY E 220 33.23 -27.55 15.91
C GLY E 220 32.57 -27.63 14.55
N ASP E 221 32.21 -28.83 14.09
CA ASP E 221 31.50 -28.98 12.80
C ASP E 221 30.18 -28.18 12.67
N LEU E 222 29.63 -27.70 13.77
CA LEU E 222 28.33 -27.02 13.73
C LEU E 222 28.41 -25.50 13.90
N HIS E 223 29.61 -24.93 13.89
CA HIS E 223 29.74 -23.47 13.97
C HIS E 223 29.38 -22.86 12.61
N ARG E 224 29.68 -23.59 11.55
CA ARG E 224 29.34 -23.13 10.21
C ARG E 224 28.74 -24.28 9.42
N ILE E 225 27.45 -24.18 9.10
CA ILE E 225 26.77 -25.26 8.41
C ILE E 225 26.31 -24.74 7.06
N GLU E 226 26.82 -25.36 6.00
CA GLU E 226 26.54 -24.92 4.65
C GLU E 226 25.77 -26.02 3.95
N ILE E 227 24.58 -25.68 3.45
CA ILE E 227 23.69 -26.61 2.80
C ILE E 227 23.36 -26.14 1.38
N PRO E 228 24.09 -26.66 0.38
CA PRO E 228 23.75 -26.41 -1.01
C PRO E 228 22.46 -27.10 -1.37
N PHE E 229 21.78 -26.59 -2.37
CA PHE E 229 20.57 -27.25 -2.82
C PHE E 229 20.35 -26.97 -4.28
N LYS E 230 19.75 -27.95 -4.95
CA LYS E 230 19.36 -27.80 -6.33
C LYS E 230 18.02 -28.49 -6.42
N PHE E 231 16.95 -27.71 -6.58
CA PHE E 231 15.62 -28.30 -6.62
C PHE E 231 15.14 -28.43 -8.07
N HIS E 232 14.51 -29.55 -8.40
CA HIS E 232 13.87 -29.76 -9.70
C HIS E 232 12.38 -29.52 -9.48
N MET E 233 11.96 -28.38 -9.98
CA MET E 233 10.66 -27.85 -9.69
C MET E 233 9.65 -28.71 -10.40
N LEU E 234 8.75 -29.25 -9.60
CA LEU E 234 7.70 -30.13 -10.06
C LEU E 234 6.41 -29.39 -10.39
N HIS E 235 6.19 -28.20 -9.81
CA HIS E 235 5.00 -27.37 -10.07
C HIS E 235 5.41 -25.94 -10.44
N SER E 236 4.58 -25.23 -11.22
CA SER E 236 4.81 -23.81 -11.49
C SER E 236 4.14 -22.97 -10.43
N GLY E 237 4.70 -21.81 -10.16
CA GLY E 237 4.11 -20.89 -9.21
C GLY E 237 5.15 -19.99 -8.61
N LEU E 238 4.75 -19.26 -7.58
CA LEU E 238 5.66 -18.39 -6.84
C LEU E 238 6.23 -19.16 -5.67
N VAL E 239 7.55 -19.23 -5.65
CA VAL E 239 8.28 -19.76 -4.52
C VAL E 239 8.39 -18.68 -3.44
N HIS E 240 7.69 -18.89 -2.31
CA HIS E 240 7.68 -17.91 -1.21
C HIS E 240 8.71 -18.21 -0.13
N GLY E 241 9.38 -19.34 -0.26
CA GLY E 241 10.52 -19.67 0.58
C GLY E 241 10.79 -21.15 0.67
N LEU E 242 11.52 -21.52 1.73
CA LEU E 242 11.86 -22.92 2.01
C LEU E 242 11.23 -23.39 3.31
N ALA E 243 10.73 -24.62 3.29
CA ALA E 243 10.20 -25.29 4.46
C ALA E 243 11.28 -26.26 4.94
N PHE E 244 11.40 -26.39 6.26
CA PHE E 244 12.41 -27.21 6.88
C PHE E 244 11.78 -28.17 7.84
N TRP E 245 12.29 -29.40 7.86
CA TRP E 245 11.97 -30.32 8.94
C TRP E 245 13.14 -31.26 9.11
N PHE E 246 13.02 -32.18 10.06
CA PHE E 246 14.11 -33.11 10.33
C PHE E 246 13.62 -34.46 10.79
N ASP E 247 14.48 -35.45 10.57
CA ASP E 247 14.29 -36.79 11.08
C ASP E 247 15.51 -37.13 11.92
N VAL E 248 15.31 -37.87 13.01
CA VAL E 248 16.46 -38.53 13.65
C VAL E 248 16.21 -40.03 13.72
N ALA E 249 17.28 -40.82 13.67
CA ALA E 249 17.18 -42.26 13.85
C ALA E 249 17.97 -42.67 15.07
N PHE E 250 17.40 -43.60 15.81
CA PHE E 250 18.07 -44.23 16.91
C PHE E 250 18.51 -45.58 16.35
N ILE E 251 19.82 -45.72 16.14
CA ILE E 251 20.38 -46.93 15.50
C ILE E 251 20.88 -47.90 16.58
N GLY E 252 19.98 -48.77 17.04
CA GLY E 252 20.34 -49.77 18.03
C GLY E 252 20.78 -51.05 17.34
N SER E 253 21.28 -51.99 18.14
CA SER E 253 21.73 -53.27 17.60
C SER E 253 20.55 -54.16 17.22
N ILE E 254 19.38 -53.97 17.85
CA ILE E 254 18.19 -54.76 17.51
C ILE E 254 17.31 -54.10 16.44
N MET E 255 17.08 -52.78 16.54
CA MET E 255 16.33 -52.09 15.49
C MET E 255 16.66 -50.60 15.40
N THR E 256 16.36 -50.04 14.23
CA THR E 256 16.46 -48.63 14.01
C THR E 256 15.10 -48.03 14.08
N VAL E 257 14.97 -47.02 14.94
CA VAL E 257 13.70 -46.33 15.14
C VAL E 257 13.89 -44.87 14.74
N TRP E 258 12.96 -44.38 13.92
CA TRP E 258 12.97 -43.03 13.38
C TRP E 258 11.99 -42.12 14.11
N LEU E 259 12.44 -40.92 14.45
CA LEU E 259 11.51 -39.86 14.85
C LEU E 259 11.55 -38.83 13.72
N SER E 260 10.41 -38.62 13.07
CA SER E 260 10.27 -37.66 11.98
C SER E 260 9.36 -36.50 12.35
N THR E 261 9.75 -35.29 11.94
CA THR E 261 8.90 -34.10 12.14
C THR E 261 8.35 -33.63 10.81
N ALA E 262 8.38 -34.53 9.81
CA ALA E 262 7.87 -34.23 8.47
C ALA E 262 6.39 -33.88 8.43
N PRO E 263 6.00 -33.06 7.44
CA PRO E 263 4.59 -32.68 7.33
C PRO E 263 3.69 -33.84 6.92
N THR E 264 4.26 -34.93 6.46
CA THR E 264 3.50 -36.16 6.20
C THR E 264 3.33 -37.01 7.46
N GLU E 265 3.87 -36.57 8.60
CA GLU E 265 3.89 -37.39 9.81
C GLU E 265 3.15 -36.70 10.93
N PRO E 266 2.73 -37.47 11.95
CA PRO E 266 2.04 -36.89 13.10
C PRO E 266 2.80 -35.70 13.68
N LEU E 267 2.05 -34.69 14.10
CA LEU E 267 2.59 -33.45 14.58
C LEU E 267 3.38 -33.64 15.89
N THR E 268 4.54 -33.00 15.97
CA THR E 268 5.31 -32.96 17.17
C THR E 268 5.34 -31.50 17.64
N HIS E 269 6.04 -31.26 18.74
CA HIS E 269 6.13 -29.91 19.30
C HIS E 269 7.17 -29.07 18.55
N TRP E 270 7.88 -29.70 17.62
CA TRP E 270 8.79 -28.99 16.73
C TRP E 270 8.05 -28.42 15.53
N TYR E 271 6.86 -28.93 15.25
CA TYR E 271 6.08 -28.54 14.07
C TYR E 271 6.93 -28.67 12.80
N GLN E 272 6.85 -27.68 11.91
CA GLN E 272 7.81 -27.50 10.82
C GLN E 272 8.15 -26.00 10.80
N VAL E 273 9.17 -25.63 10.04
CA VAL E 273 9.61 -24.25 9.96
C VAL E 273 9.65 -23.77 8.52
N ARG E 274 9.23 -22.52 8.29
CA ARG E 274 9.34 -21.91 6.98
C ARG E 274 10.09 -20.60 7.02
N CYS E 275 11.10 -20.48 6.16
CA CYS E 275 11.84 -19.25 5.95
C CYS E 275 11.35 -18.60 4.64
N LEU E 276 10.75 -17.42 4.79
CA LEU E 276 10.11 -16.74 3.70
C LEU E 276 11.13 -15.96 2.88
N PHE E 277 10.82 -15.76 1.60
CA PHE E 277 11.60 -14.87 0.75
C PHE E 277 10.82 -13.59 0.56
N GLN E 278 11.40 -12.45 0.94
CA GLN E 278 10.72 -11.16 0.73
C GLN E 278 10.47 -10.88 -0.76
N SER E 279 11.41 -11.27 -1.63
CA SER E 279 11.18 -11.27 -3.07
C SER E 279 11.04 -12.70 -3.53
N PRO E 280 9.80 -13.12 -3.83
CA PRO E 280 9.56 -14.49 -4.25
C PRO E 280 10.08 -14.74 -5.64
N LEU E 281 10.22 -16.01 -6.01
CA LEU E 281 10.81 -16.40 -7.28
C LEU E 281 9.80 -17.16 -8.09
N PHE E 282 9.58 -16.76 -9.35
CA PHE E 282 8.64 -17.47 -10.19
C PHE E 282 9.35 -18.66 -10.79
N ALA E 283 8.76 -19.85 -10.69
CA ALA E 283 9.33 -21.07 -11.27
C ALA E 283 8.32 -21.79 -12.15
N LYS E 284 8.75 -22.26 -13.31
CA LYS E 284 7.95 -23.14 -14.16
C LYS E 284 8.32 -24.55 -13.78
N ALA E 285 7.38 -25.47 -13.92
CA ALA E 285 7.69 -26.89 -13.77
C ALA E 285 8.85 -27.22 -14.69
N GLY E 286 9.85 -27.93 -14.16
CA GLY E 286 11.07 -28.25 -14.90
C GLY E 286 12.22 -27.29 -14.69
N ASP E 287 11.95 -26.13 -14.11
CA ASP E 287 13.04 -25.22 -13.79
C ASP E 287 13.90 -25.81 -12.66
N THR E 288 15.01 -25.15 -12.40
CA THR E 288 15.90 -25.57 -11.33
C THR E 288 16.10 -24.37 -10.43
N LEU E 289 15.90 -24.60 -9.13
CA LEU E 289 16.09 -23.59 -8.13
C LEU E 289 17.32 -24.01 -7.34
N SER E 290 18.36 -23.21 -7.41
CA SER E 290 19.56 -23.59 -6.72
C SER E 290 20.06 -22.44 -5.87
N GLY E 291 20.92 -22.79 -4.94
CA GLY E 291 21.52 -21.81 -4.04
C GLY E 291 22.03 -22.53 -2.82
N THR E 292 22.11 -21.80 -1.71
CA THR E 292 22.74 -22.29 -0.50
C THR E 292 22.04 -21.74 0.72
N CYS E 293 21.90 -22.59 1.72
CA CYS E 293 21.43 -22.20 3.00
C CYS E 293 22.62 -22.31 3.91
N LEU E 294 23.01 -21.19 4.51
CA LEU E 294 24.21 -21.12 5.33
C LEU E 294 23.83 -20.71 6.76
N LEU E 295 24.22 -21.49 7.75
CA LEU E 295 23.93 -21.19 9.15
C LEU E 295 25.23 -20.95 9.90
N ILE E 296 25.32 -19.77 10.52
CA ILE E 296 26.49 -19.35 11.31
C ILE E 296 26.08 -19.18 12.75
N ALA E 297 26.83 -19.81 13.65
CA ALA E 297 26.53 -19.76 15.07
C ALA E 297 26.68 -18.33 15.63
N ASN E 298 25.77 -17.96 16.52
CA ASN E 298 25.80 -16.64 17.19
C ASN E 298 25.83 -16.82 18.71
N LYS E 299 26.07 -15.72 19.41
CA LYS E 299 26.20 -15.72 20.87
C LYS E 299 24.91 -16.06 21.65
N ARG E 300 23.77 -16.04 20.97
CA ARG E 300 22.47 -16.20 21.63
C ARG E 300 21.87 -17.60 21.43
N GLN E 301 22.71 -18.63 21.58
CA GLN E 301 22.25 -20.03 21.53
C GLN E 301 21.56 -20.36 20.22
N SER E 302 22.02 -19.74 19.13
CA SER E 302 21.30 -19.84 17.88
C SER E 302 22.19 -19.60 16.67
N TYR E 303 21.54 -19.36 15.53
CA TYR E 303 22.22 -19.24 14.27
C TYR E 303 21.75 -17.98 13.54
N ASP E 304 22.67 -17.38 12.80
CA ASP E 304 22.31 -16.41 11.76
C ASP E 304 22.18 -17.22 10.45
N ILE E 305 21.07 -17.03 9.75
CA ILE E 305 20.74 -17.81 8.56
C ILE E 305 20.82 -16.95 7.33
N SER E 306 21.41 -17.51 6.28
CA SER E 306 21.43 -16.86 5.00
C SER E 306 20.90 -17.84 3.99
N ILE E 307 19.96 -17.41 3.16
CA ILE E 307 19.49 -18.24 2.07
C ILE E 307 19.58 -17.42 0.80
N VAL E 308 20.31 -17.95 -0.16
CA VAL E 308 20.42 -17.31 -1.45
C VAL E 308 19.95 -18.35 -2.45
N ALA E 309 19.04 -17.96 -3.34
CA ALA E 309 18.48 -18.88 -4.28
C ALA E 309 18.26 -18.17 -5.58
N GLN E 310 18.28 -18.91 -6.67
CA GLN E 310 17.96 -18.33 -7.96
C GLN E 310 17.30 -19.35 -8.83
N VAL E 311 16.51 -18.89 -9.78
CA VAL E 311 15.94 -19.74 -10.80
C VAL E 311 16.95 -19.73 -11.94
N ASP E 312 17.59 -20.86 -12.16
CA ASP E 312 18.72 -20.94 -13.07
C ASP E 312 18.36 -20.54 -14.51
N GLN E 313 17.15 -20.87 -14.95
CA GLN E 313 16.72 -20.61 -16.33
C GLN E 313 16.41 -19.14 -16.63
N THR E 314 16.06 -18.37 -15.60
CA THR E 314 15.72 -16.96 -15.77
C THR E 314 16.71 -16.01 -15.13
N GLY E 315 17.52 -16.48 -14.19
CA GLY E 315 18.50 -15.65 -13.50
C GLY E 315 17.96 -14.92 -12.29
N SER E 316 16.64 -14.96 -12.06
CA SER E 316 16.05 -14.28 -10.89
C SER E 316 16.67 -14.78 -9.62
N LYS E 317 17.04 -13.87 -8.75
CA LYS E 317 17.78 -14.23 -7.56
C LYS E 317 17.02 -13.70 -6.37
N SER E 318 17.13 -14.41 -5.25
CA SER E 318 16.53 -13.98 -4.01
C SER E 318 17.53 -14.23 -2.88
N SER E 319 17.83 -13.18 -2.10
CA SER E 319 18.82 -13.28 -1.02
C SER E 319 18.17 -12.83 0.25
N ASN E 320 18.28 -13.70 1.26
CA ASN E 320 17.50 -13.57 2.47
C ASN E 320 18.35 -13.81 3.72
N LEU E 321 18.14 -12.98 4.74
CA LEU E 321 18.81 -13.14 6.04
C LEU E 321 17.74 -13.37 7.09
N LEU E 322 17.95 -14.36 7.96
CA LEU E 322 16.96 -14.70 8.99
C LEU E 322 17.60 -14.88 10.38
N ASP E 323 16.80 -14.63 11.40
CA ASP E 323 17.21 -14.74 12.79
C ASP E 323 16.44 -15.85 13.48
N LEU E 324 17.11 -16.99 13.67
CA LEU E 324 16.50 -18.14 14.28
C LEU E 324 16.22 -17.93 15.76
N LYS E 325 16.78 -16.86 16.33
CA LYS E 325 16.52 -16.49 17.72
C LYS E 325 15.24 -15.72 17.95
N ASN E 326 14.50 -15.35 16.89
CA ASN E 326 13.18 -14.76 17.08
C ASN E 326 12.11 -15.40 16.19
N PRO E 327 11.90 -16.72 16.34
CA PRO E 327 10.93 -17.39 15.45
C PRO E 327 9.54 -16.86 15.69
N PHE E 328 8.67 -16.92 14.68
CA PHE E 328 7.26 -16.57 14.86
C PHE E 328 6.42 -17.84 15.02
N PHE E 329 5.80 -17.99 16.19
CA PHE E 329 4.95 -19.15 16.45
C PHE E 329 3.55 -18.82 15.95
N ARG E 330 3.18 -19.39 14.80
CA ARG E 330 1.95 -19.06 14.10
C ARG E 330 0.88 -20.11 14.34
N TYR E 331 1.29 -21.31 14.77
CA TYR E 331 0.33 -22.40 14.99
C TYR E 331 -0.78 -21.98 15.99
N THR E 332 -2.04 -22.18 15.59
CA THR E 332 -3.22 -21.89 16.42
C THR E 332 -4.27 -23.00 16.29
N TYR F 4 17.57 -8.20 28.58
CA TYR F 4 16.30 -7.67 29.17
C TYR F 4 15.55 -6.79 28.15
N PHE F 5 16.23 -5.77 27.63
CA PHE F 5 15.65 -4.82 26.67
C PHE F 5 15.55 -5.35 25.24
N GLN F 6 16.06 -6.55 24.97
CA GLN F 6 16.09 -7.10 23.60
C GLN F 6 14.71 -7.15 22.96
N PHE F 7 13.69 -7.57 23.69
CA PHE F 7 12.36 -7.74 23.11
C PHE F 7 11.69 -6.41 22.73
N TYR F 8 12.13 -5.32 23.35
CA TYR F 8 11.66 -3.99 22.95
C TYR F 8 12.20 -3.50 21.63
N GLY F 9 13.25 -4.13 21.13
CA GLY F 9 13.86 -3.74 19.87
C GLY F 9 13.03 -4.07 18.63
N TYR F 10 11.96 -4.85 18.79
CA TYR F 10 11.19 -5.32 17.65
C TYR F 10 10.00 -4.44 17.38
N LEU F 11 9.85 -4.07 16.11
CA LEU F 11 8.71 -3.30 15.66
C LEU F 11 7.36 -3.99 15.90
N SER F 12 7.32 -5.32 15.80
CA SER F 12 6.07 -6.03 16.08
C SER F 12 5.60 -5.81 17.50
N GLN F 13 6.56 -5.74 18.43
CA GLN F 13 6.22 -5.58 19.82
C GLN F 13 5.80 -4.13 20.09
N GLN F 14 6.45 -3.20 19.41
CA GLN F 14 6.07 -1.80 19.46
C GLN F 14 4.67 -1.56 18.85
N GLN F 15 4.37 -2.18 17.70
CA GLN F 15 3.02 -2.13 17.10
C GLN F 15 1.96 -2.53 18.15
N ASN F 16 2.20 -3.64 18.80
CA ASN F 16 1.28 -4.17 19.81
C ASN F 16 1.03 -3.16 20.95
N MET F 17 2.08 -2.55 21.46
CA MET F 17 1.95 -1.52 22.50
C MET F 17 1.24 -0.26 22.03
N MET F 18 1.46 0.14 20.79
CA MET F 18 0.82 1.33 20.24
C MET F 18 -0.69 1.18 20.05
N GLN F 19 -1.16 -0.07 20.03
CA GLN F 19 -2.58 -0.34 19.88
C GLN F 19 -3.47 -0.09 21.12
N ASP F 20 -2.90 0.16 22.28
CA ASP F 20 -3.70 0.62 23.41
C ASP F 20 -4.11 2.07 23.19
N TYR F 21 -5.27 2.26 22.57
CA TYR F 21 -5.76 3.60 22.21
C TYR F 21 -6.24 4.43 23.41
N VAL F 22 -6.70 3.76 24.45
CA VAL F 22 -7.05 4.46 25.69
C VAL F 22 -5.82 5.18 26.26
N ARG F 23 -4.71 4.46 26.32
N ARG F 23 -4.70 4.48 26.33
CA ARG F 23 -3.44 4.99 26.82
CA ARG F 23 -3.48 5.08 26.86
C ARG F 23 -2.94 6.16 25.97
C ARG F 23 -2.95 6.19 25.97
N THR F 24 -2.87 5.93 24.68
CA THR F 24 -2.30 6.91 23.74
C THR F 24 -3.13 8.17 23.69
N GLY F 25 -4.45 8.01 23.59
CA GLY F 25 -5.31 9.15 23.58
C GLY F 25 -5.28 9.95 24.85
N THR F 26 -5.15 9.27 25.98
CA THR F 26 -5.15 9.96 27.27
C THR F 26 -3.88 10.78 27.44
N TYR F 27 -2.74 10.22 27.05
CA TYR F 27 -1.46 10.93 27.09
C TYR F 27 -1.49 12.18 26.18
N GLN F 28 -1.99 12.01 24.95
CA GLN F 28 -2.06 13.15 24.01
C GLN F 28 -2.94 14.26 24.57
N ARG F 29 -4.06 13.88 25.16
CA ARG F 29 -4.97 14.86 25.77
C ARG F 29 -4.30 15.59 26.94
N ALA F 30 -3.62 14.82 27.79
CA ALA F 30 -2.88 15.37 28.93
C ALA F 30 -1.92 16.46 28.50
N ILE F 31 -1.19 16.17 27.43
CA ILE F 31 -0.14 17.05 26.94
C ILE F 31 -0.73 18.26 26.19
N LEU F 32 -1.63 18.02 25.24
CA LEU F 32 -2.20 19.10 24.41
C LEU F 32 -3.05 20.06 25.22
N GLN F 33 -3.78 19.55 26.21
CA GLN F 33 -4.59 20.41 27.05
C GLN F 33 -3.75 21.20 28.03
N ASN F 34 -2.54 20.74 28.32
CA ASN F 34 -1.64 21.50 29.18
C ASN F 34 -0.50 22.12 28.40
N HIS F 35 -0.83 22.63 27.21
CA HIS F 35 0.16 23.21 26.27
C HIS F 35 1.12 24.25 26.85
N THR F 36 0.71 25.01 27.88
CA THR F 36 1.58 26.02 28.47
C THR F 36 2.65 25.39 29.36
N ASP F 37 2.47 24.14 29.73
CA ASP F 37 3.52 23.37 30.36
C ASP F 37 4.63 22.93 29.39
N PHE F 38 4.37 22.94 28.08
CA PHE F 38 5.35 22.53 27.08
C PHE F 38 5.89 23.62 26.15
N LYS F 39 5.10 24.68 25.97
CA LYS F 39 5.38 25.75 25.02
C LYS F 39 6.76 26.37 25.25
N ASP F 40 7.64 26.29 24.24
CA ASP F 40 9.03 26.78 24.36
C ASP F 40 9.84 26.14 25.50
N LYS F 41 9.44 24.97 26.00
CA LYS F 41 10.14 24.35 27.13
C LYS F 41 11.08 23.24 26.67
N ILE F 42 11.90 22.76 27.59
CA ILE F 42 12.76 21.64 27.31
C ILE F 42 12.17 20.43 28.01
N VAL F 43 12.12 19.31 27.31
CA VAL F 43 11.42 18.11 27.74
C VAL F 43 12.36 16.91 27.69
N LEU F 44 12.24 16.02 28.68
CA LEU F 44 12.90 14.73 28.69
C LEU F 44 11.85 13.62 28.64
N ASP F 45 12.03 12.68 27.71
CA ASP F 45 11.15 11.53 27.49
C ASP F 45 11.88 10.25 27.85
N VAL F 46 11.53 9.64 28.99
CA VAL F 46 12.22 8.45 29.47
C VAL F 46 11.61 7.16 28.93
N GLY F 47 12.38 6.46 28.10
CA GLY F 47 11.93 5.20 27.50
C GLY F 47 10.97 5.47 26.36
N CYS F 48 11.45 6.20 25.37
CA CYS F 48 10.54 6.78 24.35
C CYS F 48 10.01 5.78 23.33
N GLY F 49 10.64 4.62 23.22
CA GLY F 49 10.21 3.62 22.26
C GLY F 49 10.40 4.18 20.86
N SER F 50 9.34 4.13 20.05
CA SER F 50 9.37 4.73 18.72
C SER F 50 9.30 6.27 18.77
N GLY F 51 8.94 6.84 19.92
CA GLY F 51 8.99 8.29 20.12
C GLY F 51 7.67 9.01 20.27
N ILE F 52 6.57 8.26 20.30
CA ILE F 52 5.23 8.83 20.26
C ILE F 52 5.03 10.01 21.20
N LEU F 53 5.36 9.86 22.50
CA LEU F 53 5.15 10.96 23.46
C LEU F 53 6.00 12.19 23.14
N SER F 54 7.20 11.98 22.62
CA SER F 54 8.05 13.07 22.22
C SER F 54 7.41 13.87 21.07
N PHE F 55 6.76 13.17 20.15
CA PHE F 55 5.99 13.87 19.12
C PHE F 55 4.87 14.66 19.73
N PHE F 56 4.22 14.14 20.78
CA PHE F 56 3.12 14.87 21.40
C PHE F 56 3.61 16.16 22.06
N ALA F 57 4.74 16.11 22.75
CA ALA F 57 5.38 17.29 23.32
C ALA F 57 5.72 18.32 22.23
N ALA F 58 6.18 17.81 21.09
CA ALA F 58 6.43 18.69 19.94
C ALA F 58 5.15 19.35 19.46
N GLN F 59 4.07 18.58 19.42
CA GLN F 59 2.79 19.13 19.01
C GLN F 59 2.31 20.24 19.96
N ALA F 60 2.64 20.11 21.24
CA ALA F 60 2.30 21.12 22.22
C ALA F 60 3.26 22.31 22.19
N GLY F 61 4.23 22.32 21.27
CA GLY F 61 5.15 23.46 21.10
C GLY F 61 6.46 23.46 21.88
N ALA F 62 6.90 22.31 22.36
CA ALA F 62 8.19 22.21 23.05
C ALA F 62 9.38 22.71 22.20
N ARG F 63 10.33 23.41 22.81
CA ARG F 63 11.52 23.87 22.11
C ARG F 63 12.40 22.69 21.71
N LYS F 64 12.61 21.79 22.65
CA LYS F 64 13.55 20.71 22.49
C LYS F 64 13.16 19.54 23.38
N ILE F 65 13.25 18.33 22.84
CA ILE F 65 12.89 17.11 23.55
C ILE F 65 14.02 16.12 23.44
N TYR F 66 14.51 15.67 24.61
CA TYR F 66 15.50 14.60 24.67
C TYR F 66 14.76 13.28 24.90
N ALA F 67 14.91 12.34 23.97
CA ALA F 67 14.18 11.07 23.97
C ALA F 67 15.18 9.96 24.15
N VAL F 68 15.17 9.36 25.35
CA VAL F 68 16.13 8.36 25.75
C VAL F 68 15.53 6.98 25.60
N GLU F 69 16.22 6.09 24.90
CA GLU F 69 15.71 4.75 24.66
C GLU F 69 16.82 3.73 24.74
N ALA F 70 16.62 2.69 25.53
CA ALA F 70 17.70 1.77 25.86
C ALA F 70 17.83 0.62 24.87
N SER F 71 16.76 0.31 24.14
CA SER F 71 16.82 -0.79 23.18
C SER F 71 17.21 -0.26 21.81
N THR F 72 17.43 -1.20 20.89
CA THR F 72 17.66 -0.87 19.48
C THR F 72 16.44 -0.21 18.81
N MET F 73 15.31 -0.06 19.53
CA MET F 73 14.19 0.77 19.04
C MET F 73 14.64 2.21 18.85
N ALA F 74 15.68 2.66 19.57
CA ALA F 74 16.25 4.00 19.39
C ALA F 74 16.56 4.34 17.92
N GLN F 75 17.05 3.36 17.16
CA GLN F 75 17.37 3.57 15.75
C GLN F 75 16.10 3.82 14.93
N HIS F 76 15.01 3.14 15.28
CA HIS F 76 13.76 3.36 14.58
C HIS F 76 13.15 4.71 14.95
N ALA F 77 13.19 5.08 16.22
CA ALA F 77 12.74 6.40 16.64
C ALA F 77 13.46 7.53 15.87
N GLU F 78 14.77 7.40 15.69
CA GLU F 78 15.53 8.43 14.98
C GLU F 78 15.11 8.50 13.50
N VAL F 79 14.78 7.36 12.91
CA VAL F 79 14.20 7.35 11.58
C VAL F 79 12.89 8.12 11.52
N LEU F 80 12.03 7.90 12.50
CA LEU F 80 10.72 8.55 12.53
C LEU F 80 10.84 10.05 12.76
N VAL F 81 11.73 10.40 13.68
CA VAL F 81 12.00 11.79 13.97
C VAL F 81 12.42 12.50 12.69
N LYS F 82 13.35 11.91 11.96
CA LYS F 82 13.86 12.52 10.73
C LYS F 82 12.78 12.58 9.64
N SER F 83 12.01 11.50 9.48
CA SER F 83 10.97 11.49 8.44
C SER F 83 9.83 12.46 8.75
N ASN F 84 9.65 12.83 10.01
CA ASN F 84 8.64 13.82 10.36
C ASN F 84 9.27 15.21 10.45
N ASN F 85 10.52 15.33 10.00
CA ASN F 85 11.23 16.62 9.87
C ASN F 85 11.37 17.36 11.21
N LEU F 86 11.67 16.60 12.26
CA LEU F 86 11.75 17.13 13.63
C LEU F 86 13.13 16.90 14.27
N THR F 87 14.16 16.64 13.47
CA THR F 87 15.48 16.28 14.00
C THR F 87 16.09 17.39 14.85
N ASP F 88 15.73 18.63 14.56
CA ASP F 88 16.17 19.73 15.41
C ASP F 88 15.52 19.65 16.80
N ARG F 89 14.21 19.42 16.83
CA ARG F 89 13.45 19.56 18.06
C ARG F 89 13.46 18.32 18.97
N ILE F 90 13.68 17.13 18.40
CA ILE F 90 13.69 15.89 19.16
C ILE F 90 15.01 15.20 18.92
N VAL F 91 15.78 15.02 19.99
CA VAL F 91 17.08 14.36 19.94
C VAL F 91 16.95 13.00 20.58
N VAL F 92 17.20 11.94 19.82
CA VAL F 92 17.20 10.59 20.36
C VAL F 92 18.58 10.20 20.94
N ILE F 93 18.57 9.74 22.18
CA ILE F 93 19.76 9.33 22.91
C ILE F 93 19.65 7.82 23.16
N PRO F 94 20.42 6.99 22.42
CA PRO F 94 20.43 5.56 22.77
C PRO F 94 21.10 5.29 24.12
N GLY F 95 20.50 4.42 24.92
CA GLY F 95 21.06 4.04 26.23
C GLY F 95 20.03 4.11 27.32
N LYS F 96 20.38 3.56 28.50
CA LYS F 96 19.57 3.68 29.70
C LYS F 96 19.78 5.08 30.25
N VAL F 97 18.72 5.67 30.76
CA VAL F 97 18.79 7.03 31.22
C VAL F 97 19.79 7.15 32.41
N GLU F 98 19.99 6.05 33.13
CA GLU F 98 20.95 6.01 34.24
C GLU F 98 22.42 5.92 33.77
N GLU F 99 22.63 5.58 32.51
CA GLU F 99 23.95 5.32 31.98
C GLU F 99 24.36 6.33 30.91
N VAL F 100 23.65 7.45 30.85
CA VAL F 100 23.99 8.52 29.93
C VAL F 100 23.82 9.88 30.59
N SER F 101 24.59 10.84 30.12
CA SER F 101 24.43 12.21 30.55
C SER F 101 23.63 12.96 29.49
N LEU F 102 22.90 13.98 29.94
CA LEU F 102 22.06 14.82 29.10
C LEU F 102 22.69 16.20 29.06
N PRO F 103 22.56 16.89 27.92
CA PRO F 103 23.23 18.17 27.77
C PRO F 103 22.52 19.38 28.37
N GLU F 104 21.25 19.24 28.74
CA GLU F 104 20.47 20.39 29.26
C GLU F 104 19.55 19.96 30.38
N GLN F 105 19.31 20.88 31.31
CA GLN F 105 18.24 20.69 32.29
C GLN F 105 16.90 20.80 31.58
N VAL F 106 15.88 20.15 32.14
CA VAL F 106 14.56 20.15 31.53
C VAL F 106 13.51 20.76 32.43
N ASP F 107 12.44 21.23 31.82
CA ASP F 107 11.30 21.81 32.51
C ASP F 107 10.24 20.74 32.84
N ILE F 108 10.26 19.62 32.12
CA ILE F 108 9.29 18.57 32.36
C ILE F 108 9.83 17.23 31.84
N ILE F 109 9.52 16.18 32.58
CA ILE F 109 9.84 14.81 32.19
C ILE F 109 8.56 14.09 31.85
N ILE F 110 8.52 13.40 30.73
CA ILE F 110 7.37 12.60 30.34
C ILE F 110 7.79 11.16 30.18
N SER F 111 6.92 10.25 30.59
CA SER F 111 7.21 8.84 30.51
C SER F 111 5.98 7.99 30.74
N GLU F 112 6.12 6.70 30.43
CA GLU F 112 5.13 5.69 30.75
C GLU F 112 5.83 4.61 31.55
N PRO F 113 6.20 4.92 32.79
CA PRO F 113 7.00 3.98 33.57
C PRO F 113 6.20 2.89 34.30
N MET F 114 4.88 2.95 34.24
CA MET F 114 4.02 2.00 34.95
C MET F 114 4.13 0.60 34.33
N GLY F 115 4.22 -0.40 35.20
CA GLY F 115 4.11 -1.80 34.80
C GLY F 115 2.88 -2.41 35.43
N TYR F 116 2.74 -3.73 35.29
CA TYR F 116 1.70 -4.46 36.01
C TYR F 116 1.79 -4.12 37.50
N MET F 117 0.64 -3.92 38.14
CA MET F 117 0.58 -3.57 39.56
C MET F 117 1.31 -2.25 39.85
N LEU F 118 1.41 -1.40 38.83
CA LEU F 118 2.15 -0.14 38.86
C LEU F 118 3.68 -0.32 38.85
N PHE F 119 4.21 -1.20 39.70
CA PHE F 119 5.65 -1.25 40.00
C PHE F 119 6.51 -2.18 39.15
N ASN F 120 5.91 -3.18 38.52
CA ASN F 120 6.68 -4.16 37.76
C ASN F 120 7.53 -3.46 36.68
N GLU F 121 8.68 -4.06 36.37
CA GLU F 121 9.72 -3.52 35.50
C GLU F 121 10.71 -2.65 36.26
N ARG F 122 10.34 -2.13 37.43
CA ARG F 122 11.15 -1.16 38.18
C ARG F 122 11.50 0.08 37.36
N MET F 123 10.65 0.44 36.41
CA MET F 123 10.93 1.57 35.55
C MET F 123 10.64 2.88 36.26
N LEU F 124 9.82 2.84 37.31
CA LEU F 124 9.57 4.03 38.12
C LEU F 124 10.88 4.55 38.71
N GLU F 125 11.82 3.65 39.01
CA GLU F 125 13.13 4.09 39.54
C GLU F 125 13.91 4.90 38.50
N SER F 126 13.84 4.44 37.26
CA SER F 126 14.41 5.19 36.15
C SER F 126 13.78 6.57 35.97
N TYR F 127 12.46 6.62 36.06
CA TYR F 127 11.71 7.87 35.97
C TYR F 127 12.14 8.82 37.06
N LEU F 128 12.25 8.30 38.28
CA LEU F 128 12.72 9.12 39.41
C LEU F 128 14.20 9.51 39.25
N HIS F 129 15.04 8.58 38.80
CA HIS F 129 16.44 8.88 38.54
C HIS F 129 16.66 10.11 37.65
N ALA F 130 15.78 10.26 36.65
CA ALA F 130 15.85 11.33 35.67
C ALA F 130 15.60 12.71 36.25
N LYS F 131 15.06 12.75 37.47
CA LYS F 131 14.82 14.02 38.14
C LYS F 131 16.13 14.78 38.41
N LYS F 132 17.28 14.14 38.26
CA LYS F 132 18.52 14.88 38.41
C LYS F 132 18.75 15.92 37.32
N TYR F 133 17.96 15.84 36.23
CA TYR F 133 17.95 16.84 35.15
C TYR F 133 16.77 17.79 35.16
N LEU F 134 15.84 17.59 36.10
CA LEU F 134 14.64 18.38 36.19
C LEU F 134 14.95 19.63 37.00
N LYS F 135 14.57 20.80 36.49
CA LYS F 135 14.73 22.04 37.22
C LYS F 135 13.84 22.02 38.47
N PRO F 136 14.28 22.70 39.56
CA PRO F 136 13.50 22.67 40.82
C PRO F 136 12.03 23.02 40.64
N SER F 137 11.71 23.95 39.74
CA SER F 137 10.32 24.30 39.47
C SER F 137 9.62 23.41 38.43
N GLY F 138 10.23 22.30 38.01
CA GLY F 138 9.72 21.56 36.86
C GLY F 138 8.62 20.59 37.24
N ASN F 139 8.07 19.88 36.27
CA ASN F 139 6.93 19.02 36.50
C ASN F 139 7.25 17.63 35.93
N MET F 140 6.39 16.67 36.27
CA MET F 140 6.50 15.32 35.76
C MET F 140 5.14 14.82 35.31
N PHE F 141 5.11 14.16 34.15
CA PHE F 141 3.89 13.70 33.48
C PHE F 141 4.05 12.20 33.17
N PRO F 142 3.50 11.31 34.02
CA PRO F 142 2.57 11.52 35.14
C PRO F 142 3.19 12.11 36.39
N THR F 143 2.37 12.82 37.16
CA THR F 143 2.83 13.51 38.37
C THR F 143 2.75 12.63 39.64
N ILE F 144 1.66 11.87 39.74
CA ILE F 144 1.43 10.94 40.84
C ILE F 144 0.82 9.65 40.31
N GLY F 145 0.93 8.59 41.08
CA GLY F 145 0.39 7.28 40.71
C GLY F 145 -0.20 6.65 41.94
N ASP F 146 -1.47 6.19 41.86
CA ASP F 146 -2.14 5.49 42.97
C ASP F 146 -2.32 4.03 42.59
N VAL F 147 -1.76 3.12 43.37
CA VAL F 147 -2.06 1.69 43.25
C VAL F 147 -3.26 1.40 44.12
N HIS F 148 -4.24 0.66 43.59
CA HIS F 148 -5.44 0.30 44.31
C HIS F 148 -5.44 -1.19 44.53
N LEU F 149 -5.81 -1.59 45.74
CA LEU F 149 -6.09 -2.98 46.05
C LEU F 149 -7.47 -3.17 46.70
N ALA F 150 -8.07 -4.32 46.42
CA ALA F 150 -9.35 -4.73 47.02
C ALA F 150 -9.42 -6.27 47.11
N PRO F 151 -10.05 -6.80 48.17
CA PRO F 151 -10.22 -8.25 48.24
C PRO F 151 -11.21 -8.75 47.17
N PHE F 152 -10.97 -9.94 46.61
CA PHE F 152 -11.89 -10.53 45.67
C PHE F 152 -12.27 -11.97 46.05
N THR F 153 -13.38 -12.43 45.49
CA THR F 153 -13.82 -13.81 45.56
C THR F 153 -13.88 -14.41 44.14
N ASP F 154 -13.22 -15.55 43.93
CA ASP F 154 -13.23 -16.23 42.66
C ASP F 154 -12.79 -17.67 42.84
N GLU F 155 -13.77 -18.54 43.10
CA GLU F 155 -13.48 -19.94 43.41
C GLU F 155 -12.82 -20.69 42.26
N GLN F 156 -13.18 -20.33 41.02
CA GLN F 156 -12.62 -20.96 39.82
C GLN F 156 -11.13 -20.70 39.67
N LEU F 157 -10.73 -19.44 39.80
CA LEU F 157 -9.33 -19.07 39.77
C LEU F 157 -8.56 -19.82 40.86
N TYR F 158 -9.13 -19.92 42.07
CA TYR F 158 -8.46 -20.62 43.17
C TYR F 158 -8.23 -22.09 42.76
N MET F 159 -9.27 -22.72 42.24
CA MET F 159 -9.24 -24.18 42.02
C MET F 159 -8.30 -24.55 40.86
N GLU F 160 -8.25 -23.71 39.83
CA GLU F 160 -7.31 -23.88 38.72
C GLU F 160 -5.87 -24.13 39.12
N GLN F 161 -5.42 -23.49 40.19
CA GLN F 161 -4.04 -23.71 40.66
C GLN F 161 -3.80 -25.19 40.99
N PHE F 162 -4.85 -25.88 41.49
CA PHE F 162 -4.80 -27.30 41.79
C PHE F 162 -5.07 -28.15 40.55
N THR F 163 -6.11 -27.81 39.80
CA THR F 163 -6.50 -28.57 38.60
C THR F 163 -5.36 -28.66 37.60
N LYS F 164 -4.74 -27.51 37.30
CA LYS F 164 -3.62 -27.45 36.35
C LYS F 164 -2.44 -28.32 36.78
N ALA F 165 -2.35 -28.66 38.07
CA ALA F 165 -1.29 -29.56 38.55
C ALA F 165 -1.62 -31.07 38.50
N ASN F 166 -2.85 -31.41 38.10
CA ASN F 166 -3.32 -32.82 38.08
C ASN F 166 -2.46 -33.76 37.24
N PHE F 167 -1.88 -33.23 36.17
CA PHE F 167 -0.88 -33.94 35.39
C PHE F 167 0.14 -34.61 36.33
N TRP F 168 0.51 -33.92 37.40
CA TRP F 168 1.59 -34.42 38.22
C TRP F 168 1.17 -35.53 39.20
N TYR F 169 -0.14 -35.81 39.31
CA TYR F 169 -0.58 -36.94 40.14
C TYR F 169 -0.16 -38.29 39.53
N GLN F 170 -0.24 -38.41 38.21
CA GLN F 170 -0.19 -39.73 37.57
C GLN F 170 0.96 -40.64 38.09
N PRO F 171 0.57 -41.85 38.57
CA PRO F 171 1.50 -42.81 39.17
C PRO F 171 2.22 -43.67 38.15
N SER F 172 1.85 -43.54 36.87
CA SER F 172 2.54 -44.28 35.82
C SER F 172 2.50 -43.57 34.46
N PHE F 173 3.19 -42.43 34.37
CA PHE F 173 3.37 -41.75 33.07
C PHE F 173 4.49 -42.50 32.37
N HIS F 174 4.13 -43.30 31.37
CA HIS F 174 5.09 -44.19 30.70
C HIS F 174 5.95 -44.94 31.73
N GLY F 175 5.27 -45.45 32.77
CA GLY F 175 5.93 -46.20 33.84
C GLY F 175 6.68 -45.37 34.87
N VAL F 176 6.38 -44.07 34.96
CA VAL F 176 7.01 -43.20 35.95
C VAL F 176 5.94 -42.58 36.85
N ASP F 177 6.19 -42.62 38.16
CA ASP F 177 5.29 -42.01 39.13
C ASP F 177 5.69 -40.55 39.31
N LEU F 178 4.78 -39.65 38.93
CA LEU F 178 5.02 -38.20 39.00
C LEU F 178 4.56 -37.55 40.31
N SER F 179 3.90 -38.33 41.18
CA SER F 179 3.20 -37.77 42.36
C SER F 179 4.02 -36.89 43.28
N ALA F 180 5.31 -37.20 43.45
CA ALA F 180 6.13 -36.44 44.39
C ALA F 180 6.29 -34.95 44.03
N LEU F 181 6.00 -34.61 42.77
CA LEU F 181 6.13 -33.24 42.24
C LEU F 181 4.84 -32.43 42.22
N ARG F 182 3.68 -33.05 42.47
CA ARG F 182 2.41 -32.32 42.40
C ARG F 182 2.34 -31.14 43.39
N GLY F 183 2.88 -31.32 44.60
CA GLY F 183 2.91 -30.27 45.63
C GLY F 183 3.71 -29.07 45.16
N ALA F 184 4.93 -29.32 44.69
CA ALA F 184 5.78 -28.26 44.14
C ALA F 184 5.13 -27.58 42.93
N ALA F 185 4.35 -28.34 42.15
CA ALA F 185 3.68 -27.76 40.99
C ALA F 185 2.62 -26.78 41.45
N VAL F 186 1.89 -27.15 42.49
CA VAL F 186 0.85 -26.29 43.05
C VAL F 186 1.46 -24.99 43.62
N ASP F 187 2.57 -25.14 44.35
CA ASP F 187 3.23 -23.98 44.94
C ASP F 187 3.70 -23.03 43.84
N GLU F 188 4.26 -23.58 42.76
CA GLU F 188 4.64 -22.78 41.62
C GLU F 188 3.51 -21.95 41.03
N TYR F 189 2.34 -22.54 40.78
CA TYR F 189 1.24 -21.78 40.19
C TYR F 189 0.81 -20.68 41.16
N PHE F 190 0.82 -20.98 42.45
CA PHE F 190 0.39 -20.01 43.45
C PHE F 190 1.24 -18.77 43.46
N ARG F 191 2.53 -18.91 43.18
CA ARG F 191 3.46 -17.78 43.18
C ARG F 191 3.36 -16.86 41.96
N GLN F 192 2.46 -17.17 41.03
CA GLN F 192 2.29 -16.35 39.84
C GLN F 192 1.17 -15.34 40.03
N PRO F 193 1.50 -14.04 40.01
CA PRO F 193 0.40 -13.08 39.92
C PRO F 193 -0.36 -13.26 38.61
N VAL F 194 -1.66 -13.06 38.66
CA VAL F 194 -2.54 -13.38 37.54
C VAL F 194 -2.94 -12.12 36.84
N VAL F 195 -2.53 -11.98 35.58
CA VAL F 195 -2.85 -10.81 34.79
C VAL F 195 -4.04 -11.09 33.88
N ASP F 196 -5.16 -10.43 34.15
CA ASP F 196 -6.31 -10.45 33.25
C ASP F 196 -7.34 -9.49 33.81
N THR F 197 -8.53 -9.45 33.19
CA THR F 197 -9.60 -8.64 33.74
C THR F 197 -10.72 -9.49 34.34
N PHE F 198 -11.69 -8.81 34.93
CA PHE F 198 -12.75 -9.47 35.67
C PHE F 198 -13.92 -8.51 35.92
N ASP F 199 -15.05 -9.06 36.33
CA ASP F 199 -16.26 -8.28 36.65
C ASP F 199 -16.11 -7.67 38.03
N ILE F 200 -16.43 -6.40 38.17
CA ILE F 200 -16.33 -5.72 39.47
C ILE F 200 -17.14 -6.38 40.59
N ARG F 201 -18.13 -7.19 40.22
CA ARG F 201 -18.92 -7.93 41.18
C ARG F 201 -18.12 -8.92 42.02
N ILE F 202 -16.94 -9.34 41.58
CA ILE F 202 -16.09 -10.19 42.40
C ILE F 202 -15.45 -9.42 43.58
N LEU F 203 -15.41 -8.09 43.52
CA LEU F 203 -14.79 -7.31 44.58
C LEU F 203 -15.71 -7.28 45.81
N MET F 204 -15.12 -7.43 47.00
CA MET F 204 -15.90 -7.62 48.23
CA MET F 204 -15.90 -7.63 48.21
C MET F 204 -15.81 -6.46 49.20
N ALA F 205 -15.09 -5.42 48.81
CA ALA F 205 -14.96 -4.23 49.63
C ALA F 205 -14.42 -3.13 48.75
N LYS F 206 -14.61 -1.89 49.19
CA LYS F 206 -14.10 -0.75 48.44
C LYS F 206 -12.57 -0.75 48.54
N SER F 207 -11.92 -0.32 47.48
CA SER F 207 -10.49 -0.38 47.41
C SER F 207 -9.84 0.54 48.42
N VAL F 208 -8.62 0.18 48.74
CA VAL F 208 -7.70 1.00 49.50
C VAL F 208 -6.58 1.42 48.54
N LYS F 209 -6.00 2.60 48.72
CA LYS F 209 -4.90 3.01 47.83
C LYS F 209 -3.57 3.30 48.51
N TYR F 210 -2.53 3.29 47.70
CA TYR F 210 -1.17 3.70 48.09
C TYR F 210 -0.67 4.62 46.97
N THR F 211 -0.41 5.87 47.35
CA THR F 211 0.05 6.93 46.46
C THR F 211 1.57 7.06 46.44
N VAL F 212 2.15 7.16 45.25
CA VAL F 212 3.51 7.58 45.05
C VAL F 212 3.47 8.95 44.37
N ASN F 213 4.02 9.98 45.01
CA ASN F 213 4.11 11.29 44.39
C ASN F 213 5.46 11.39 43.66
N PHE F 214 5.45 11.44 42.34
CA PHE F 214 6.71 11.35 41.56
C PHE F 214 7.57 12.59 41.69
N LEU F 215 6.96 13.76 41.94
CA LEU F 215 7.72 14.97 42.21
C LEU F 215 8.52 14.91 43.51
N GLU F 216 8.03 14.17 44.49
CA GLU F 216 8.67 14.15 45.81
C GLU F 216 9.47 12.90 46.09
N ALA F 217 9.10 11.77 45.49
CA ALA F 217 9.74 10.51 45.88
C ALA F 217 11.18 10.42 45.38
N LYS F 218 11.97 9.67 46.13
CA LYS F 218 13.34 9.32 45.76
C LYS F 218 13.37 7.90 45.20
N GLU F 219 14.33 7.66 44.32
CA GLU F 219 14.48 6.37 43.67
C GLU F 219 14.53 5.21 44.68
N GLY F 220 15.31 5.41 45.75
CA GLY F 220 15.49 4.42 46.79
C GLY F 220 14.24 4.06 47.58
N ASP F 221 13.27 4.96 47.62
CA ASP F 221 11.97 4.66 48.22
C ASP F 221 11.26 3.45 47.59
N LEU F 222 11.55 3.14 46.33
CA LEU F 222 10.88 2.03 45.66
C LEU F 222 11.56 0.67 45.81
N HIS F 223 12.60 0.58 46.64
CA HIS F 223 13.29 -0.68 46.84
C HIS F 223 12.46 -1.56 47.78
N ARG F 224 11.73 -0.90 48.67
CA ARG F 224 10.95 -1.57 49.68
C ARG F 224 9.65 -0.82 49.91
N ILE F 225 8.54 -1.41 49.49
CA ILE F 225 7.27 -0.70 49.50
C ILE F 225 6.32 -1.47 50.40
N GLU F 226 5.91 -0.86 51.51
CA GLU F 226 4.96 -1.49 52.43
C GLU F 226 3.61 -0.81 52.27
N ILE F 227 2.59 -1.60 51.96
CA ILE F 227 1.23 -1.11 51.76
C ILE F 227 0.30 -1.72 52.79
N PRO F 228 -0.08 -0.93 53.83
CA PRO F 228 -1.05 -1.40 54.80
C PRO F 228 -2.44 -1.32 54.20
N PHE F 229 -3.35 -2.18 54.65
CA PHE F 229 -4.75 -2.08 54.24
C PHE F 229 -5.70 -2.51 55.36
N LYS F 230 -6.86 -1.87 55.41
CA LYS F 230 -7.95 -2.30 56.29
C LYS F 230 -9.22 -2.15 55.43
N PHE F 231 -9.86 -3.28 55.14
CA PHE F 231 -11.05 -3.30 54.30
C PHE F 231 -12.26 -3.46 55.18
N HIS F 232 -13.30 -2.69 54.92
CA HIS F 232 -14.59 -2.92 55.58
C HIS F 232 -15.40 -3.76 54.60
N MET F 233 -15.59 -5.03 54.94
CA MET F 233 -16.24 -5.96 54.02
C MET F 233 -17.73 -5.60 53.78
N LEU F 234 -18.09 -5.50 52.50
CA LEU F 234 -19.46 -5.21 52.10
C LEU F 234 -20.24 -6.48 51.78
N HIS F 235 -19.57 -7.62 51.64
CA HIS F 235 -20.25 -8.90 51.36
C HIS F 235 -19.64 -10.02 52.17
N SER F 236 -20.46 -11.01 52.51
CA SER F 236 -19.98 -12.20 53.21
C SER F 236 -19.45 -13.18 52.17
N GLY F 237 -18.46 -13.98 52.55
CA GLY F 237 -18.02 -15.11 51.72
C GLY F 237 -16.53 -15.29 51.79
N LEU F 238 -15.98 -16.11 50.91
CA LEU F 238 -14.56 -16.38 50.91
C LEU F 238 -13.77 -15.32 50.15
N VAL F 239 -12.71 -14.81 50.77
CA VAL F 239 -11.75 -13.94 50.09
C VAL F 239 -10.61 -14.80 49.57
N HIS F 240 -10.47 -14.85 48.25
CA HIS F 240 -9.45 -15.69 47.62
C HIS F 240 -8.13 -14.97 47.41
N GLY F 241 -8.17 -13.63 47.47
CA GLY F 241 -6.96 -12.84 47.26
C GLY F 241 -7.21 -11.35 47.15
N LEU F 242 -6.18 -10.64 46.68
CA LEU F 242 -6.27 -9.21 46.47
C LEU F 242 -6.12 -8.89 44.98
N ALA F 243 -6.97 -7.99 44.49
CA ALA F 243 -6.90 -7.51 43.12
C ALA F 243 -6.13 -6.19 43.13
N PHE F 244 -5.36 -5.92 42.09
CA PHE F 244 -4.61 -4.67 41.97
C PHE F 244 -4.88 -3.98 40.64
N TRP F 245 -4.98 -2.66 40.71
CA TRP F 245 -4.92 -1.82 39.52
C TRP F 245 -4.27 -0.49 39.91
N PHE F 246 -4.19 0.48 38.99
CA PHE F 246 -3.55 1.75 39.31
C PHE F 246 -4.10 2.88 38.47
N ASP F 247 -4.06 4.09 39.05
CA ASP F 247 -4.37 5.34 38.37
C ASP F 247 -3.15 6.27 38.42
N VAL F 248 -2.95 7.04 37.35
CA VAL F 248 -1.97 8.10 37.34
C VAL F 248 -2.64 9.41 36.98
N ALA F 249 -2.13 10.49 37.56
CA ALA F 249 -2.60 11.80 37.21
C ALA F 249 -1.50 12.63 36.62
N PHE F 250 -1.83 13.30 35.53
CA PHE F 250 -1.02 14.34 34.91
C PHE F 250 -1.52 15.68 35.42
N ILE F 251 -0.81 16.25 36.37
CA ILE F 251 -1.26 17.47 37.07
C ILE F 251 -0.59 18.66 36.41
N GLY F 252 -1.29 19.23 35.42
CA GLY F 252 -0.78 20.34 34.66
C GLY F 252 -1.22 21.66 35.26
N SER F 253 -0.73 22.75 34.69
CA SER F 253 -1.07 24.08 35.18
C SER F 253 -2.48 24.48 34.75
N ILE F 254 -3.00 23.85 33.71
CA ILE F 254 -4.35 24.11 33.25
C ILE F 254 -5.35 23.04 33.73
N MET F 255 -5.04 21.76 33.49
CA MET F 255 -5.97 20.66 33.77
C MET F 255 -5.25 19.45 34.34
N THR F 256 -5.95 18.72 35.21
CA THR F 256 -5.47 17.45 35.71
C THR F 256 -6.19 16.35 34.93
N VAL F 257 -5.41 15.48 34.30
CA VAL F 257 -5.97 14.41 33.50
C VAL F 257 -5.55 13.10 34.12
N TRP F 258 -6.52 12.21 34.30
CA TRP F 258 -6.30 10.91 34.89
C TRP F 258 -6.32 9.80 33.85
N LEU F 259 -5.41 8.85 34.04
CA LEU F 259 -5.43 7.61 33.30
C LEU F 259 -5.61 6.48 34.34
N SER F 260 -6.71 5.74 34.21
CA SER F 260 -7.07 4.69 35.16
C SER F 260 -7.04 3.31 34.52
N THR F 261 -6.53 2.32 35.24
CA THR F 261 -6.57 0.95 34.73
C THR F 261 -7.59 0.13 35.50
N ALA F 262 -8.52 0.81 36.17
CA ALA F 262 -9.49 0.16 37.04
C ALA F 262 -10.43 -0.72 36.26
N PRO F 263 -10.99 -1.75 36.93
CA PRO F 263 -11.93 -2.67 36.26
C PRO F 263 -13.28 -2.04 35.89
N THR F 264 -13.55 -0.84 36.40
CA THR F 264 -14.70 -0.02 35.99
C THR F 264 -14.46 0.84 34.73
N GLU F 265 -13.22 0.86 34.23
CA GLU F 265 -12.84 1.71 33.10
C GLU F 265 -12.57 0.84 31.89
N PRO F 266 -12.50 1.45 30.69
CA PRO F 266 -12.16 0.65 29.53
C PRO F 266 -10.81 -0.05 29.71
N LEU F 267 -10.70 -1.25 29.17
CA LEU F 267 -9.54 -2.09 29.37
C LEU F 267 -8.29 -1.45 28.76
N THR F 268 -7.16 -1.58 29.45
CA THR F 268 -5.87 -1.14 28.91
C THR F 268 -4.97 -2.36 28.78
N HIS F 269 -3.78 -2.16 28.20
CA HIS F 269 -2.81 -3.26 28.08
C HIS F 269 -2.16 -3.63 29.43
N TRP F 270 -2.48 -2.90 30.50
CA TRP F 270 -2.07 -3.30 31.86
C TRP F 270 -3.08 -4.26 32.51
N TYR F 271 -4.28 -4.37 31.91
CA TYR F 271 -5.36 -5.19 32.46
C TYR F 271 -5.56 -4.88 33.96
N GLN F 272 -5.70 -5.93 34.78
CA GLN F 272 -5.56 -5.83 36.22
C GLN F 272 -4.78 -7.05 36.72
N VAL F 273 -4.39 -7.03 37.99
CA VAL F 273 -3.59 -8.11 38.52
C VAL F 273 -4.24 -8.68 39.76
N ARG F 274 -4.21 -10.00 39.88
CA ARG F 274 -4.68 -10.66 41.10
C ARG F 274 -3.64 -11.59 41.72
N CYS F 275 -3.52 -11.52 43.04
CA CYS F 275 -2.68 -12.40 43.80
C CYS F 275 -3.54 -13.18 44.81
N LEU F 276 -3.51 -14.50 44.70
CA LEU F 276 -4.22 -15.38 45.61
C LEU F 276 -3.53 -15.53 46.95
N PHE F 277 -4.34 -15.78 47.98
CA PHE F 277 -3.87 -16.36 49.21
C PHE F 277 -3.73 -17.85 48.99
N GLN F 278 -2.85 -18.48 49.77
CA GLN F 278 -2.67 -19.93 49.69
C GLN F 278 -3.93 -20.67 50.15
N SER F 279 -4.63 -20.05 51.09
CA SER F 279 -5.91 -20.53 51.60
C SER F 279 -6.88 -19.37 51.71
N PRO F 280 -8.13 -19.57 51.26
CA PRO F 280 -9.07 -18.48 51.29
C PRO F 280 -9.56 -18.16 52.71
N LEU F 281 -9.90 -16.90 52.94
CA LEU F 281 -10.39 -16.46 54.23
C LEU F 281 -11.87 -16.20 54.16
N PHE F 282 -12.61 -16.65 55.17
CA PHE F 282 -14.04 -16.36 55.25
C PHE F 282 -14.29 -15.10 56.07
N ALA F 283 -15.13 -14.21 55.58
CA ALA F 283 -15.45 -12.97 56.27
C ALA F 283 -16.92 -12.73 56.11
N LYS F 284 -17.53 -12.10 57.10
CA LYS F 284 -18.92 -11.65 56.95
C LYS F 284 -18.95 -10.17 56.63
N ALA F 285 -20.01 -9.75 55.95
CA ALA F 285 -20.24 -8.34 55.72
C ALA F 285 -20.17 -7.63 57.07
N GLY F 286 -19.50 -6.48 57.09
CA GLY F 286 -19.29 -5.74 58.33
C GLY F 286 -18.01 -6.12 59.06
N ASP F 287 -17.44 -7.29 58.79
CA ASP F 287 -16.12 -7.65 59.32
C ASP F 287 -15.05 -6.74 58.72
N THR F 288 -13.87 -6.73 59.32
CA THR F 288 -12.74 -5.95 58.78
C THR F 288 -11.62 -6.89 58.38
N LEU F 289 -11.07 -6.67 57.18
CA LEU F 289 -9.96 -7.47 56.70
C LEU F 289 -8.75 -6.55 56.64
N SER F 290 -7.76 -6.85 57.47
CA SER F 290 -6.59 -5.99 57.58
C SER F 290 -5.32 -6.76 57.27
N GLY F 291 -4.31 -6.03 56.79
CA GLY F 291 -3.02 -6.64 56.51
C GLY F 291 -2.06 -5.72 55.81
N THR F 292 -1.07 -6.32 55.16
CA THR F 292 -0.06 -5.54 54.45
C THR F 292 0.36 -6.29 53.22
N CYS F 293 0.66 -5.53 52.18
CA CYS F 293 1.30 -6.03 51.01
C CYS F 293 2.72 -5.44 51.04
N LEU F 294 3.74 -6.31 51.00
CA LEU F 294 5.15 -5.85 51.05
C LEU F 294 5.84 -6.24 49.76
N LEU F 295 6.39 -5.24 49.07
CA LEU F 295 7.06 -5.47 47.81
C LEU F 295 8.53 -5.15 48.00
N ILE F 296 9.38 -6.13 47.71
CA ILE F 296 10.83 -5.98 47.83
C ILE F 296 11.42 -6.14 46.44
N ALA F 297 12.15 -5.11 46.00
CA ALA F 297 12.74 -5.13 44.66
C ALA F 297 13.79 -6.25 44.53
N ASN F 298 13.78 -6.94 43.38
CA ASN F 298 14.78 -7.99 43.11
C ASN F 298 15.59 -7.67 41.86
N LYS F 299 16.67 -8.43 41.68
CA LYS F 299 17.64 -8.26 40.60
C LYS F 299 17.03 -8.32 39.19
N ARG F 300 15.90 -8.99 39.03
CA ARG F 300 15.34 -9.19 37.70
C ARG F 300 14.23 -8.21 37.34
N GLN F 301 14.44 -6.92 37.63
CA GLN F 301 13.53 -5.85 37.22
C GLN F 301 12.10 -6.06 37.72
N SER F 302 12.01 -6.63 38.92
CA SER F 302 10.71 -6.96 39.49
C SER F 302 10.77 -6.94 41.01
N TYR F 303 9.71 -7.48 41.60
CA TYR F 303 9.52 -7.47 43.01
C TYR F 303 9.15 -8.85 43.47
N ASP F 304 9.53 -9.14 44.71
CA ASP F 304 8.98 -10.23 45.50
C ASP F 304 7.81 -9.62 46.26
N ILE F 305 6.61 -10.21 46.13
CA ILE F 305 5.40 -9.71 46.79
C ILE F 305 5.03 -10.60 47.96
N SER F 306 4.87 -10.00 49.13
CA SER F 306 4.38 -10.70 50.30
C SER F 306 3.01 -10.13 50.65
N ILE F 307 1.98 -10.95 50.65
CA ILE F 307 0.67 -10.48 51.11
C ILE F 307 0.23 -11.31 52.30
N VAL F 308 -0.23 -10.62 53.33
CA VAL F 308 -0.74 -11.24 54.55
C VAL F 308 -2.02 -10.52 54.90
N ALA F 309 -3.05 -11.28 55.27
CA ALA F 309 -4.33 -10.70 55.62
C ALA F 309 -4.95 -11.45 56.79
N GLN F 310 -5.79 -10.76 57.53
CA GLN F 310 -6.53 -11.41 58.60
C GLN F 310 -7.91 -10.79 58.80
N VAL F 311 -8.85 -11.64 59.19
CA VAL F 311 -10.17 -11.15 59.56
C VAL F 311 -10.09 -10.74 61.02
N ASP F 312 -10.32 -9.46 61.29
CA ASP F 312 -10.05 -8.92 62.61
C ASP F 312 -10.97 -9.46 63.69
N GLN F 313 -12.21 -9.73 63.33
CA GLN F 313 -13.20 -10.20 64.29
C GLN F 313 -12.97 -11.66 64.68
N THR F 314 -12.35 -12.44 63.80
CA THR F 314 -12.14 -13.87 64.06
C THR F 314 -10.69 -14.29 64.25
N GLY F 315 -9.75 -13.38 64.00
CA GLY F 315 -8.31 -13.71 64.01
C GLY F 315 -7.81 -14.68 62.93
N SER F 316 -8.67 -15.09 62.00
CA SER F 316 -8.30 -16.00 60.92
C SER F 316 -7.36 -15.32 59.88
N LYS F 317 -6.37 -16.06 59.40
CA LYS F 317 -5.25 -15.49 58.61
C LYS F 317 -4.93 -16.26 57.33
N SER F 318 -4.56 -15.56 56.28
CA SER F 318 -3.87 -16.20 55.16
C SER F 318 -2.79 -15.31 54.60
N SER F 319 -2.02 -15.87 53.68
CA SER F 319 -0.92 -15.15 53.08
C SER F 319 -0.42 -15.87 51.84
N ASN F 320 0.46 -15.19 51.12
CA ASN F 320 1.14 -15.78 49.99
C ASN F 320 2.41 -14.95 49.74
N LEU F 321 3.36 -15.57 49.05
CA LEU F 321 4.60 -14.94 48.58
C LEU F 321 4.61 -15.15 47.06
N LEU F 322 4.58 -14.06 46.30
CA LEU F 322 4.48 -14.16 44.85
C LEU F 322 5.70 -13.58 44.14
N ASP F 323 5.85 -13.99 42.89
CA ASP F 323 6.96 -13.65 42.03
C ASP F 323 6.42 -12.86 40.87
N LEU F 324 6.52 -11.54 40.94
CA LEU F 324 6.02 -10.68 39.88
C LEU F 324 6.84 -10.77 38.57
N LYS F 325 8.04 -11.35 38.66
CA LYS F 325 8.83 -11.68 37.47
C LYS F 325 8.24 -12.81 36.60
N ASN F 326 7.31 -13.61 37.12
CA ASN F 326 6.73 -14.72 36.37
C ASN F 326 5.20 -14.66 36.37
N PRO F 327 4.62 -13.52 35.90
CA PRO F 327 3.17 -13.41 35.94
C PRO F 327 2.49 -14.44 35.02
N PHE F 328 1.23 -14.77 35.30
CA PHE F 328 0.50 -15.67 34.46
C PHE F 328 -0.51 -14.87 33.65
N PHE F 329 -0.32 -14.83 32.34
CA PHE F 329 -1.22 -14.08 31.47
C PHE F 329 -2.40 -15.00 31.18
N ARG F 330 -3.53 -14.71 31.80
CA ARG F 330 -4.71 -15.58 31.73
C ARG F 330 -5.71 -15.14 30.66
N TYR F 331 -5.74 -13.83 30.39
CA TYR F 331 -6.72 -13.20 29.49
C TYR F 331 -6.88 -13.94 28.17
#